data_4CUZ
#
_entry.id   4CUZ
#
_cell.length_a   61.480
_cell.length_b   109.180
_cell.length_c   289.371
_cell.angle_alpha   90.00
_cell.angle_beta   90.00
_cell.angle_gamma   90.00
#
_symmetry.space_group_name_H-M   'P 21 21 21'
#
loop_
_entity.id
_entity.type
_entity.pdbx_description
1 polymer 'ENOYL-ACP REDUCTASE MOLECULE ENOYL-[ACYL-CARRIER-PROTEIN] REDUCTASE [NADPH]'
2 non-polymer 1-(3-amino-2-methylbenzyl)-4-hexylpyridin-2(1H)-one
3 non-polymer 'NADPH DIHYDRO-NICOTINAMIDE-ADENINE-DINUCLEOTIDE PHOSPHATE'
4 non-polymer 'SULFATE ION'
5 water water
#
_entity_poly.entity_id   1
_entity_poly.type   'polypeptide(L)'
_entity_poly.pdbx_seq_one_letter_code
;MKHHHHHHPMSDYDIPTTENLYFQGAMVNLENKTYVIMGIANKRSIAFGVAKVLDQLGAKLVFTYRKERSRKELEKLLEQ
LNQPEAHLYQIDVQSDEEVINGFEQIGKDVGNIDGVYHSIAFANMEDLRGRFSETSREGFLLAQDISSYSLTIVAHEAKK
LMPEGGSIVATTYLGGEFAVQNYNVMGVAKASLEANVKYLALDLGPDNIRVNAISAGPIRTLSAKGVGGFNTILKEIEER
APLKRNVDQVEVGKTAAYLLSDLSSGVTGENIHVDSGFHAIK
;
_entity_poly.pdbx_strand_id   A,B,C,D,E,F,G,H
#
loop_
_chem_comp.id
_chem_comp.type
_chem_comp.name
_chem_comp.formula
AEW non-polymer 1-(3-amino-2-methylbenzyl)-4-hexylpyridin-2(1H)-one 'C19 H26 N2 O'
NDP non-polymer 'NADPH DIHYDRO-NICOTINAMIDE-ADENINE-DINUCLEOTIDE PHOSPHATE' 'C21 H30 N7 O17 P3'
SO4 non-polymer 'SULFATE ION' 'O4 S -2'
#
# COMPACT_ATOMS: atom_id res chain seq x y z
N ASN A 29 35.22 15.20 57.21
CA ASN A 29 35.12 16.21 58.27
C ASN A 29 34.88 17.62 57.74
N LEU A 30 33.89 18.29 58.29
CA LEU A 30 33.40 19.54 57.70
C LEU A 30 33.66 20.81 58.50
N GLU A 31 34.60 20.76 59.44
CA GLU A 31 35.01 21.98 60.11
C GLU A 31 35.60 22.90 59.04
N ASN A 32 35.60 24.20 59.30
CA ASN A 32 36.15 25.16 58.35
C ASN A 32 35.34 25.20 57.06
N LYS A 33 34.23 24.47 57.03
CA LYS A 33 33.34 24.49 55.88
C LYS A 33 32.05 25.21 56.25
N THR A 34 31.59 26.06 55.34
CA THR A 34 30.37 26.83 55.56
C THR A 34 29.40 26.64 54.40
N TYR A 35 28.21 26.14 54.73
CA TYR A 35 27.20 25.87 53.70
C TYR A 35 25.91 26.63 53.94
N VAL A 36 25.27 27.02 52.85
CA VAL A 36 23.99 27.71 52.92
C VAL A 36 22.88 26.73 52.62
N ILE A 37 21.94 26.61 53.55
CA ILE A 37 20.83 25.69 53.36
C ILE A 37 19.53 26.44 53.14
N MET A 38 18.99 26.32 51.93
CA MET A 38 17.75 27.00 51.60
C MET A 38 16.59 26.02 51.52
N GLY A 39 15.49 26.36 52.18
CA GLY A 39 14.25 25.60 52.02
C GLY A 39 13.84 24.76 53.20
N ILE A 40 14.13 25.25 54.40
CA ILE A 40 13.64 24.58 55.59
C ILE A 40 12.33 25.22 56.03
N ALA A 41 11.33 24.38 56.24
CA ALA A 41 10.02 24.85 56.66
C ALA A 41 9.67 24.26 58.03
N ASN A 42 10.22 23.09 58.31
CA ASN A 42 9.98 22.44 59.60
C ASN A 42 10.88 21.23 59.85
N LYS A 43 10.65 20.57 60.97
CA LYS A 43 11.43 19.40 61.38
C LYS A 43 11.34 18.28 60.35
N ARG A 44 10.34 18.35 59.48
CA ARG A 44 10.14 17.31 58.48
C ARG A 44 10.72 17.71 57.13
N SER A 45 11.04 19.00 57.00
CA SER A 45 11.73 19.46 55.81
C SER A 45 12.89 18.54 55.51
N ILE A 46 13.06 18.24 54.22
CA ILE A 46 14.19 17.47 53.76
C ILE A 46 15.46 18.25 54.07
N ALA A 47 15.42 19.55 53.79
CA ALA A 47 16.57 20.41 54.02
C ALA A 47 17.02 20.33 55.46
N PHE A 48 16.08 20.02 56.36
CA PHE A 48 16.44 19.86 57.77
C PHE A 48 17.21 18.56 57.98
N GLY A 49 16.73 17.48 57.39
CA GLY A 49 17.44 16.23 57.43
C GLY A 49 18.88 16.43 57.00
N VAL A 50 19.08 17.32 56.02
CA VAL A 50 20.42 17.65 55.56
C VAL A 50 21.20 18.37 56.65
N ALA A 51 20.62 19.46 57.13
CA ALA A 51 21.25 20.31 58.14
C ALA A 51 21.80 19.49 59.29
N LYS A 52 20.95 18.62 59.83
CA LYS A 52 21.35 17.77 60.94
C LYS A 52 22.68 17.09 60.63
N VAL A 53 22.73 16.44 59.47
CA VAL A 53 23.91 15.70 59.05
C VAL A 53 25.14 16.59 58.96
N LEU A 54 24.99 17.73 58.27
CA LEU A 54 26.09 18.67 58.12
C LEU A 54 26.54 19.18 59.48
N ASP A 55 25.58 19.64 60.28
CA ASP A 55 25.89 20.12 61.62
C ASP A 55 26.70 19.07 62.36
N GLN A 56 26.25 17.83 62.25
CA GLN A 56 26.91 16.71 62.91
C GLN A 56 28.33 16.48 62.39
N LEU A 57 28.68 17.15 61.31
CA LEU A 57 30.03 17.03 60.77
C LEU A 57 30.87 18.27 61.00
N GLY A 58 30.34 19.19 61.81
CA GLY A 58 31.09 20.37 62.21
C GLY A 58 31.09 21.50 61.20
N ALA A 59 30.19 21.42 60.24
CA ALA A 59 30.09 22.47 59.24
C ALA A 59 29.41 23.69 59.85
N LYS A 60 29.85 24.88 59.43
CA LYS A 60 29.14 26.09 59.82
C LYS A 60 27.98 26.26 58.84
N LEU A 61 26.77 26.41 59.37
CA LEU A 61 25.56 26.43 58.54
C LEU A 61 24.85 27.78 58.51
N VAL A 62 24.43 28.18 57.31
CA VAL A 62 23.64 29.38 57.13
C VAL A 62 22.29 28.99 56.53
N PHE A 63 21.23 29.70 56.88
CA PHE A 63 19.89 29.31 56.47
C PHE A 63 19.13 30.43 55.81
N THR A 64 18.16 30.06 54.97
CA THR A 64 17.28 31.06 54.36
C THR A 64 15.83 30.63 54.45
N TYR A 65 14.94 31.62 54.60
CA TYR A 65 13.52 31.35 54.73
C TYR A 65 12.72 32.32 53.84
N ARG A 66 11.46 32.02 53.62
CA ARG A 66 10.66 32.86 52.75
C ARG A 66 9.90 33.94 53.52
N LYS A 67 9.14 33.54 54.54
CA LYS A 67 8.33 34.47 55.29
C LYS A 67 8.83 34.64 56.72
N GLU A 68 8.60 35.82 57.29
CA GLU A 68 9.01 36.12 58.66
C GLU A 68 8.47 35.10 59.64
N ARG A 69 7.17 34.91 59.61
CA ARG A 69 6.48 34.03 60.54
C ARG A 69 7.17 32.68 60.70
N SER A 70 7.84 32.23 59.65
CA SER A 70 8.60 31.00 59.71
C SER A 70 9.81 31.19 60.64
N ARG A 71 10.47 32.33 60.49
CA ARG A 71 11.75 32.58 61.17
C ARG A 71 11.79 32.17 62.63
N LYS A 72 10.74 32.47 63.38
CA LYS A 72 10.73 32.11 64.79
C LYS A 72 10.78 30.61 64.97
N GLU A 73 9.78 29.92 64.43
CA GLU A 73 9.77 28.46 64.41
C GLU A 73 11.13 27.93 64.03
N LEU A 74 11.80 28.66 63.15
CA LEU A 74 13.09 28.29 62.62
C LEU A 74 14.17 28.33 63.70
N GLU A 75 14.37 29.50 64.29
CA GLU A 75 15.31 29.66 65.39
C GLU A 75 15.05 28.59 66.45
N LYS A 76 13.77 28.31 66.70
CA LYS A 76 13.35 27.28 67.62
C LYS A 76 14.01 25.96 67.23
N LEU A 77 14.05 25.71 65.93
CA LEU A 77 14.62 24.48 65.39
C LEU A 77 16.14 24.42 65.58
N LEU A 78 16.84 25.43 65.09
CA LEU A 78 18.30 25.47 65.16
C LEU A 78 18.85 25.02 66.49
N GLU A 79 18.11 25.29 67.56
CA GLU A 79 18.57 25.01 68.90
C GLU A 79 18.98 23.54 69.08
N GLN A 80 18.48 22.68 68.18
CA GLN A 80 18.84 21.27 68.19
C GLN A 80 20.19 21.02 67.55
N LEU A 81 20.84 22.10 67.11
CA LEU A 81 22.13 21.98 66.43
C LEU A 81 23.24 22.63 67.24
N ASN A 82 24.46 22.15 67.02
CA ASN A 82 25.62 22.73 67.67
C ASN A 82 26.17 23.88 66.84
N GLN A 83 25.28 24.79 66.46
CA GLN A 83 25.69 25.98 65.73
C GLN A 83 25.92 27.14 66.69
N PRO A 84 27.18 27.57 66.81
CA PRO A 84 27.57 28.66 67.71
C PRO A 84 26.57 29.80 67.61
N GLU A 85 26.57 30.50 66.48
CA GLU A 85 25.56 31.51 66.23
C GLU A 85 24.61 31.07 65.15
N ALA A 86 23.39 31.57 65.22
CA ALA A 86 22.40 31.33 64.19
C ALA A 86 22.49 32.42 63.13
N HIS A 87 22.79 32.01 61.90
CA HIS A 87 22.81 32.95 60.77
C HIS A 87 21.60 32.70 59.89
N LEU A 88 20.54 33.46 60.10
CA LEU A 88 19.31 33.31 59.31
C LEU A 88 19.06 34.53 58.44
N TYR A 89 18.80 34.29 57.16
CA TYR A 89 18.50 35.38 56.24
C TYR A 89 17.16 35.09 55.56
N GLN A 90 16.42 36.15 55.25
CA GLN A 90 15.15 35.97 54.57
C GLN A 90 15.25 36.23 53.08
N ILE A 91 15.10 35.16 52.30
CA ILE A 91 15.10 35.28 50.85
C ILE A 91 13.94 34.54 50.21
N ASP A 92 13.04 35.30 49.58
CA ASP A 92 12.04 34.72 48.69
C ASP A 92 12.66 34.74 47.31
N VAL A 93 12.75 33.56 46.70
CA VAL A 93 13.53 33.39 45.47
C VAL A 93 12.89 34.02 44.24
N GLN A 94 11.71 34.60 44.41
CA GLN A 94 11.05 35.25 43.28
C GLN A 94 11.61 36.64 43.06
N SER A 95 12.24 37.18 44.09
CA SER A 95 12.81 38.52 44.03
C SER A 95 14.28 38.47 43.67
N ASP A 96 14.62 39.03 42.51
CA ASP A 96 16.01 39.13 42.10
C ASP A 96 16.85 39.74 43.20
N GLU A 97 16.35 40.79 43.82
CA GLU A 97 17.09 41.50 44.87
C GLU A 97 17.27 40.65 46.12
N GLU A 98 16.15 40.21 46.69
CA GLU A 98 16.20 39.43 47.92
C GLU A 98 17.32 38.41 47.86
N VAL A 99 17.57 37.91 46.67
CA VAL A 99 18.65 36.95 46.44
C VAL A 99 19.99 37.64 46.35
N ILE A 100 20.13 38.57 45.40
CA ILE A 100 21.38 39.31 45.25
C ILE A 100 21.83 39.90 46.58
N ASN A 101 20.94 40.66 47.21
CA ASN A 101 21.24 41.29 48.48
C ASN A 101 21.49 40.26 49.56
N GLY A 102 20.55 39.35 49.73
CA GLY A 102 20.65 38.30 50.73
C GLY A 102 22.02 37.68 50.76
N PHE A 103 22.55 37.34 49.59
CA PHE A 103 23.85 36.69 49.51
C PHE A 103 24.98 37.63 49.85
N GLU A 104 25.00 38.79 49.20
CA GLU A 104 26.00 39.80 49.48
C GLU A 104 26.12 39.98 50.98
N GLN A 105 24.98 40.07 51.65
CA GLN A 105 24.95 40.25 53.09
C GLN A 105 25.69 39.12 53.80
N ILE A 106 25.35 37.89 53.45
CA ILE A 106 26.05 36.73 53.97
C ILE A 106 27.55 36.86 53.72
N GLY A 107 27.91 37.28 52.51
CA GLY A 107 29.30 37.52 52.18
C GLY A 107 29.93 38.46 53.17
N LYS A 108 29.16 39.45 53.61
CA LYS A 108 29.64 40.42 54.58
C LYS A 108 29.67 39.83 56.00
N ASP A 109 28.66 39.04 56.33
CA ASP A 109 28.52 38.53 57.68
C ASP A 109 29.39 37.31 57.97
N VAL A 110 29.59 36.47 56.96
CA VAL A 110 30.32 35.22 57.17
C VAL A 110 31.45 35.03 56.16
N GLY A 111 31.57 35.96 55.22
CA GLY A 111 32.63 35.88 54.23
C GLY A 111 32.34 34.84 53.17
N ASN A 112 33.33 34.03 52.84
CA ASN A 112 33.17 33.03 51.78
C ASN A 112 32.52 31.74 52.26
N ILE A 113 31.84 31.04 51.34
CA ILE A 113 31.21 29.76 51.65
C ILE A 113 31.76 28.63 50.80
N ASP A 114 31.43 27.40 51.16
CA ASP A 114 31.94 26.23 50.46
C ASP A 114 30.90 25.60 49.56
N GLY A 115 29.65 25.99 49.73
CA GLY A 115 28.59 25.43 48.92
C GLY A 115 27.20 25.80 49.39
N VAL A 116 26.21 25.33 48.64
CA VAL A 116 24.80 25.67 48.88
C VAL A 116 23.91 24.45 48.69
N TYR A 117 22.96 24.26 49.59
CA TYR A 117 21.94 23.25 49.37
C TYR A 117 20.62 23.90 49.05
N HIS A 118 19.99 23.43 47.99
CA HIS A 118 18.79 24.05 47.47
C HIS A 118 17.63 23.09 47.58
N SER A 119 16.76 23.34 48.56
CA SER A 119 15.63 22.44 48.84
C SER A 119 14.31 23.15 48.62
N ILE A 120 14.26 23.99 47.60
CA ILE A 120 13.10 24.85 47.35
C ILE A 120 12.31 24.47 46.13
N ALA A 121 10.99 24.56 46.21
CA ALA A 121 10.14 24.30 45.06
C ALA A 121 8.71 24.68 45.37
N PHE A 122 7.91 24.96 44.35
CA PHE A 122 6.49 25.19 44.54
C PHE A 122 5.65 24.91 43.30
N ALA A 123 4.39 24.57 43.54
CA ALA A 123 3.40 24.42 42.48
C ALA A 123 2.00 24.53 43.10
N ASN A 124 1.04 24.99 42.31
CA ASN A 124 -0.34 25.09 42.81
C ASN A 124 -1.02 23.75 42.88
N MET A 125 -1.54 23.43 44.05
CA MET A 125 -2.19 22.15 44.25
C MET A 125 -3.27 21.87 43.22
N GLU A 126 -3.88 22.93 42.70
CA GLU A 126 -4.86 22.79 41.64
C GLU A 126 -4.25 22.08 40.43
N ASP A 127 -3.21 22.69 39.89
CA ASP A 127 -2.52 22.20 38.70
C ASP A 127 -1.99 20.76 38.84
N LEU A 128 -1.99 20.26 40.07
CA LEU A 128 -1.51 18.91 40.35
C LEU A 128 -2.67 17.93 40.40
N ARG A 129 -3.87 18.47 40.49
CA ARG A 129 -5.05 17.64 40.60
C ARG A 129 -5.72 17.57 39.26
N GLY A 130 -5.91 18.74 38.66
CA GLY A 130 -6.49 18.82 37.34
C GLY A 130 -5.70 17.96 36.39
N ARG A 131 -6.28 17.66 35.23
CA ARG A 131 -5.52 17.00 34.18
C ARG A 131 -4.37 17.92 33.83
N PHE A 132 -3.25 17.32 33.44
CA PHE A 132 -2.08 18.13 33.13
C PHE A 132 -2.34 19.09 31.98
N SER A 133 -3.05 18.63 30.97
CA SER A 133 -3.34 19.44 29.80
C SER A 133 -4.10 20.71 30.18
N GLU A 134 -4.76 20.67 31.33
CA GLU A 134 -5.56 21.80 31.78
C GLU A 134 -4.73 22.84 32.52
N THR A 135 -3.48 22.48 32.86
CA THR A 135 -2.57 23.37 33.56
C THR A 135 -2.61 24.81 33.05
N SER A 136 -2.71 25.76 33.97
CA SER A 136 -2.78 27.18 33.60
C SER A 136 -1.39 27.73 33.29
N ARG A 137 -1.34 28.80 32.52
CA ARG A 137 -0.05 29.39 32.17
C ARG A 137 0.68 29.96 33.39
N GLU A 138 -0.04 30.68 34.25
CA GLU A 138 0.59 31.20 35.46
C GLU A 138 1.15 30.05 36.27
N GLY A 139 0.25 29.13 36.64
CA GLY A 139 0.63 27.98 37.42
C GLY A 139 1.91 27.37 36.87
N PHE A 140 1.94 27.17 35.57
CA PHE A 140 3.08 26.56 34.91
C PHE A 140 4.34 27.39 35.12
N LEU A 141 4.33 28.61 34.60
CA LEU A 141 5.48 29.50 34.69
C LEU A 141 5.91 29.77 36.13
N LEU A 142 4.93 29.81 37.04
CA LEU A 142 5.23 29.98 38.45
C LEU A 142 6.15 28.88 38.97
N ALA A 143 5.76 27.64 38.73
CA ALA A 143 6.56 26.50 39.16
C ALA A 143 7.95 26.56 38.53
N GLN A 144 8.01 26.87 37.23
CA GLN A 144 9.29 27.00 36.57
C GLN A 144 10.17 28.02 37.29
N ASP A 145 9.57 29.14 37.65
CA ASP A 145 10.27 30.22 38.32
C ASP A 145 10.88 29.75 39.63
N ILE A 146 10.02 29.35 40.56
CA ILE A 146 10.44 29.00 41.91
C ILE A 146 11.24 27.70 41.97
N SER A 147 10.77 26.70 41.24
CA SER A 147 11.34 25.37 41.33
C SER A 147 12.60 25.16 40.49
N SER A 148 12.79 25.99 39.46
CA SER A 148 13.95 25.81 38.59
C SER A 148 14.85 27.04 38.50
N TYR A 149 14.30 28.15 38.01
CA TYR A 149 15.14 29.33 37.80
C TYR A 149 15.88 29.72 39.07
N SER A 150 15.15 29.74 40.17
CA SER A 150 15.72 30.10 41.46
C SER A 150 17.16 29.60 41.56
N LEU A 151 17.36 28.34 41.23
CA LEU A 151 18.68 27.76 41.26
C LEU A 151 19.70 28.58 40.46
N THR A 152 19.37 28.87 39.21
CA THR A 152 20.26 29.64 38.35
C THR A 152 20.77 30.90 39.05
N ILE A 153 19.85 31.76 39.49
CA ILE A 153 20.25 33.04 40.03
C ILE A 153 20.99 32.83 41.35
N VAL A 154 20.52 31.88 42.14
CA VAL A 154 21.19 31.56 43.40
C VAL A 154 22.64 31.18 43.15
N ALA A 155 22.86 30.29 42.19
CA ALA A 155 24.20 29.93 41.79
C ALA A 155 25.03 31.16 41.43
N HIS A 156 24.50 31.98 40.52
CA HIS A 156 25.21 33.18 40.07
C HIS A 156 25.74 34.03 41.23
N GLU A 157 24.91 34.19 42.25
CA GLU A 157 25.27 34.97 43.42
C GLU A 157 26.23 34.23 44.35
N ALA A 158 25.91 32.98 44.64
CA ALA A 158 26.73 32.16 45.52
C ALA A 158 28.14 32.05 44.96
N LYS A 159 28.23 32.01 43.65
CA LYS A 159 29.51 31.96 42.95
C LYS A 159 30.46 32.98 43.55
N LYS A 160 29.93 34.18 43.77
CA LYS A 160 30.70 35.30 44.28
C LYS A 160 31.29 35.02 45.65
N LEU A 161 30.73 34.04 46.36
CA LEU A 161 31.21 33.70 47.69
C LEU A 161 32.06 32.43 47.69
N MET A 162 32.38 31.94 46.51
CA MET A 162 33.17 30.72 46.41
C MET A 162 34.29 30.92 45.39
N PRO A 163 35.31 31.67 45.78
CA PRO A 163 36.44 32.07 44.93
C PRO A 163 37.28 30.87 44.54
N GLU A 164 37.56 30.01 45.52
CA GLU A 164 38.34 28.81 45.26
C GLU A 164 37.47 27.65 44.81
N GLY A 165 36.21 27.93 44.53
CA GLY A 165 35.29 26.90 44.09
C GLY A 165 34.39 26.40 45.20
N GLY A 166 33.57 25.40 44.89
CA GLY A 166 32.65 24.85 45.87
C GLY A 166 31.63 23.93 45.23
N SER A 167 30.63 23.51 45.99
CA SER A 167 29.65 22.55 45.51
C SER A 167 28.22 23.04 45.73
N ILE A 168 27.40 22.89 44.71
CA ILE A 168 25.98 23.21 44.83
C ILE A 168 25.12 21.99 44.59
N VAL A 169 24.13 21.78 45.44
CA VAL A 169 23.25 20.62 45.30
C VAL A 169 21.79 21.05 45.31
N ALA A 170 21.00 20.49 44.40
CA ALA A 170 19.57 20.78 44.35
C ALA A 170 18.78 19.48 44.54
N THR A 171 17.52 19.61 44.95
CA THR A 171 16.74 18.41 45.20
C THR A 171 15.66 18.21 44.16
N THR A 172 15.73 17.09 43.44
CA THR A 172 14.71 16.78 42.44
C THR A 172 13.95 15.51 42.79
N TYR A 173 13.00 15.15 41.94
CA TYR A 173 12.22 13.93 42.13
C TYR A 173 12.16 13.14 40.83
N LEU A 174 11.95 11.83 40.95
CA LEU A 174 11.87 10.94 39.80
C LEU A 174 10.94 11.46 38.68
N GLY A 175 9.94 12.24 39.08
CA GLY A 175 8.93 12.73 38.14
C GLY A 175 9.50 13.71 37.13
N GLY A 176 10.76 14.10 37.32
CA GLY A 176 11.46 14.91 36.35
C GLY A 176 11.94 14.08 35.17
N GLU A 177 11.99 12.76 35.35
CA GLU A 177 12.50 11.86 34.32
C GLU A 177 11.41 11.03 33.67
N PHE A 178 10.28 10.86 34.37
CA PHE A 178 9.15 10.11 33.84
C PHE A 178 7.85 10.78 34.19
N ALA A 179 6.83 10.53 33.39
CA ALA A 179 5.51 11.03 33.71
C ALA A 179 5.05 10.25 34.92
N VAL A 180 4.93 10.92 36.06
CA VAL A 180 4.42 10.29 37.27
C VAL A 180 3.00 10.76 37.53
N GLN A 181 2.09 9.80 37.66
CA GLN A 181 0.69 10.10 37.95
C GLN A 181 0.59 11.28 38.91
N ASN A 182 -0.04 12.36 38.44
CA ASN A 182 -0.40 13.50 39.28
C ASN A 182 0.69 14.55 39.52
N TYR A 183 1.95 14.18 39.35
CA TYR A 183 3.04 15.13 39.57
C TYR A 183 2.95 16.28 38.57
N ASN A 184 2.31 16.00 37.43
CA ASN A 184 1.99 17.00 36.42
C ASN A 184 3.01 18.14 36.30
N VAL A 185 2.53 19.36 36.48
CA VAL A 185 3.34 20.53 36.23
C VAL A 185 4.63 20.51 37.02
N MET A 186 4.58 20.02 38.26
CA MET A 186 5.79 19.95 39.07
C MET A 186 6.82 19.07 38.39
N GLY A 187 6.34 18.01 37.74
CA GLY A 187 7.20 17.13 36.99
C GLY A 187 8.04 17.91 36.01
N VAL A 188 7.37 18.67 35.16
CA VAL A 188 8.04 19.48 34.15
C VAL A 188 9.02 20.49 34.78
N ALA A 189 8.66 21.03 35.93
CA ALA A 189 9.54 21.96 36.62
C ALA A 189 10.84 21.26 37.02
N LYS A 190 10.70 20.04 37.55
CA LYS A 190 11.85 19.25 37.97
C LYS A 190 12.71 18.90 36.76
N ALA A 191 12.07 18.42 35.70
CA ALA A 191 12.75 18.16 34.46
C ALA A 191 13.61 19.37 34.13
N SER A 192 12.96 20.54 34.13
CA SER A 192 13.64 21.79 33.87
C SER A 192 14.82 21.99 34.82
N LEU A 193 14.57 21.71 36.09
CA LEU A 193 15.60 21.85 37.09
C LEU A 193 16.78 20.94 36.80
N GLU A 194 16.49 19.69 36.47
CA GLU A 194 17.56 18.72 36.27
C GLU A 194 18.45 19.14 35.11
N ALA A 195 17.88 19.85 34.15
CA ALA A 195 18.68 20.38 33.04
C ALA A 195 19.43 21.63 33.49
N ASN A 196 18.75 22.46 34.28
CA ASN A 196 19.39 23.62 34.86
C ASN A 196 20.73 23.21 35.49
N VAL A 197 20.70 22.12 36.25
CA VAL A 197 21.90 21.62 36.93
C VAL A 197 23.03 21.36 35.97
N LYS A 198 22.74 20.58 34.94
CA LYS A 198 23.73 20.28 33.91
C LYS A 198 24.33 21.54 33.29
N TYR A 199 23.46 22.45 32.83
CA TYR A 199 23.96 23.67 32.21
C TYR A 199 24.80 24.51 33.18
N LEU A 200 24.35 24.60 34.42
CA LEU A 200 25.14 25.25 35.45
C LEU A 200 26.46 24.52 35.66
N ALA A 201 26.38 23.21 35.85
CA ALA A 201 27.58 22.41 36.10
C ALA A 201 28.64 22.71 35.05
N LEU A 202 28.18 22.87 33.81
CA LEU A 202 29.06 23.13 32.69
C LEU A 202 29.59 24.56 32.77
N ASP A 203 28.67 25.51 32.98
CA ASP A 203 29.05 26.92 33.06
C ASP A 203 30.09 27.19 34.14
N LEU A 204 29.95 26.55 35.29
CA LEU A 204 30.77 26.88 36.46
C LEU A 204 31.85 25.86 36.76
N GLY A 205 31.91 24.82 35.95
CA GLY A 205 32.97 23.83 36.07
C GLY A 205 34.34 24.49 36.14
N PRO A 206 34.62 25.40 35.18
CA PRO A 206 35.89 26.13 35.14
C PRO A 206 36.16 26.89 36.43
N ASP A 207 35.14 27.52 36.98
CA ASP A 207 35.30 28.25 38.23
C ASP A 207 35.36 27.29 39.41
N ASN A 208 35.55 26.01 39.10
CA ASN A 208 35.70 24.96 40.09
C ASN A 208 34.50 24.84 41.03
N ILE A 209 33.32 24.97 40.45
CA ILE A 209 32.09 24.79 41.20
C ILE A 209 31.32 23.60 40.64
N ARG A 210 31.05 22.64 41.51
CA ARG A 210 30.33 21.46 41.08
C ARG A 210 28.85 21.65 41.37
N VAL A 211 28.03 21.24 40.41
CA VAL A 211 26.59 21.38 40.53
C VAL A 211 25.95 20.02 40.29
N ASN A 212 25.23 19.51 41.28
CA ASN A 212 24.61 18.20 41.16
C ASN A 212 23.24 18.20 41.80
N ALA A 213 22.50 17.13 41.60
CA ALA A 213 21.16 17.07 42.15
C ALA A 213 20.91 15.74 42.81
N ILE A 214 20.00 15.73 43.78
CA ILE A 214 19.57 14.49 44.40
C ILE A 214 18.13 14.19 44.05
N SER A 215 17.91 13.10 43.33
CA SER A 215 16.54 12.66 43.09
C SER A 215 16.15 11.88 44.33
N ALA A 216 15.32 12.50 45.16
CA ALA A 216 14.90 11.88 46.42
C ALA A 216 13.69 11.01 46.20
N GLY A 217 13.55 10.00 47.04
CA GLY A 217 12.36 9.17 47.03
C GLY A 217 11.28 10.00 47.70
N PRO A 218 10.06 9.48 47.72
CA PRO A 218 8.99 10.23 48.40
C PRO A 218 9.27 10.28 49.90
N ILE A 219 9.17 11.47 50.47
CA ILE A 219 9.32 11.63 51.91
C ILE A 219 8.20 12.47 52.51
N ARG A 220 7.79 12.10 53.72
CA ARG A 220 6.73 12.79 54.42
C ARG A 220 7.16 14.17 54.85
N THR A 221 6.94 15.16 53.99
CA THR A 221 7.28 16.53 54.33
C THR A 221 6.03 17.39 54.46
N LEU A 222 6.22 18.63 54.89
CA LEU A 222 5.12 19.58 54.96
C LEU A 222 4.37 19.61 53.63
N SER A 223 5.11 19.84 52.55
CA SER A 223 4.53 19.95 51.21
C SER A 223 3.98 18.62 50.72
N ALA A 224 4.58 17.52 51.17
CA ALA A 224 4.12 16.18 50.81
C ALA A 224 2.69 16.01 51.28
N LYS A 225 2.31 16.78 52.29
CA LYS A 225 0.96 16.76 52.80
C LYS A 225 0.00 17.40 51.82
N GLY A 226 -1.08 16.70 51.51
CA GLY A 226 -2.11 17.23 50.65
C GLY A 226 -2.05 16.71 49.23
N VAL A 227 -1.04 15.89 48.95
CA VAL A 227 -0.91 15.32 47.61
C VAL A 227 -1.75 14.06 47.46
N GLY A 228 -2.45 13.99 46.35
CA GLY A 228 -3.28 12.85 46.02
C GLY A 228 -2.50 11.57 46.00
N GLY A 229 -2.93 10.75 46.96
CA GLY A 229 -2.65 9.33 47.04
C GLY A 229 -1.26 8.99 47.50
N PHE A 230 -0.39 9.99 47.50
CA PHE A 230 0.93 9.92 48.10
C PHE A 230 1.18 8.62 48.87
N ASN A 231 0.30 8.35 49.83
CA ASN A 231 0.38 7.13 50.63
C ASN A 231 0.46 5.85 49.80
N THR A 232 -0.26 5.82 48.69
CA THR A 232 -0.19 4.71 47.76
C THR A 232 1.24 4.47 47.32
N ILE A 233 1.88 5.54 46.85
CA ILE A 233 3.24 5.44 46.34
C ILE A 233 4.21 4.93 47.39
N LEU A 234 4.17 5.55 48.57
CA LEU A 234 5.03 5.13 49.68
C LEU A 234 4.99 3.62 49.85
N LYS A 235 3.81 3.06 49.65
CA LYS A 235 3.64 1.62 49.81
C LYS A 235 4.20 0.88 48.62
N GLU A 236 3.86 1.33 47.42
CA GLU A 236 4.39 0.75 46.21
C GLU A 236 5.92 0.71 46.26
N ILE A 237 6.52 1.76 46.83
CA ILE A 237 7.96 1.79 47.03
C ILE A 237 8.39 0.57 47.85
N GLU A 238 7.88 0.47 49.07
CA GLU A 238 8.18 -0.65 49.94
C GLU A 238 8.00 -1.99 49.23
N GLU A 239 6.95 -2.10 48.43
CA GLU A 239 6.65 -3.35 47.74
C GLU A 239 7.53 -3.60 46.51
N ARG A 240 7.92 -2.55 45.80
CA ARG A 240 8.64 -2.74 44.55
C ARG A 240 10.12 -2.32 44.57
N ALA A 241 10.43 -1.27 45.33
CA ALA A 241 11.80 -0.77 45.41
C ALA A 241 12.73 -1.90 45.85
N PRO A 242 13.93 -1.96 45.25
CA PRO A 242 14.89 -3.00 45.58
C PRO A 242 15.10 -3.16 47.08
N LEU A 243 15.24 -2.06 47.80
CA LEU A 243 15.44 -2.11 49.24
C LEU A 243 14.15 -2.41 50.00
N LYS A 244 13.04 -2.49 49.27
CA LYS A 244 11.75 -2.83 49.86
C LYS A 244 11.41 -1.96 51.07
N ARG A 245 11.91 -0.72 51.07
CA ARG A 245 11.65 0.19 52.16
C ARG A 245 11.64 1.61 51.64
N ASN A 246 11.34 2.57 52.52
CA ASN A 246 11.39 3.97 52.14
C ASN A 246 12.60 4.69 52.69
N VAL A 247 12.80 5.91 52.22
CA VAL A 247 13.97 6.71 52.60
C VAL A 247 13.58 7.89 53.49
N ASP A 248 14.55 8.48 54.18
CA ASP A 248 14.28 9.62 55.05
C ASP A 248 15.19 10.82 54.76
N GLN A 249 14.87 11.95 55.39
CA GLN A 249 15.61 13.18 55.18
C GLN A 249 17.10 13.03 55.50
N VAL A 250 17.40 12.20 56.49
CA VAL A 250 18.78 11.97 56.87
C VAL A 250 19.56 11.32 55.75
N GLU A 251 19.04 10.22 55.23
CA GLU A 251 19.69 9.51 54.15
C GLU A 251 20.04 10.48 53.03
N VAL A 252 19.08 11.35 52.72
CA VAL A 252 19.33 12.40 51.75
C VAL A 252 20.47 13.28 52.24
N GLY A 253 20.34 13.77 53.46
CA GLY A 253 21.38 14.58 54.06
C GLY A 253 22.75 13.96 53.88
N LYS A 254 22.83 12.65 54.14
CA LYS A 254 24.09 11.94 54.02
C LYS A 254 24.67 12.06 52.60
N THR A 255 23.86 11.70 51.61
CA THR A 255 24.27 11.84 50.21
C THR A 255 24.62 13.30 49.92
N ALA A 256 23.77 14.20 50.41
CA ALA A 256 24.02 15.64 50.30
C ALA A 256 25.44 15.96 50.75
N ALA A 257 25.81 15.45 51.91
CA ALA A 257 27.16 15.64 52.44
C ALA A 257 28.21 15.13 51.45
N TYR A 258 28.06 13.88 51.03
CA TYR A 258 28.98 13.33 50.04
C TYR A 258 29.17 14.33 48.91
N LEU A 259 28.07 14.84 48.41
CA LEU A 259 28.09 15.74 47.26
C LEU A 259 28.71 17.09 47.58
N LEU A 260 28.41 17.60 48.77
CA LEU A 260 28.91 18.91 49.14
C LEU A 260 30.37 18.85 49.54
N SER A 261 30.84 17.65 49.88
CA SER A 261 32.20 17.50 50.36
C SER A 261 33.15 17.27 49.20
N ASP A 262 34.43 17.22 49.52
CA ASP A 262 35.47 16.97 48.54
C ASP A 262 35.47 15.50 48.14
N LEU A 263 34.68 14.71 48.86
CA LEU A 263 34.49 13.31 48.55
C LEU A 263 33.95 13.15 47.13
N SER A 264 33.01 14.01 46.76
CA SER A 264 32.42 13.95 45.44
C SER A 264 33.18 14.84 44.45
N SER A 265 34.42 15.16 44.75
CA SER A 265 35.21 15.91 43.78
C SER A 265 35.29 15.05 42.54
N GLY A 266 35.16 15.67 41.37
CA GLY A 266 35.16 14.90 40.13
C GLY A 266 33.77 14.51 39.69
N VAL A 267 32.79 14.67 40.59
CA VAL A 267 31.39 14.47 40.24
C VAL A 267 30.68 15.80 40.03
N THR A 268 30.26 16.08 38.82
CA THR A 268 29.48 17.28 38.58
C THR A 268 28.48 17.04 37.46
N GLY A 269 27.33 17.71 37.54
CA GLY A 269 26.27 17.49 36.58
C GLY A 269 25.59 16.16 36.80
N GLU A 270 25.79 15.56 37.95
CA GLU A 270 25.21 14.25 38.20
C GLU A 270 23.90 14.38 38.97
N ASN A 271 23.02 13.40 38.76
CA ASN A 271 21.80 13.28 39.51
C ASN A 271 21.78 11.95 40.23
N ILE A 272 21.89 11.99 41.55
CA ILE A 272 21.96 10.79 42.37
C ILE A 272 20.60 10.46 42.98
N HIS A 273 20.12 9.26 42.71
CA HIS A 273 18.84 8.84 43.23
C HIS A 273 19.01 8.22 44.60
N VAL A 274 18.50 8.93 45.60
CA VAL A 274 18.40 8.39 46.94
C VAL A 274 16.95 7.97 47.17
N ASP A 275 16.61 6.74 46.75
CA ASP A 275 15.24 6.32 46.62
C ASP A 275 15.06 4.82 46.75
N SER A 276 15.97 4.15 47.45
CA SER A 276 15.94 2.70 47.56
C SER A 276 16.05 2.03 46.20
N GLY A 277 16.63 2.74 45.24
CA GLY A 277 16.87 2.20 43.91
C GLY A 277 15.60 1.97 43.10
N PHE A 278 14.55 2.69 43.46
CA PHE A 278 13.28 2.56 42.77
C PHE A 278 13.42 3.05 41.34
N HIS A 279 14.35 3.97 41.14
CA HIS A 279 14.63 4.54 39.83
C HIS A 279 15.10 3.47 38.84
N ALA A 280 15.68 2.40 39.38
CA ALA A 280 16.34 1.40 38.56
C ALA A 280 15.39 0.29 38.09
N ILE A 281 14.17 0.28 38.62
CA ILE A 281 13.25 -0.79 38.29
C ILE A 281 12.09 -0.32 37.41
N LYS A 282 11.27 -1.28 36.99
CA LYS A 282 10.16 -1.01 36.09
C LYS A 282 9.30 -2.26 35.95
N ASN B 29 -0.54 6.57 3.40
CA ASN B 29 -1.33 7.51 2.62
C ASN B 29 -2.18 8.43 3.48
N LEU B 30 -2.11 9.73 3.20
CA LEU B 30 -2.63 10.74 4.12
C LEU B 30 -3.85 11.52 3.63
N GLU B 31 -4.51 11.04 2.59
CA GLU B 31 -5.78 11.64 2.20
C GLU B 31 -6.73 11.52 3.38
N ASN B 32 -7.75 12.37 3.43
CA ASN B 32 -8.73 12.32 4.51
C ASN B 32 -8.11 12.63 5.87
N LYS B 33 -6.83 13.01 5.86
CA LYS B 33 -6.15 13.40 7.07
C LYS B 33 -5.89 14.91 7.03
N THR B 34 -6.13 15.56 8.16
CA THR B 34 -5.92 17.00 8.26
C THR B 34 -5.02 17.33 9.45
N TYR B 35 -3.90 17.98 9.17
CA TYR B 35 -2.92 18.32 10.21
C TYR B 35 -2.67 19.82 10.30
N VAL B 36 -2.47 20.29 11.52
CA VAL B 36 -2.14 21.69 11.76
C VAL B 36 -0.63 21.82 11.94
N ILE B 37 -0.01 22.66 11.13
CA ILE B 37 1.41 22.89 11.22
C ILE B 37 1.73 24.27 11.77
N MET B 38 2.31 24.30 12.97
CA MET B 38 2.63 25.56 13.60
C MET B 38 4.13 25.82 13.60
N GLY B 39 4.53 27.03 13.18
CA GLY B 39 5.91 27.44 13.28
C GLY B 39 6.68 27.50 11.98
N ILE B 40 6.00 27.86 10.90
CA ILE B 40 6.69 28.12 9.64
C ILE B 40 7.03 29.59 9.55
N ALA B 41 8.29 29.88 9.24
CA ALA B 41 8.75 31.25 9.09
C ALA B 41 9.29 31.47 7.68
N ASN B 42 9.76 30.39 7.06
CA ASN B 42 10.30 30.48 5.71
C ASN B 42 10.58 29.12 5.07
N LYS B 43 11.11 29.16 3.86
CA LYS B 43 11.43 27.96 3.10
C LYS B 43 12.43 27.09 3.84
N ARG B 44 13.12 27.67 4.82
CA ARG B 44 14.13 26.94 5.56
C ARG B 44 13.61 26.45 6.89
N SER B 45 12.43 26.95 7.28
CA SER B 45 11.79 26.44 8.47
C SER B 45 11.74 24.93 8.42
N ILE B 46 11.95 24.32 9.57
CA ILE B 46 11.85 22.88 9.70
C ILE B 46 10.41 22.46 9.46
N ALA B 47 9.50 23.23 10.02
CA ALA B 47 8.07 22.97 9.85
C ALA B 47 7.68 22.95 8.38
N PHE B 48 8.43 23.67 7.56
CA PHE B 48 8.18 23.65 6.12
C PHE B 48 8.61 22.31 5.53
N GLY B 49 9.80 21.85 5.91
CA GLY B 49 10.28 20.55 5.48
C GLY B 49 9.23 19.48 5.78
N VAL B 50 8.55 19.64 6.91
CA VAL B 50 7.47 18.73 7.27
C VAL B 50 6.31 18.87 6.31
N ALA B 51 5.83 20.11 6.16
CA ALA B 51 4.69 20.41 5.32
C ALA B 51 4.82 19.75 3.96
N LYS B 52 5.96 19.99 3.31
CA LYS B 52 6.22 19.43 2.00
C LYS B 52 5.91 17.94 1.99
N VAL B 53 6.45 17.23 2.96
CA VAL B 53 6.28 15.77 3.06
C VAL B 53 4.82 15.39 3.22
N LEU B 54 4.12 16.06 4.13
CA LEU B 54 2.72 15.76 4.38
C LEU B 54 1.88 16.07 3.15
N ASP B 55 2.08 17.25 2.58
CA ASP B 55 1.39 17.64 1.36
C ASP B 55 1.58 16.54 0.33
N GLN B 56 2.83 16.10 0.18
CA GLN B 56 3.16 15.08 -0.80
C GLN B 56 2.44 13.76 -0.52
N LEU B 57 1.83 13.64 0.65
CA LEU B 57 1.10 12.43 0.99
C LEU B 57 -0.40 12.64 0.95
N GLY B 58 -0.83 13.79 0.43
CA GLY B 58 -2.24 14.08 0.24
C GLY B 58 -2.97 14.53 1.49
N ALA B 59 -2.21 14.94 2.50
CA ALA B 59 -2.81 15.44 3.72
C ALA B 59 -3.36 16.84 3.49
N LYS B 60 -4.49 17.14 4.11
CA LYS B 60 -4.99 18.50 4.12
C LYS B 60 -4.26 19.25 5.22
N LEU B 61 -3.64 20.38 4.89
CA LEU B 61 -2.79 21.07 5.86
C LEU B 61 -3.33 22.44 6.29
N VAL B 62 -3.21 22.72 7.58
CA VAL B 62 -3.58 24.01 8.14
C VAL B 62 -2.34 24.61 8.78
N PHE B 63 -2.23 25.93 8.73
CA PHE B 63 -1.01 26.58 9.18
C PHE B 63 -1.28 27.68 10.18
N THR B 64 -0.29 27.97 11.02
CA THR B 64 -0.39 29.09 11.94
C THR B 64 0.88 29.94 11.94
N TYR B 65 0.71 31.25 12.11
CA TYR B 65 1.82 32.17 12.09
C TYR B 65 1.69 33.15 13.26
N ARG B 66 2.78 33.86 13.56
CA ARG B 66 2.75 34.79 14.68
C ARG B 66 2.36 36.21 14.28
N LYS B 67 3.06 36.75 13.29
CA LYS B 67 2.81 38.13 12.87
C LYS B 67 2.20 38.22 11.47
N GLU B 68 1.43 39.27 11.22
CA GLU B 68 0.80 39.48 9.92
C GLU B 68 1.81 39.48 8.80
N ARG B 69 2.81 40.34 8.95
CA ARG B 69 3.85 40.51 7.94
C ARG B 69 4.36 39.19 7.37
N SER B 70 4.35 38.15 8.20
CA SER B 70 4.77 36.83 7.77
C SER B 70 3.76 36.25 6.78
N ARG B 71 2.48 36.39 7.12
CA ARG B 71 1.39 35.78 6.36
C ARG B 71 1.51 35.86 4.84
N LYS B 72 1.88 37.03 4.32
CA LYS B 72 2.01 37.17 2.87
C LYS B 72 3.09 36.25 2.33
N GLU B 73 4.31 36.43 2.82
CA GLU B 73 5.42 35.52 2.51
C GLU B 73 4.96 34.07 2.60
N LEU B 74 4.10 33.82 3.57
CA LEU B 74 3.55 32.48 3.80
C LEU B 74 2.73 31.97 2.63
N GLU B 75 1.65 32.69 2.32
CA GLU B 75 0.80 32.36 1.20
C GLU B 75 1.66 32.14 -0.05
N LYS B 76 2.66 32.99 -0.20
CA LYS B 76 3.63 32.88 -1.28
C LYS B 76 4.22 31.48 -1.29
N LEU B 77 4.52 30.97 -0.10
CA LEU B 77 5.11 29.63 0.05
C LEU B 77 4.15 28.54 -0.35
N LEU B 78 2.97 28.54 0.28
CA LEU B 78 1.99 27.48 0.07
C LEU B 78 1.85 27.11 -1.39
N GLU B 79 2.01 28.09 -2.26
CA GLU B 79 1.78 27.89 -3.68
C GLU B 79 2.59 26.73 -4.22
N GLN B 80 3.65 26.35 -3.51
CA GLN B 80 4.48 25.21 -3.90
C GLN B 80 3.84 23.89 -3.51
N LEU B 81 2.66 23.97 -2.91
CA LEU B 81 1.97 22.79 -2.41
C LEU B 81 0.68 22.54 -3.16
N ASN B 82 0.26 21.28 -3.19
CA ASN B 82 -1.00 20.92 -3.81
C ASN B 82 -2.13 21.01 -2.82
N GLN B 83 -2.20 22.15 -2.13
CA GLN B 83 -3.29 22.41 -1.21
C GLN B 83 -4.41 23.18 -1.91
N PRO B 84 -5.57 22.54 -2.07
CA PRO B 84 -6.73 23.14 -2.71
C PRO B 84 -6.91 24.57 -2.23
N GLU B 85 -7.31 24.72 -0.97
CA GLU B 85 -7.39 26.04 -0.37
C GLU B 85 -6.32 26.22 0.68
N ALA B 86 -5.92 27.46 0.88
CA ALA B 86 -4.97 27.82 1.93
C ALA B 86 -5.73 28.16 3.21
N HIS B 87 -5.51 27.39 4.27
CA HIS B 87 -6.10 27.68 5.57
C HIS B 87 -5.03 28.22 6.51
N LEU B 88 -4.94 29.53 6.61
CA LEU B 88 -3.94 30.16 7.47
C LEU B 88 -4.60 30.89 8.61
N TYR B 89 -4.10 30.66 9.82
CA TYR B 89 -4.62 31.32 11.00
C TYR B 89 -3.48 31.98 11.76
N GLN B 90 -3.74 33.11 12.39
CA GLN B 90 -2.70 33.79 13.13
C GLN B 90 -2.80 33.50 14.62
N ILE B 91 -1.82 32.79 15.14
CA ILE B 91 -1.77 32.52 16.58
C ILE B 91 -0.38 32.79 17.16
N ASP B 92 -0.31 33.76 18.06
CA ASP B 92 0.87 33.94 18.89
C ASP B 92 0.59 33.15 20.16
N VAL B 93 1.48 32.20 20.46
CA VAL B 93 1.23 31.22 21.50
C VAL B 93 1.32 31.79 22.91
N GLN B 94 1.65 33.07 23.03
CA GLN B 94 1.71 33.70 24.34
C GLN B 94 0.33 34.11 24.82
N SER B 95 -0.61 34.22 23.88
CA SER B 95 -1.98 34.61 24.19
C SER B 95 -2.88 33.42 24.34
N ASP B 96 -3.41 33.23 25.55
CA ASP B 96 -4.33 32.14 25.81
C ASP B 96 -5.46 32.14 24.79
N GLU B 97 -5.98 33.32 24.49
CA GLU B 97 -7.10 33.45 23.56
C GLU B 97 -6.71 33.09 22.14
N GLU B 98 -5.69 33.75 21.63
CA GLU B 98 -5.28 33.55 20.24
C GLU B 98 -5.26 32.07 19.93
N VAL B 99 -4.92 31.28 20.93
CA VAL B 99 -4.87 29.83 20.81
C VAL B 99 -6.27 29.21 20.91
N ILE B 100 -6.95 29.44 22.02
CA ILE B 100 -8.32 28.96 22.20
C ILE B 100 -9.19 29.33 21.00
N ASN B 101 -9.25 30.62 20.70
CA ASN B 101 -10.03 31.09 19.57
C ASN B 101 -9.54 30.51 18.25
N GLY B 102 -8.25 30.70 17.99
CA GLY B 102 -7.63 30.21 16.78
C GLY B 102 -8.08 28.81 16.42
N PHE B 103 -8.05 27.92 17.41
CA PHE B 103 -8.41 26.52 17.18
C PHE B 103 -9.90 26.34 16.94
N GLU B 104 -10.70 26.87 17.85
CA GLU B 104 -12.15 26.84 17.69
C GLU B 104 -12.51 27.21 16.26
N GLN B 105 -11.90 28.29 15.78
CA GLN B 105 -12.16 28.77 14.43
C GLN B 105 -11.86 27.69 13.40
N ILE B 106 -10.68 27.11 13.49
CA ILE B 106 -10.32 25.99 12.64
C ILE B 106 -11.39 24.91 12.72
N GLY B 107 -11.83 24.62 13.94
CA GLY B 107 -12.86 23.63 14.16
C GLY B 107 -14.09 23.97 13.35
N LYS B 108 -14.38 25.26 13.26
CA LYS B 108 -15.53 25.73 12.50
C LYS B 108 -15.25 25.67 11.00
N ASP B 109 -14.02 26.01 10.61
CA ASP B 109 -13.68 26.12 9.19
C ASP B 109 -13.35 24.79 8.53
N VAL B 110 -12.76 23.87 9.29
CA VAL B 110 -12.32 22.61 8.71
C VAL B 110 -12.82 21.40 9.50
N GLY B 111 -13.49 21.67 10.61
CA GLY B 111 -14.04 20.60 11.43
C GLY B 111 -12.95 19.92 12.24
N ASN B 112 -12.95 18.59 12.24
CA ASN B 112 -11.99 17.83 13.05
C ASN B 112 -10.65 17.62 12.36
N ILE B 113 -9.59 17.48 13.15
CA ILE B 113 -8.25 17.24 12.64
C ILE B 113 -7.67 15.92 13.15
N ASP B 114 -6.57 15.50 12.54
CA ASP B 114 -5.96 14.21 12.87
C ASP B 114 -4.71 14.38 13.72
N GLY B 115 -4.16 15.59 13.75
CA GLY B 115 -2.96 15.84 14.51
C GLY B 115 -2.41 17.23 14.33
N VAL B 116 -1.36 17.53 15.10
CA VAL B 116 -0.72 18.84 15.10
C VAL B 116 0.80 18.71 15.09
N TYR B 117 1.47 19.55 14.29
CA TYR B 117 2.91 19.62 14.37
C TYR B 117 3.33 20.94 14.98
N HIS B 118 4.20 20.86 15.97
CA HIS B 118 4.57 22.00 16.77
C HIS B 118 6.05 22.30 16.55
N SER B 119 6.32 23.34 15.76
CA SER B 119 7.69 23.70 15.41
C SER B 119 8.02 25.09 15.96
N ILE B 120 7.56 25.37 17.17
CA ILE B 120 7.70 26.70 17.74
C ILE B 120 8.66 26.76 18.93
N ALA B 121 9.43 27.83 19.03
CA ALA B 121 10.30 28.03 20.19
C ALA B 121 10.94 29.41 20.12
N PHE B 122 11.37 29.92 21.27
CA PHE B 122 12.09 31.19 21.29
C PHE B 122 12.96 31.37 22.52
N ALA B 123 14.02 32.16 22.35
CA ALA B 123 14.89 32.56 23.45
C ALA B 123 15.67 33.81 23.03
N ASN B 124 16.05 34.62 24.00
CA ASN B 124 16.82 35.81 23.70
C ASN B 124 18.26 35.49 23.39
N MET B 125 18.73 35.96 22.24
CA MET B 125 20.09 35.71 21.83
C MET B 125 21.10 36.08 22.90
N GLU B 126 20.75 37.07 23.72
CA GLU B 126 21.61 37.47 24.81
C GLU B 126 21.88 36.29 25.74
N ASP B 127 20.78 35.76 26.28
CA ASP B 127 20.83 34.68 27.25
C ASP B 127 21.54 33.44 26.71
N LEU B 128 21.80 33.43 25.41
CA LEU B 128 22.45 32.30 24.76
C LEU B 128 23.95 32.55 24.63
N ARG B 129 24.33 33.81 24.80
CA ARG B 129 25.71 34.19 24.62
C ARG B 129 26.34 34.33 25.99
N GLY B 130 25.64 35.04 26.87
CA GLY B 130 26.12 35.20 28.23
C GLY B 130 26.35 33.85 28.84
N ARG B 131 27.07 33.82 29.95
CA ARG B 131 27.17 32.61 30.73
C ARG B 131 25.77 32.21 31.16
N PHE B 132 25.53 30.91 31.27
CA PHE B 132 24.20 30.47 31.61
C PHE B 132 23.76 31.01 32.97
N SER B 133 24.69 31.02 33.93
CA SER B 133 24.38 31.45 35.28
C SER B 133 23.87 32.89 35.32
N GLU B 134 24.20 33.65 34.27
CA GLU B 134 23.84 35.05 34.20
C GLU B 134 22.44 35.24 33.63
N THR B 135 21.87 34.17 33.08
CA THR B 135 20.53 34.22 32.48
C THR B 135 19.54 34.99 33.33
N SER B 136 18.79 35.88 32.69
CA SER B 136 17.80 36.71 33.37
C SER B 136 16.50 35.94 33.64
N ARG B 137 15.75 36.38 34.63
CA ARG B 137 14.50 35.70 34.96
C ARG B 137 13.48 35.80 33.83
N GLU B 138 13.33 36.99 33.26
CA GLU B 138 12.40 37.15 32.13
C GLU B 138 12.82 36.22 31.02
N GLY B 139 14.06 36.39 30.56
CA GLY B 139 14.61 35.58 29.49
C GLY B 139 14.30 34.12 29.72
N PHE B 140 14.55 33.65 30.94
CA PHE B 140 14.29 32.27 31.30
C PHE B 140 12.82 31.91 31.14
N LEU B 141 11.97 32.57 31.92
CA LEU B 141 10.55 32.26 31.91
C LEU B 141 9.93 32.44 30.54
N LEU B 142 10.44 33.40 29.79
CA LEU B 142 9.97 33.63 28.43
C LEU B 142 10.13 32.38 27.57
N ALA B 143 11.36 31.87 27.52
CA ALA B 143 11.64 30.65 26.78
C ALA B 143 10.73 29.51 27.24
N GLN B 144 10.60 29.34 28.54
CA GLN B 144 9.71 28.30 29.07
C GLN B 144 8.30 28.45 28.51
N ASP B 145 7.82 29.68 28.49
CA ASP B 145 6.49 29.99 28.02
C ASP B 145 6.30 29.58 26.56
N ILE B 146 7.08 30.18 25.68
CA ILE B 146 6.92 29.96 24.24
C ILE B 146 7.36 28.57 23.80
N SER B 147 8.49 28.12 24.34
CA SER B 147 9.12 26.89 23.87
C SER B 147 8.55 25.61 24.48
N SER B 148 7.89 25.73 25.62
CA SER B 148 7.36 24.55 26.30
C SER B 148 5.86 24.61 26.59
N TYR B 149 5.43 25.59 27.38
CA TYR B 149 4.03 25.66 27.76
C TYR B 149 3.12 25.68 26.55
N SER B 150 3.46 26.52 25.59
CA SER B 150 2.69 26.61 24.35
C SER B 150 2.11 25.25 23.99
N LEU B 151 2.95 24.22 24.02
CA LEU B 151 2.51 22.88 23.68
C LEU B 151 1.32 22.46 24.50
N THR B 152 1.46 22.57 25.81
CA THR B 152 0.39 22.17 26.73
C THR B 152 -0.95 22.73 26.30
N ILE B 153 -1.05 24.06 26.21
CA ILE B 153 -2.33 24.68 25.90
C ILE B 153 -2.78 24.30 24.50
N VAL B 154 -1.85 24.28 23.55
CA VAL B 154 -2.17 23.88 22.19
C VAL B 154 -2.83 22.52 22.18
N ALA B 155 -2.21 21.58 22.89
CA ALA B 155 -2.76 20.24 23.00
C ALA B 155 -4.18 20.31 23.56
N HIS B 156 -4.36 21.01 24.66
CA HIS B 156 -5.66 21.10 25.31
C HIS B 156 -6.76 21.50 24.33
N GLU B 157 -6.45 22.46 23.47
CA GLU B 157 -7.41 22.95 22.50
C GLU B 157 -7.57 22.00 21.32
N ALA B 158 -6.44 21.52 20.78
CA ALA B 158 -6.47 20.61 19.64
C ALA B 158 -7.24 19.34 19.98
N LYS B 159 -7.12 18.91 21.24
CA LYS B 159 -7.86 17.77 21.75
C LYS B 159 -9.33 17.84 21.32
N LYS B 160 -9.90 19.04 21.43
CA LYS B 160 -11.29 19.29 21.11
C LYS B 160 -11.61 19.00 19.64
N LEU B 161 -10.60 19.01 18.80
CA LEU B 161 -10.79 18.74 17.38
C LEU B 161 -10.38 17.32 16.99
N MET B 162 -10.11 16.49 17.99
CA MET B 162 -9.70 15.11 17.71
C MET B 162 -10.47 14.15 18.60
N PRO B 163 -11.76 13.97 18.28
CA PRO B 163 -12.70 13.18 19.07
C PRO B 163 -12.31 11.71 19.06
N GLU B 164 -11.96 11.19 17.89
CA GLU B 164 -11.54 9.80 17.77
C GLU B 164 -10.05 9.64 18.03
N GLY B 165 -9.41 10.69 18.53
CA GLY B 165 -8.00 10.65 18.83
C GLY B 165 -7.15 11.26 17.73
N GLY B 166 -5.83 11.17 17.88
CA GLY B 166 -4.92 11.75 16.91
C GLY B 166 -3.50 11.76 17.42
N SER B 167 -2.60 12.43 16.68
CA SER B 167 -1.19 12.46 17.03
C SER B 167 -0.65 13.88 17.10
N ILE B 168 0.11 14.17 18.15
CA ILE B 168 0.79 15.46 18.29
C ILE B 168 2.32 15.27 18.34
N VAL B 169 3.03 16.08 17.58
CA VAL B 169 4.49 16.00 17.54
C VAL B 169 5.11 17.36 17.80
N ALA B 170 6.13 17.40 18.65
CA ALA B 170 6.85 18.63 18.90
C ALA B 170 8.31 18.46 18.51
N THR B 171 9.01 19.58 18.32
CA THR B 171 10.39 19.49 17.89
C THR B 171 11.35 19.90 18.98
N THR B 172 12.25 19.00 19.35
CA THR B 172 13.22 19.33 20.37
C THR B 172 14.64 19.22 19.82
N TYR B 173 15.62 19.47 20.66
CA TYR B 173 17.02 19.37 20.27
C TYR B 173 17.81 18.61 21.35
N LEU B 174 18.91 18.00 20.94
CA LEU B 174 19.74 17.23 21.87
C LEU B 174 20.05 17.97 23.18
N GLY B 175 20.12 19.29 23.11
CA GLY B 175 20.50 20.10 24.25
C GLY B 175 19.50 20.08 25.39
N GLY B 176 18.37 19.40 25.17
CA GLY B 176 17.40 19.17 26.23
C GLY B 176 17.83 18.01 27.12
N GLU B 177 18.76 17.19 26.62
CA GLU B 177 19.21 15.99 27.33
C GLU B 177 20.62 16.14 27.85
N PHE B 178 21.37 17.05 27.27
CA PHE B 178 22.73 17.28 27.74
C PHE B 178 23.05 18.76 27.70
N ALA B 179 24.00 19.18 28.52
CA ALA B 179 24.45 20.55 28.49
C ALA B 179 25.23 20.71 27.20
N VAL B 180 24.67 21.48 26.28
CA VAL B 180 25.37 21.77 25.03
C VAL B 180 25.92 23.18 25.07
N GLN B 181 27.22 23.29 24.81
CA GLN B 181 27.88 24.59 24.78
C GLN B 181 26.97 25.63 24.14
N ASN B 182 26.61 26.65 24.91
CA ASN B 182 25.89 27.82 24.39
C ASN B 182 24.37 27.71 24.28
N TYR B 183 23.84 26.50 24.17
CA TYR B 183 22.39 26.31 24.09
C TYR B 183 21.71 26.85 25.35
N ASN B 184 22.45 26.88 26.45
CA ASN B 184 22.00 27.51 27.69
C ASN B 184 20.51 27.42 27.96
N VAL B 185 19.89 28.59 28.15
CA VAL B 185 18.49 28.66 28.56
C VAL B 185 17.56 27.86 27.64
N MET B 186 17.85 27.88 26.35
CA MET B 186 17.03 27.13 25.40
C MET B 186 17.10 25.64 25.72
N GLY B 187 18.27 25.19 26.16
CA GLY B 187 18.44 23.81 26.59
C GLY B 187 17.39 23.45 27.62
N VAL B 188 17.38 24.20 28.72
CA VAL B 188 16.43 23.96 29.80
C VAL B 188 14.98 24.01 29.33
N ALA B 189 14.69 24.91 28.38
CA ALA B 189 13.36 24.99 27.83
C ALA B 189 13.01 23.67 27.15
N LYS B 190 13.94 23.18 26.33
CA LYS B 190 13.73 21.92 25.61
C LYS B 190 13.54 20.77 26.58
N ALA B 191 14.44 20.69 27.57
CA ALA B 191 14.30 19.72 28.65
C ALA B 191 12.87 19.76 29.17
N SER B 192 12.42 20.96 29.52
CA SER B 192 11.07 21.18 29.97
C SER B 192 10.06 20.65 28.96
N LEU B 193 10.30 20.98 27.69
CA LEU B 193 9.40 20.53 26.64
C LEU B 193 9.34 19.00 26.58
N GLU B 194 10.51 18.37 26.61
CA GLU B 194 10.57 16.93 26.46
C GLU B 194 9.77 16.24 27.57
N ALA B 195 9.68 16.89 28.72
CA ALA B 195 8.91 16.34 29.83
C ALA B 195 7.43 16.62 29.60
N ASN B 196 7.14 17.84 29.14
CA ASN B 196 5.81 18.22 28.77
C ASN B 196 5.20 17.13 27.90
N VAL B 197 5.92 16.72 26.87
CA VAL B 197 5.47 15.65 26.00
C VAL B 197 5.03 14.42 26.77
N LYS B 198 5.91 13.90 27.61
CA LYS B 198 5.59 12.72 28.39
C LYS B 198 4.33 12.91 29.22
N TYR B 199 4.25 14.01 29.96
CA TYR B 199 3.08 14.24 30.81
C TYR B 199 1.81 14.37 29.99
N LEU B 200 1.90 15.04 28.84
CA LEU B 200 0.77 15.11 27.91
C LEU B 200 0.42 13.73 27.38
N ALA B 201 1.44 13.02 26.88
CA ALA B 201 1.24 11.68 26.33
C ALA B 201 0.42 10.85 27.28
N LEU B 202 0.74 10.96 28.57
CA LEU B 202 0.06 10.19 29.61
C LEU B 202 -1.35 10.70 29.79
N ASP B 203 -1.48 12.02 29.89
CA ASP B 203 -2.77 12.63 30.15
C ASP B 203 -3.77 12.29 29.06
N LEU B 204 -3.31 12.26 27.81
CA LEU B 204 -4.22 12.14 26.67
C LEU B 204 -4.19 10.78 26.02
N GLY B 205 -3.38 9.88 26.56
CA GLY B 205 -3.36 8.51 26.09
C GLY B 205 -4.75 7.92 26.02
N PRO B 206 -5.51 8.04 27.11
CA PRO B 206 -6.88 7.53 27.18
C PRO B 206 -7.76 8.10 26.07
N ASP B 207 -7.63 9.40 25.79
CA ASP B 207 -8.43 10.03 24.76
C ASP B 207 -7.86 9.68 23.39
N ASN B 208 -7.00 8.66 23.38
CA ASN B 208 -6.41 8.13 22.16
C ASN B 208 -5.63 9.17 21.37
N ILE B 209 -4.89 10.00 22.09
CA ILE B 209 -4.02 10.97 21.45
C ILE B 209 -2.57 10.68 21.81
N ARG B 210 -1.76 10.49 20.78
CA ARG B 210 -0.35 10.21 21.00
C ARG B 210 0.47 11.49 20.93
N VAL B 211 1.40 11.62 21.87
CA VAL B 211 2.22 12.82 21.96
C VAL B 211 3.70 12.42 21.94
N ASN B 212 4.42 12.87 20.94
CA ASN B 212 5.82 12.50 20.80
C ASN B 212 6.66 13.68 20.33
N ALA B 213 7.97 13.53 20.38
CA ALA B 213 8.84 14.61 19.99
C ALA B 213 9.94 14.14 19.08
N ILE B 214 10.43 15.05 18.24
CA ILE B 214 11.56 14.75 17.40
C ILE B 214 12.76 15.56 17.84
N SER B 215 13.81 14.88 18.27
CA SER B 215 15.04 15.55 18.57
C SER B 215 15.78 15.67 17.25
N ALA B 216 15.73 16.85 16.66
CA ALA B 216 16.34 17.09 15.36
C ALA B 216 17.81 17.40 15.51
N GLY B 217 18.57 17.07 14.46
CA GLY B 217 19.95 17.47 14.40
C GLY B 217 19.98 18.95 14.07
N PRO B 218 21.17 19.56 14.09
CA PRO B 218 21.25 20.98 13.74
C PRO B 218 20.88 21.18 12.30
N ILE B 219 19.98 22.12 12.03
CA ILE B 219 19.63 22.44 10.66
C ILE B 219 19.67 23.94 10.41
N ARG B 220 20.08 24.31 9.20
CA ARG B 220 20.19 25.71 8.81
C ARG B 220 18.82 26.35 8.67
N THR B 221 18.31 26.92 9.75
CA THR B 221 17.02 27.58 9.72
C THR B 221 17.18 29.07 9.96
N LEU B 222 16.09 29.79 9.82
CA LEU B 222 16.10 31.22 10.08
C LEU B 222 16.70 31.49 11.46
N SER B 223 16.16 30.82 12.47
CA SER B 223 16.60 31.00 13.85
C SER B 223 18.00 30.46 14.08
N ALA B 224 18.38 29.45 13.30
CA ALA B 224 19.73 28.89 13.41
C ALA B 224 20.74 29.95 13.06
N LYS B 225 20.30 30.96 12.32
CA LYS B 225 21.16 32.08 11.97
C LYS B 225 21.41 32.95 13.18
N GLY B 226 22.67 33.24 13.43
CA GLY B 226 23.03 34.16 14.50
C GLY B 226 23.52 33.44 15.73
N VAL B 227 23.50 32.11 15.71
CA VAL B 227 24.03 31.40 16.87
C VAL B 227 25.52 31.10 16.78
N GLY B 228 26.20 31.31 17.89
CA GLY B 228 27.64 31.13 17.95
C GLY B 228 28.04 29.68 17.84
N GLY B 229 29.09 29.41 17.07
CA GLY B 229 29.66 28.08 16.97
C GLY B 229 28.74 27.07 16.31
N PHE B 230 27.71 27.56 15.63
CA PHE B 230 26.78 26.72 14.91
C PHE B 230 27.51 25.93 13.82
N ASN B 231 28.20 26.66 12.96
CA ASN B 231 28.97 26.05 11.88
C ASN B 231 29.93 24.98 12.39
N THR B 232 30.54 25.24 13.54
CA THR B 232 31.44 24.28 14.16
C THR B 232 30.72 22.95 14.34
N ILE B 233 29.56 23.00 14.97
CA ILE B 233 28.80 21.81 15.28
C ILE B 233 28.44 21.02 14.04
N LEU B 234 27.85 21.70 13.07
CA LEU B 234 27.52 21.06 11.79
C LEU B 234 28.66 20.21 11.28
N LYS B 235 29.89 20.70 11.47
CA LYS B 235 31.06 19.99 10.99
C LYS B 235 31.36 18.81 11.90
N GLU B 236 31.38 19.08 13.20
CA GLU B 236 31.59 18.02 14.17
C GLU B 236 30.62 16.88 13.94
N ILE B 237 29.39 17.21 13.58
CA ILE B 237 28.40 16.20 13.21
C ILE B 237 28.95 15.33 12.09
N GLU B 238 29.25 15.95 10.95
CA GLU B 238 29.79 15.22 9.81
C GLU B 238 30.98 14.34 10.19
N GLU B 239 31.83 14.86 11.06
CA GLU B 239 33.04 14.15 11.47
C GLU B 239 32.77 13.04 12.48
N ARG B 240 31.81 13.24 13.37
CA ARG B 240 31.59 12.29 14.46
C ARG B 240 30.31 11.46 14.37
N ALA B 241 29.23 12.05 13.87
CA ALA B 241 27.96 11.34 13.73
C ALA B 241 28.16 10.06 12.95
N PRO B 242 27.50 8.98 13.37
CA PRO B 242 27.60 7.68 12.69
C PRO B 242 27.43 7.82 11.18
N LEU B 243 26.42 8.56 10.75
CA LEU B 243 26.17 8.73 9.33
C LEU B 243 27.17 9.69 8.67
N LYS B 244 28.04 10.30 9.48
CA LYS B 244 29.08 11.17 8.95
C LYS B 244 28.53 12.26 8.03
N ARG B 245 27.28 12.64 8.25
CA ARG B 245 26.64 13.67 7.46
C ARG B 245 25.64 14.44 8.30
N ASN B 246 25.01 15.45 7.71
CA ASN B 246 23.98 16.20 8.41
C ASN B 246 22.59 15.89 7.90
N VAL B 247 21.59 16.40 8.60
CA VAL B 247 20.19 16.09 8.29
C VAL B 247 19.48 17.33 7.76
N ASP B 248 18.32 17.12 7.13
CA ASP B 248 17.56 18.25 6.59
C ASP B 248 16.10 18.24 7.03
N GLN B 249 15.40 19.32 6.72
CA GLN B 249 14.01 19.49 7.13
C GLN B 249 13.13 18.36 6.62
N VAL B 250 13.43 17.87 5.43
CA VAL B 250 12.67 16.78 4.85
C VAL B 250 12.75 15.51 5.69
N GLU B 251 13.98 15.09 5.97
CA GLU B 251 14.18 13.90 6.79
C GLU B 251 13.34 14.00 8.03
N VAL B 252 13.36 15.17 8.65
CA VAL B 252 12.51 15.41 9.81
C VAL B 252 11.06 15.22 9.42
N GLY B 253 10.63 15.92 8.39
CA GLY B 253 9.28 15.79 7.89
C GLY B 253 8.89 14.32 7.77
N LYS B 254 9.79 13.51 7.20
CA LYS B 254 9.50 12.09 7.00
C LYS B 254 9.18 11.39 8.32
N THR B 255 10.09 11.52 9.28
CA THR B 255 9.86 10.98 10.61
C THR B 255 8.58 11.56 11.21
N ALA B 256 8.41 12.86 11.05
CA ALA B 256 7.18 13.54 11.43
C ALA B 256 5.96 12.80 10.91
N ALA B 257 5.98 12.45 9.63
CA ALA B 257 4.88 11.71 9.03
C ALA B 257 4.67 10.37 9.74
N TYR B 258 5.76 9.61 9.90
CA TYR B 258 5.68 8.35 10.62
C TYR B 258 4.94 8.54 11.93
N LEU B 259 5.31 9.60 12.65
CA LEU B 259 4.76 9.87 13.96
C LEU B 259 3.29 10.31 13.90
N LEU B 260 2.97 11.12 12.90
CA LEU B 260 1.62 11.65 12.78
C LEU B 260 0.68 10.61 12.20
N SER B 261 1.25 9.61 11.55
CA SER B 261 0.43 8.60 10.89
C SER B 261 0.11 7.46 11.84
N ASP B 262 -0.74 6.55 11.37
CA ASP B 262 -1.12 5.39 12.15
C ASP B 262 0.04 4.40 12.19
N LEU B 263 1.06 4.67 11.38
CA LEU B 263 2.28 3.87 11.40
C LEU B 263 2.85 3.80 12.80
N SER B 264 2.86 4.96 13.45
CA SER B 264 3.43 5.07 14.78
C SER B 264 2.39 4.84 15.86
N SER B 265 1.29 4.18 15.51
CA SER B 265 0.32 3.79 16.52
C SER B 265 1.05 2.89 17.51
N GLY B 266 0.81 3.11 18.80
CA GLY B 266 1.49 2.33 19.81
C GLY B 266 2.76 3.01 20.31
N VAL B 267 3.18 4.05 19.61
CA VAL B 267 4.28 4.88 20.08
C VAL B 267 3.75 6.18 20.65
N THR B 268 3.95 6.40 21.94
CA THR B 268 3.57 7.67 22.54
C THR B 268 4.54 7.99 23.66
N GLY B 269 4.76 9.28 23.91
CA GLY B 269 5.74 9.70 24.90
C GLY B 269 7.17 9.45 24.47
N GLU B 270 7.37 9.20 23.18
CA GLU B 270 8.70 8.89 22.69
C GLU B 270 9.39 10.11 22.12
N ASN B 271 10.72 10.12 22.22
CA ASN B 271 11.53 11.14 21.59
C ASN B 271 12.45 10.51 20.56
N ILE B 272 12.22 10.81 19.29
CA ILE B 272 12.98 10.21 18.21
C ILE B 272 14.05 11.14 17.69
N HIS B 273 15.30 10.68 17.73
CA HIS B 273 16.41 11.50 17.27
C HIS B 273 16.64 11.33 15.79
N VAL B 274 16.32 12.38 15.04
CA VAL B 274 16.64 12.45 13.63
C VAL B 274 17.88 13.32 13.49
N ASP B 275 19.05 12.71 13.64
CA ASP B 275 20.28 13.47 13.81
C ASP B 275 21.50 12.69 13.39
N SER B 276 21.34 11.78 12.44
CA SER B 276 22.44 10.92 12.00
C SER B 276 23.01 10.10 13.15
N GLY B 277 22.19 9.88 14.18
CA GLY B 277 22.58 9.04 15.30
C GLY B 277 23.64 9.66 16.17
N PHE B 278 23.77 10.98 16.09
CA PHE B 278 24.76 11.68 16.89
C PHE B 278 24.46 11.51 18.38
N HIS B 279 23.17 11.36 18.69
CA HIS B 279 22.73 11.17 20.06
C HIS B 279 23.32 9.91 20.69
N ALA B 280 23.72 8.96 19.86
CA ALA B 280 24.10 7.65 20.34
C ALA B 280 25.59 7.54 20.66
N ILE B 281 26.34 8.57 20.29
CA ILE B 281 27.79 8.53 20.44
C ILE B 281 28.30 9.48 21.53
N LYS B 282 29.58 9.38 21.82
CA LYS B 282 30.18 10.19 22.85
C LYS B 282 31.70 10.04 22.79
N ASN C 29 6.63 2.94 -0.13
CA ASN C 29 6.48 1.82 -1.05
C ASN C 29 7.75 1.00 -1.16
N LEU C 30 7.61 -0.32 -1.03
CA LEU C 30 8.75 -1.20 -0.83
C LEU C 30 9.06 -2.16 -1.96
N GLU C 31 8.51 -1.90 -3.16
CA GLU C 31 8.91 -2.68 -4.32
C GLU C 31 10.39 -2.45 -4.54
N ASN C 32 11.06 -3.39 -5.20
CA ASN C 32 12.48 -3.25 -5.48
C ASN C 32 13.32 -3.28 -4.20
N LYS C 33 12.66 -3.54 -3.07
CA LYS C 33 13.34 -3.65 -1.80
C LYS C 33 13.31 -5.09 -1.33
N THR C 34 14.45 -5.56 -0.84
CA THR C 34 14.56 -6.93 -0.38
C THR C 34 15.11 -6.99 1.04
N TYR C 35 14.33 -7.57 1.95
CA TYR C 35 14.71 -7.64 3.35
C TYR C 35 14.78 -9.06 3.86
N VAL C 36 15.73 -9.31 4.75
CA VAL C 36 15.89 -10.61 5.38
C VAL C 36 15.25 -10.56 6.76
N ILE C 37 14.31 -11.48 7.00
CA ILE C 37 13.64 -11.54 8.29
C ILE C 37 14.06 -12.78 9.06
N MET C 38 14.74 -12.58 10.17
CA MET C 38 15.22 -13.68 10.99
C MET C 38 14.43 -13.79 12.29
N GLY C 39 13.96 -14.99 12.61
CA GLY C 39 13.36 -15.24 13.91
C GLY C 39 11.85 -15.44 13.89
N ILE C 40 11.36 -16.06 12.83
CA ILE C 40 9.95 -16.45 12.80
C ILE C 40 9.83 -17.89 13.28
N ALA C 41 8.93 -18.12 14.23
CA ALA C 41 8.68 -19.44 14.76
C ALA C 41 7.25 -19.85 14.51
N ASN C 42 6.35 -18.87 14.42
CA ASN C 42 4.94 -19.12 14.15
C ASN C 42 4.14 -17.87 13.84
N LYS C 43 2.84 -18.05 13.67
CA LYS C 43 1.93 -16.95 13.33
C LYS C 43 1.92 -15.87 14.42
N ARG C 44 2.42 -16.22 15.60
CA ARG C 44 2.43 -15.29 16.72
C ARG C 44 3.79 -14.63 16.88
N SER C 45 4.78 -15.17 16.18
CA SER C 45 6.08 -14.53 16.13
C SER C 45 5.92 -13.06 15.84
N ILE C 46 6.72 -12.25 16.52
CA ILE C 46 6.74 -10.83 16.26
C ILE C 46 7.25 -10.60 14.84
N ALA C 47 8.29 -11.36 14.49
CA ALA C 47 8.91 -11.24 13.17
C ALA C 47 7.89 -11.50 12.07
N PHE C 48 6.85 -12.26 12.41
CA PHE C 48 5.79 -12.51 11.45
C PHE C 48 4.93 -11.27 11.29
N GLY C 49 4.58 -10.64 12.40
CA GLY C 49 3.85 -9.39 12.37
C GLY C 49 4.54 -8.39 11.47
N VAL C 50 5.87 -8.40 11.52
CA VAL C 50 6.68 -7.57 10.64
C VAL C 50 6.49 -7.98 9.18
N ALA C 51 6.77 -9.25 8.90
CA ALA C 51 6.70 -9.78 7.54
C ALA C 51 5.41 -9.37 6.83
N LYS C 52 4.28 -9.62 7.49
CA LYS C 52 3.00 -9.26 6.94
C LYS C 52 3.02 -7.82 6.43
N VAL C 53 3.45 -6.91 7.28
CA VAL C 53 3.50 -5.49 6.95
C VAL C 53 4.38 -5.23 5.73
N LEU C 54 5.58 -5.78 5.75
CA LEU C 54 6.52 -5.59 4.65
C LEU C 54 5.97 -6.17 3.35
N ASP C 55 5.53 -7.43 3.42
CA ASP C 55 4.91 -8.07 2.28
C ASP C 55 3.83 -7.15 1.72
N GLN C 56 3.01 -6.62 2.62
CA GLN C 56 1.91 -5.75 2.23
C GLN C 56 2.41 -4.48 1.56
N LEU C 57 3.71 -4.23 1.62
CA LEU C 57 4.26 -3.05 0.97
C LEU C 57 5.06 -3.39 -0.28
N GLY C 58 4.98 -4.65 -0.70
CA GLY C 58 5.59 -5.07 -1.95
C GLY C 58 7.07 -5.37 -1.85
N ALA C 59 7.56 -5.51 -0.63
CA ALA C 59 8.96 -5.85 -0.41
C ALA C 59 9.18 -7.33 -0.74
N LYS C 60 10.34 -7.64 -1.30
CA LYS C 60 10.74 -9.02 -1.50
C LYS C 60 11.34 -9.50 -0.19
N LEU C 61 10.82 -10.60 0.34
CA LEU C 61 11.22 -11.06 1.67
C LEU C 61 12.00 -12.38 1.67
N VAL C 62 13.06 -12.42 2.46
CA VAL C 62 13.85 -13.63 2.68
C VAL C 62 13.78 -14.01 4.15
N PHE C 63 13.78 -15.30 4.45
CA PHE C 63 13.57 -15.75 5.82
C PHE C 63 14.66 -16.69 6.29
N THR C 64 14.86 -16.75 7.61
CA THR C 64 15.79 -17.72 8.18
C THR C 64 15.18 -18.42 9.38
N TYR C 65 15.54 -19.68 9.56
CA TYR C 65 15.02 -20.50 10.64
C TYR C 65 16.16 -21.27 11.30
N ARG C 66 15.90 -21.82 12.49
CA ARG C 66 16.94 -22.53 13.21
C ARG C 66 16.95 -24.03 12.91
N LYS C 67 15.80 -24.67 13.09
CA LYS C 67 15.70 -26.12 12.89
C LYS C 67 14.87 -26.48 11.66
N GLU C 68 15.17 -27.61 11.05
CA GLU C 68 14.44 -28.10 9.88
C GLU C 68 12.95 -28.19 10.15
N ARG C 69 12.62 -28.92 11.21
CA ARG C 69 11.22 -29.18 11.55
C ARG C 69 10.35 -27.94 11.50
N SER C 70 10.94 -26.79 11.77
CA SER C 70 10.23 -25.53 11.67
C SER C 70 9.90 -25.23 10.20
N ARG C 71 10.88 -25.46 9.32
CA ARG C 71 10.79 -25.07 7.91
C ARG C 71 9.45 -25.37 7.25
N LYS C 72 8.92 -26.56 7.49
CA LYS C 72 7.65 -26.92 6.87
C LYS C 72 6.53 -26.01 7.34
N GLU C 73 6.29 -25.99 8.65
CA GLU C 73 5.35 -25.06 9.26
C GLU C 73 5.53 -23.67 8.68
N LEU C 74 6.78 -23.35 8.38
CA LEU C 74 7.17 -22.05 7.87
C LEU C 74 6.60 -21.81 6.47
N GLU C 75 6.97 -22.67 5.52
CA GLU C 75 6.44 -22.59 4.15
C GLU C 75 4.92 -22.52 4.20
N LYS C 76 4.33 -23.30 5.10
CA LYS C 76 2.90 -23.28 5.34
C LYS C 76 2.43 -21.85 5.60
N LEU C 77 3.22 -21.13 6.39
CA LEU C 77 2.91 -19.76 6.76
C LEU C 77 2.99 -18.81 5.56
N LEU C 78 4.15 -18.78 4.92
CA LEU C 78 4.42 -17.93 3.77
C LEU C 78 3.25 -17.80 2.83
N GLU C 79 2.52 -18.88 2.67
CA GLU C 79 1.43 -18.93 1.71
C GLU C 79 0.44 -17.79 1.92
N GLN C 80 0.43 -17.21 3.11
CA GLN C 80 -0.45 -16.10 3.41
C GLN C 80 0.10 -14.79 2.87
N LEU C 81 1.25 -14.87 2.20
CA LEU C 81 1.89 -13.68 1.67
C LEU C 81 1.95 -13.71 0.16
N ASN C 82 2.02 -12.52 -0.43
CA ASN C 82 2.13 -12.39 -1.87
C ASN C 82 3.59 -12.42 -2.29
N GLN C 83 4.31 -13.43 -1.80
CA GLN C 83 5.70 -13.62 -2.17
C GLN C 83 5.79 -14.59 -3.33
N PRO C 84 6.23 -14.10 -4.50
CA PRO C 84 6.35 -14.90 -5.71
C PRO C 84 6.99 -16.25 -5.37
N GLU C 85 8.27 -16.23 -5.03
CA GLU C 85 8.94 -17.44 -4.57
C GLU C 85 9.28 -17.32 -3.10
N ALA C 86 9.33 -18.46 -2.43
CA ALA C 86 9.74 -18.53 -1.05
C ALA C 86 11.24 -18.73 -0.97
N HIS C 87 11.94 -17.78 -0.35
CA HIS C 87 13.37 -17.91 -0.13
C HIS C 87 13.64 -18.18 1.34
N LEU C 88 13.79 -19.45 1.69
CA LEU C 88 14.04 -19.82 3.08
C LEU C 88 15.43 -20.41 3.24
N TYR C 89 16.16 -19.93 4.24
CA TYR C 89 17.48 -20.43 4.52
C TYR C 89 17.56 -20.84 5.99
N GLN C 90 18.33 -21.89 6.29
CA GLN C 90 18.47 -22.33 7.67
C GLN C 90 19.74 -21.80 8.30
N ILE C 91 19.59 -20.92 9.28
CA ILE C 91 20.73 -20.41 10.02
C ILE C 91 20.50 -20.45 11.52
N ASP C 92 21.30 -21.24 12.22
CA ASP C 92 21.38 -21.15 13.67
C ASP C 92 22.52 -20.20 13.96
N VAL C 93 22.21 -19.15 14.71
CA VAL C 93 23.14 -18.04 14.87
C VAL C 93 24.32 -18.35 15.77
N GLN C 94 24.34 -19.55 16.34
CA GLN C 94 25.48 -19.95 17.16
C GLN C 94 26.65 -20.40 16.32
N SER C 95 26.37 -20.75 15.05
CA SER C 95 27.42 -21.20 14.14
C SER C 95 27.91 -20.04 13.27
N ASP C 96 29.19 -19.71 13.42
CA ASP C 96 29.80 -18.68 12.59
C ASP C 96 29.56 -18.97 11.11
N GLU C 97 29.70 -20.24 10.73
CA GLU C 97 29.54 -20.62 9.33
C GLU C 97 28.11 -20.49 8.85
N GLU C 98 27.19 -21.16 9.53
CA GLU C 98 25.80 -21.14 9.13
C GLU C 98 25.38 -19.74 8.73
N VAL C 99 25.96 -18.76 9.42
CA VAL C 99 25.70 -17.35 9.14
C VAL C 99 26.46 -16.86 7.92
N ILE C 100 27.79 -16.96 7.96
CA ILE C 100 28.63 -16.57 6.84
C ILE C 100 28.13 -17.21 5.54
N ASN C 101 28.02 -18.52 5.55
CA ASN C 101 27.55 -19.25 4.37
C ASN C 101 26.12 -18.87 4.01
N GLY C 102 25.23 -19.00 4.99
CA GLY C 102 23.83 -18.66 4.78
C GLY C 102 23.65 -17.37 4.00
N PHE C 103 24.37 -16.33 4.40
CA PHE C 103 24.24 -15.03 3.75
C PHE C 103 24.83 -15.04 2.35
N GLU C 104 26.07 -15.48 2.23
CA GLU C 104 26.71 -15.61 0.94
C GLU C 104 25.75 -16.24 -0.05
N GLN C 105 25.11 -17.33 0.38
CA GLN C 105 24.17 -18.05 -0.46
C GLN C 105 23.05 -17.13 -0.92
N ILE C 106 22.44 -16.42 0.02
CA ILE C 106 21.41 -15.44 -0.31
C ILE C 106 21.95 -14.46 -1.33
N GLY C 107 23.18 -14.00 -1.11
CA GLY C 107 23.84 -13.10 -2.04
C GLY C 107 23.85 -13.68 -3.44
N LYS C 108 24.04 -15.00 -3.51
CA LYS C 108 24.06 -15.70 -4.78
C LYS C 108 22.66 -15.88 -5.33
N ASP C 109 21.70 -16.16 -4.46
CA ASP C 109 20.34 -16.47 -4.88
C ASP C 109 19.50 -15.24 -5.18
N VAL C 110 19.72 -14.16 -4.43
CA VAL C 110 18.88 -12.98 -4.58
C VAL C 110 19.70 -11.71 -4.78
N GLY C 111 21.03 -11.84 -4.73
CA GLY C 111 21.89 -10.70 -4.94
C GLY C 111 21.92 -9.79 -3.72
N ASN C 112 21.80 -8.49 -3.95
CA ASN C 112 21.90 -7.52 -2.86
C ASN C 112 20.58 -7.29 -2.12
N ILE C 113 20.67 -6.92 -0.85
CA ILE C 113 19.50 -6.66 -0.03
C ILE C 113 19.50 -5.24 0.50
N ASP C 114 18.35 -4.81 1.04
CA ASP C 114 18.19 -3.45 1.49
C ASP C 114 18.26 -3.35 3.01
N GLY C 115 18.13 -4.49 3.68
CA GLY C 115 18.15 -4.50 5.13
C GLY C 115 17.80 -5.83 5.74
N VAL C 116 17.88 -5.88 7.08
CA VAL C 116 17.66 -7.11 7.84
C VAL C 116 16.83 -6.85 9.10
N TYR C 117 15.86 -7.73 9.36
CA TYR C 117 15.16 -7.65 10.63
C TYR C 117 15.58 -8.81 11.52
N HIS C 118 15.91 -8.48 12.77
CA HIS C 118 16.49 -9.44 13.68
C HIS C 118 15.55 -9.64 14.86
N SER C 119 14.84 -10.75 14.85
CA SER C 119 13.85 -11.05 15.88
C SER C 119 14.24 -12.30 16.66
N ILE C 120 15.52 -12.43 16.96
CA ILE C 120 16.06 -13.62 17.60
C ILE C 120 16.57 -13.37 19.02
N ALA C 121 16.36 -14.33 19.90
CA ALA C 121 16.88 -14.25 21.27
C ALA C 121 16.60 -15.55 22.00
N PHE C 122 17.39 -15.84 23.03
CA PHE C 122 17.13 -17.01 23.86
C PHE C 122 17.71 -16.89 25.26
N ALA C 123 17.09 -17.61 26.19
CA ALA C 123 17.57 -17.72 27.57
C ALA C 123 16.92 -18.94 28.20
N ASN C 124 17.60 -19.56 29.16
CA ASN C 124 17.06 -20.71 29.85
C ASN C 124 16.00 -20.33 30.86
N MET C 125 14.83 -20.94 30.72
CA MET C 125 13.72 -20.64 31.61
C MET C 125 14.10 -20.74 33.08
N GLU C 126 15.08 -21.59 33.38
CA GLU C 126 15.57 -21.71 34.75
C GLU C 126 16.10 -20.39 35.23
N ASP C 127 17.10 -19.87 34.53
CA ASP C 127 17.77 -18.63 34.89
C ASP C 127 16.81 -17.45 35.02
N LEU C 128 15.58 -17.61 34.53
CA LEU C 128 14.59 -16.55 34.56
C LEU C 128 13.69 -16.69 35.77
N ARG C 129 13.74 -17.86 36.37
CA ARG C 129 12.90 -18.15 37.50
C ARG C 129 13.72 -17.97 38.76
N GLY C 130 14.90 -18.59 38.76
CA GLY C 130 15.80 -18.47 39.88
C GLY C 130 16.07 -17.01 40.15
N ARG C 131 16.62 -16.73 41.33
CA ARG C 131 17.09 -15.39 41.62
C ARG C 131 18.16 -15.09 40.60
N PHE C 132 18.28 -13.82 40.23
CA PHE C 132 19.23 -13.45 39.21
C PHE C 132 20.66 -13.76 39.64
N SER C 133 20.96 -13.53 40.91
CA SER C 133 22.30 -13.76 41.42
C SER C 133 22.72 -15.23 41.26
N GLU C 134 21.74 -16.10 41.15
CA GLU C 134 22.01 -17.53 41.04
C GLU C 134 22.30 -17.94 39.59
N THR C 135 22.05 -17.02 38.67
CA THR C 135 22.28 -17.27 37.23
C THR C 135 23.61 -18.00 36.97
N SER C 136 23.53 -19.06 36.17
CA SER C 136 24.71 -19.86 35.83
C SER C 136 25.54 -19.18 34.75
N ARG C 137 26.83 -19.49 34.72
CA ARG C 137 27.71 -18.89 33.72
C ARG C 137 27.32 -19.30 32.28
N GLU C 138 27.04 -20.59 32.06
CA GLU C 138 26.62 -21.01 30.74
C GLU C 138 25.37 -20.23 30.34
N GLY C 139 24.34 -20.36 31.18
CA GLY C 139 23.07 -19.71 30.92
C GLY C 139 23.28 -18.26 30.55
N PHE C 140 24.10 -17.57 31.33
CA PHE C 140 24.42 -16.17 31.07
C PHE C 140 25.05 -15.99 29.68
N LEU C 141 26.24 -16.56 29.49
CA LEU C 141 26.97 -16.40 28.24
C LEU C 141 26.18 -16.86 27.03
N LEU C 142 25.35 -17.89 27.22
CA LEU C 142 24.49 -18.38 26.16
C LEU C 142 23.56 -17.29 25.64
N ALA C 143 22.83 -16.66 26.55
CA ALA C 143 21.93 -15.58 26.18
C ALA C 143 22.68 -14.45 25.49
N GLN C 144 23.83 -14.08 26.04
CA GLN C 144 24.65 -13.08 25.40
C GLN C 144 24.93 -13.46 23.96
N ASP C 145 25.32 -14.71 23.77
CA ASP C 145 25.67 -15.22 22.45
C ASP C 145 24.51 -15.06 21.47
N ILE C 146 23.42 -15.76 21.75
CA ILE C 146 22.28 -15.80 20.85
C ILE C 146 21.55 -14.46 20.76
N SER C 147 21.36 -13.83 21.90
CA SER C 147 20.50 -12.65 21.97
C SER C 147 21.20 -11.35 21.58
N SER C 148 22.53 -11.34 21.64
CA SER C 148 23.25 -10.11 21.35
C SER C 148 24.29 -10.28 20.25
N TYR C 149 25.29 -11.12 20.49
CA TYR C 149 26.36 -11.24 19.52
C TYR C 149 25.83 -11.54 18.13
N SER C 150 24.88 -12.47 18.07
CA SER C 150 24.29 -12.86 16.79
C SER C 150 24.17 -11.66 15.88
N LEU C 151 23.63 -10.57 16.43
CA LEU C 151 23.47 -9.34 15.66
C LEU C 151 24.77 -8.89 15.02
N THR C 152 25.82 -8.78 15.83
CA THR C 152 27.12 -8.33 15.34
C THR C 152 27.55 -9.08 14.08
N ILE C 153 27.65 -10.40 14.19
CA ILE C 153 28.12 -11.18 13.05
C ILE C 153 27.15 -11.11 11.87
N VAL C 154 25.85 -11.16 12.14
CA VAL C 154 24.84 -11.02 11.09
C VAL C 154 25.07 -9.72 10.33
N ALA C 155 25.22 -8.63 11.07
CA ALA C 155 25.52 -7.36 10.45
C ALA C 155 26.74 -7.48 9.55
N HIS C 156 27.83 -8.00 10.10
CA HIS C 156 29.08 -8.08 9.36
C HIS C 156 28.88 -8.74 8.00
N GLU C 157 28.08 -9.80 7.98
CA GLU C 157 27.82 -10.53 6.76
C GLU C 157 26.83 -9.81 5.86
N ALA C 158 25.73 -9.33 6.44
CA ALA C 158 24.71 -8.63 5.66
C ALA C 158 25.29 -7.41 4.98
N LYS C 159 26.26 -6.79 5.64
CA LYS C 159 26.97 -5.64 5.10
C LYS C 159 27.40 -5.91 3.66
N LYS C 160 27.92 -7.12 3.44
CA LYS C 160 28.43 -7.52 2.13
C LYS C 160 27.35 -7.52 1.06
N LEU C 161 26.09 -7.57 1.47
CA LEU C 161 24.97 -7.56 0.54
C LEU C 161 24.29 -6.20 0.45
N MET C 162 24.90 -5.19 1.05
CA MET C 162 24.32 -3.85 1.02
C MET C 162 25.39 -2.83 0.67
N PRO C 163 25.79 -2.82 -0.60
CA PRO C 163 26.90 -1.99 -1.12
C PRO C 163 26.54 -0.52 -1.06
N GLU C 164 25.31 -0.18 -1.44
CA GLU C 164 24.86 1.21 -1.39
C GLU C 164 24.28 1.56 -0.02
N GLY C 165 24.44 0.65 0.94
CA GLY C 165 23.92 0.86 2.27
C GLY C 165 22.60 0.16 2.51
N GLY C 166 22.02 0.38 3.69
CA GLY C 166 20.77 -0.25 4.06
C GLY C 166 20.44 -0.04 5.53
N SER C 167 19.41 -0.74 6.00
CA SER C 167 18.94 -0.58 7.37
C SER C 167 18.82 -1.91 8.11
N ILE C 168 19.32 -1.94 9.34
CA ILE C 168 19.19 -3.12 10.19
C ILE C 168 18.41 -2.79 11.45
N VAL C 169 17.47 -3.66 11.79
CA VAL C 169 16.64 -3.45 12.98
C VAL C 169 16.64 -4.67 13.87
N ALA C 170 16.79 -4.47 15.17
CA ALA C 170 16.74 -5.57 16.11
C ALA C 170 15.63 -5.33 17.12
N THR C 171 15.19 -6.40 17.79
CA THR C 171 14.07 -6.27 18.71
C THR C 171 14.50 -6.41 20.15
N THR C 172 14.29 -5.37 20.94
CA THR C 172 14.66 -5.43 22.35
C THR C 172 13.42 -5.26 23.22
N TYR C 173 13.63 -5.27 24.53
CA TYR C 173 12.54 -5.09 25.48
C TYR C 173 12.95 -4.11 26.56
N LEU C 174 11.97 -3.50 27.20
CA LEU C 174 12.23 -2.50 28.24
C LEU C 174 13.19 -2.98 29.34
N GLY C 175 13.22 -4.28 29.57
CA GLY C 175 14.06 -4.84 30.62
C GLY C 175 15.53 -4.68 30.32
N GLY C 176 15.86 -4.16 29.15
CA GLY C 176 17.25 -3.86 28.83
C GLY C 176 17.67 -2.55 29.46
N GLU C 177 16.69 -1.73 29.84
CA GLU C 177 16.96 -0.42 30.40
C GLU C 177 16.67 -0.34 31.89
N PHE C 178 15.84 -1.25 32.39
CA PHE C 178 15.54 -1.28 33.81
C PHE C 178 15.46 -2.71 34.30
N ALA C 179 15.70 -2.91 35.59
CA ALA C 179 15.55 -4.22 36.19
C ALA C 179 14.07 -4.51 36.20
N VAL C 180 13.66 -5.47 35.38
CA VAL C 180 12.27 -5.90 35.35
C VAL C 180 12.12 -7.22 36.07
N GLN C 181 11.22 -7.27 37.04
CA GLN C 181 10.96 -8.48 37.78
C GLN C 181 11.02 -9.68 36.86
N ASN C 182 11.94 -10.61 37.15
CA ASN C 182 12.01 -11.91 36.47
C ASN C 182 12.74 -11.97 35.13
N TYR C 183 12.86 -10.83 34.45
CA TYR C 183 13.52 -10.81 33.15
C TYR C 183 14.98 -11.17 33.30
N ASN C 184 15.50 -10.95 34.51
CA ASN C 184 16.85 -11.39 34.89
C ASN C 184 17.87 -11.41 33.76
N VAL C 185 18.45 -12.58 33.51
CA VAL C 185 19.55 -12.70 32.57
C VAL C 185 19.19 -12.17 31.19
N MET C 186 17.94 -12.35 30.77
CA MET C 186 17.54 -11.88 29.45
C MET C 186 17.64 -10.36 29.41
N GLY C 187 17.31 -9.72 30.53
CA GLY C 187 17.46 -8.29 30.68
C GLY C 187 18.85 -7.86 30.28
N VAL C 188 19.86 -8.43 30.95
CA VAL C 188 21.25 -8.11 30.68
C VAL C 188 21.64 -8.37 29.23
N ALA C 189 21.10 -9.44 28.65
CA ALA C 189 21.36 -9.72 27.25
C ALA C 189 20.83 -8.58 26.40
N LYS C 190 19.61 -8.13 26.69
CA LYS C 190 19.00 -7.04 25.93
C LYS C 190 19.80 -5.76 26.08
N ALA C 191 20.15 -5.44 27.32
CA ALA C 191 21.01 -4.32 27.59
C ALA C 191 22.22 -4.41 26.67
N SER C 192 22.85 -5.59 26.66
CA SER C 192 23.99 -5.83 25.82
C SER C 192 23.65 -5.57 24.35
N LEU C 193 22.49 -6.06 23.94
CA LEU C 193 22.06 -5.89 22.57
C LEU C 193 21.89 -4.40 22.21
N GLU C 194 21.21 -3.66 23.09
CA GLU C 194 20.94 -2.27 22.84
C GLU C 194 22.24 -1.50 22.65
N ALA C 195 23.30 -1.97 23.29
CA ALA C 195 24.60 -1.32 23.12
C ALA C 195 25.20 -1.76 21.81
N ASN C 196 25.09 -3.05 21.55
CA ASN C 196 25.53 -3.63 20.29
C ASN C 196 25.03 -2.75 19.14
N VAL C 197 23.74 -2.42 19.17
CA VAL C 197 23.16 -1.59 18.14
C VAL C 197 23.93 -0.29 17.95
N LYS C 198 24.12 0.45 19.04
CA LYS C 198 24.83 1.72 18.97
C LYS C 198 26.22 1.54 18.37
N TYR C 199 26.98 0.59 18.90
CA TYR C 199 28.33 0.38 18.39
C TYR C 199 28.34 0.00 16.91
N LEU C 200 27.40 -0.85 16.49
CA LEU C 200 27.24 -1.15 15.08
C LEU C 200 26.85 0.08 14.27
N ALA C 201 25.84 0.79 14.75
CA ALA C 201 25.36 2.00 14.08
C ALA C 201 26.51 2.92 13.76
N LEU C 202 27.43 3.04 14.71
CA LEU C 202 28.61 3.90 14.57
C LEU C 202 29.58 3.29 13.57
N ASP C 203 29.85 2.00 13.74
CA ASP C 203 30.80 1.32 12.88
C ASP C 203 30.38 1.37 11.42
N LEU C 204 29.08 1.22 11.18
CA LEU C 204 28.60 1.07 9.80
C LEU C 204 27.93 2.32 9.25
N GLY C 205 27.86 3.37 10.07
CA GLY C 205 27.33 4.64 9.61
C GLY C 205 27.96 5.05 8.29
N PRO C 206 29.30 5.04 8.23
CA PRO C 206 30.04 5.43 7.03
C PRO C 206 29.64 4.62 5.81
N ASP C 207 29.49 3.31 5.98
CA ASP C 207 29.08 2.45 4.88
C ASP C 207 27.59 2.61 4.61
N ASN C 208 27.02 3.69 5.15
CA ASN C 208 25.63 4.06 4.93
C ASN C 208 24.64 3.00 5.36
N ILE C 209 24.95 2.35 6.47
CA ILE C 209 24.03 1.36 7.04
C ILE C 209 23.51 1.86 8.38
N ARG C 210 22.19 1.91 8.51
CA ARG C 210 21.58 2.36 9.74
C ARG C 210 21.20 1.16 10.60
N VAL C 211 21.50 1.26 11.88
CA VAL C 211 21.24 0.17 12.80
C VAL C 211 20.41 0.71 13.96
N ASN C 212 19.20 0.19 14.11
CA ASN C 212 18.34 0.68 15.18
C ASN C 212 17.62 -0.47 15.84
N ALA C 213 16.95 -0.19 16.94
CA ALA C 213 16.25 -1.24 17.66
C ALA C 213 14.82 -0.82 18.02
N ILE C 214 13.95 -1.82 18.13
CA ILE C 214 12.61 -1.59 18.63
C ILE C 214 12.41 -2.21 20.00
N SER C 215 12.15 -1.36 20.99
CA SER C 215 11.78 -1.84 22.31
C SER C 215 10.29 -2.10 22.23
N ALA C 216 9.94 -3.37 22.11
CA ALA C 216 8.56 -3.79 21.99
C ALA C 216 7.91 -3.95 23.36
N GLY C 217 6.61 -3.69 23.42
CA GLY C 217 5.85 -3.97 24.62
C GLY C 217 5.72 -5.46 24.71
N PRO C 218 5.13 -5.98 25.79
CA PRO C 218 4.92 -7.42 25.91
C PRO C 218 3.91 -7.89 24.88
N ILE C 219 4.25 -8.95 24.17
CA ILE C 219 3.33 -9.53 23.20
C ILE C 219 3.25 -11.04 23.34
N ARG C 220 2.05 -11.56 23.12
CA ARG C 220 1.80 -12.98 23.26
C ARG C 220 2.47 -13.77 22.15
N THR C 221 3.70 -14.19 22.38
CA THR C 221 4.43 -14.97 21.39
C THR C 221 4.70 -16.38 21.89
N LEU C 222 5.25 -17.22 21.03
CA LEU C 222 5.61 -18.57 21.40
C LEU C 222 6.44 -18.53 22.68
N SER C 223 7.50 -17.74 22.64
CA SER C 223 8.45 -17.66 23.75
C SER C 223 7.84 -16.98 24.96
N ALA C 224 6.90 -16.06 24.72
CA ALA C 224 6.20 -15.38 25.80
C ALA C 224 5.46 -16.41 26.65
N LYS C 225 5.18 -17.55 26.05
CA LYS C 225 4.52 -18.61 26.77
C LYS C 225 5.49 -19.23 27.75
N GLY C 226 5.06 -19.36 28.99
CA GLY C 226 5.85 -20.03 30.01
C GLY C 226 6.55 -19.08 30.97
N VAL C 227 6.43 -17.78 30.71
CA VAL C 227 7.04 -16.79 31.59
C VAL C 227 6.14 -16.45 32.76
N GLY C 228 6.71 -16.40 33.96
CA GLY C 228 5.93 -16.04 35.15
C GLY C 228 5.66 -14.54 35.17
N GLY C 229 4.55 -14.08 35.72
CA GLY C 229 4.34 -12.64 35.74
C GLY C 229 4.09 -12.01 34.39
N PHE C 230 3.75 -12.85 33.40
CA PHE C 230 3.50 -12.30 32.09
C PHE C 230 2.11 -11.66 32.04
N ASN C 231 1.07 -12.46 32.28
CA ASN C 231 -0.29 -11.98 32.26
C ASN C 231 -0.47 -10.76 33.16
N THR C 232 0.21 -10.75 34.29
CA THR C 232 0.14 -9.63 35.22
C THR C 232 0.54 -8.35 34.52
N ILE C 233 1.70 -8.41 33.87
CA ILE C 233 2.25 -7.24 33.20
C ILE C 233 1.32 -6.73 32.11
N LEU C 234 0.87 -7.64 31.24
CA LEU C 234 -0.06 -7.27 30.18
C LEU C 234 -1.17 -6.40 30.72
N LYS C 235 -1.64 -6.73 31.92
CA LYS C 235 -2.73 -5.99 32.55
C LYS C 235 -2.23 -4.65 33.07
N GLU C 236 -1.13 -4.69 33.81
CA GLU C 236 -0.53 -3.47 34.31
C GLU C 236 -0.30 -2.47 33.18
N ILE C 237 0.09 -2.97 32.01
CA ILE C 237 0.20 -2.13 30.82
C ILE C 237 -1.11 -1.41 30.54
N GLU C 238 -2.17 -2.19 30.32
CA GLU C 238 -3.48 -1.63 30.06
C GLU C 238 -3.87 -0.60 31.10
N GLU C 239 -3.57 -0.89 32.35
CA GLU C 239 -3.94 -0.02 33.45
C GLU C 239 -3.07 1.22 33.59
N ARG C 240 -1.79 1.10 33.26
CA ARG C 240 -0.87 2.21 33.50
C ARG C 240 -0.34 2.91 32.24
N ALA C 241 -0.08 2.13 31.18
CA ALA C 241 0.42 2.68 29.93
C ALA C 241 -0.46 3.82 29.46
N PRO C 242 0.16 4.88 28.93
CA PRO C 242 -0.59 6.05 28.45
C PRO C 242 -1.77 5.65 27.55
N LEU C 243 -1.54 4.74 26.61
CA LEU C 243 -2.59 4.33 25.69
C LEU C 243 -3.59 3.38 26.34
N LYS C 244 -3.31 2.97 27.58
CA LYS C 244 -4.21 2.12 28.34
C LYS C 244 -4.57 0.83 27.60
N ARG C 245 -3.67 0.38 26.75
CA ARG C 245 -3.91 -0.82 25.96
C ARG C 245 -2.59 -1.53 25.69
N ASN C 246 -2.67 -2.66 25.00
CA ASN C 246 -1.46 -3.37 24.63
C ASN C 246 -1.17 -3.27 23.15
N VAL C 247 0.01 -3.72 22.76
CA VAL C 247 0.46 -3.62 21.38
C VAL C 247 0.51 -5.00 20.71
N ASP C 248 0.58 -5.01 19.38
CA ASP C 248 0.64 -6.28 18.65
C ASP C 248 1.80 -6.34 17.64
N GLN C 249 2.02 -7.52 17.08
CA GLN C 249 3.12 -7.75 16.15
C GLN C 249 3.07 -6.82 14.95
N VAL C 250 1.87 -6.51 14.50
CA VAL C 250 1.69 -5.59 13.37
C VAL C 250 2.24 -4.20 13.70
N GLU C 251 1.79 -3.62 14.81
CA GLU C 251 2.24 -2.30 15.20
C GLU C 251 3.75 -2.24 15.16
N VAL C 252 4.36 -3.30 15.68
CA VAL C 252 5.80 -3.43 15.62
C VAL C 252 6.24 -3.43 14.17
N GLY C 253 5.67 -4.34 13.39
CA GLY C 253 5.95 -4.39 11.97
C GLY C 253 5.91 -3.01 11.34
N LYS C 254 4.88 -2.24 11.65
CA LYS C 254 4.73 -0.91 11.08
C LYS C 254 5.94 -0.05 11.38
N THR C 255 6.28 0.05 12.65
CA THR C 255 7.45 0.82 13.05
C THR C 255 8.70 0.25 12.38
N ALA C 256 8.76 -1.08 12.32
CA ALA C 256 9.85 -1.78 11.66
C ALA C 256 10.01 -1.28 10.23
N ALA C 257 8.90 -1.15 9.53
CA ALA C 257 8.89 -0.63 8.18
C ALA C 257 9.46 0.78 8.15
N TYR C 258 8.96 1.65 9.02
CA TYR C 258 9.48 3.00 9.12
C TYR C 258 10.98 2.96 9.20
N LEU C 259 11.49 2.12 10.09
CA LEU C 259 12.92 2.01 10.33
C LEU C 259 13.69 1.41 9.14
N LEU C 260 13.12 0.40 8.52
CA LEU C 260 13.79 -0.25 7.40
C LEU C 260 13.73 0.58 6.12
N SER C 261 12.77 1.51 6.07
CA SER C 261 12.57 2.33 4.88
C SER C 261 13.42 3.58 4.91
N ASP C 262 13.41 4.32 3.81
CA ASP C 262 14.16 5.56 3.70
C ASP C 262 13.47 6.65 4.51
N LEU C 263 12.28 6.33 5.01
CA LEU C 263 11.55 7.22 5.89
C LEU C 263 12.38 7.56 7.13
N SER C 264 13.05 6.55 7.67
CA SER C 264 13.86 6.73 8.85
C SER C 264 15.31 7.07 8.49
N SER C 265 15.53 7.57 7.29
CA SER C 265 16.88 8.00 6.93
C SER C 265 17.24 9.08 7.91
N GLY C 266 18.48 9.08 8.39
CA GLY C 266 18.88 10.07 9.37
C GLY C 266 18.68 9.59 10.80
N VAL C 267 17.95 8.49 10.95
CA VAL C 267 17.81 7.85 12.25
C VAL C 267 18.69 6.60 12.31
N THR C 268 19.70 6.63 13.18
CA THR C 268 20.54 5.46 13.39
C THR C 268 20.98 5.44 14.84
N GLY C 269 21.18 4.23 15.39
CA GLY C 269 21.54 4.10 16.79
C GLY C 269 20.39 4.43 17.73
N GLU C 270 19.18 4.47 17.20
CA GLU C 270 18.03 4.81 18.02
C GLU C 270 17.28 3.58 18.48
N ASN C 271 16.65 3.70 19.65
CA ASN C 271 15.79 2.66 20.17
C ASN C 271 14.37 3.20 20.32
N ILE C 272 13.47 2.66 19.52
CA ILE C 272 12.10 3.15 19.49
C ILE C 272 11.18 2.23 20.28
N HIS C 273 10.51 2.79 21.28
CA HIS C 273 9.61 2.01 22.11
C HIS C 273 8.23 1.98 21.49
N VAL C 274 7.86 0.80 21.01
CA VAL C 274 6.51 0.54 20.55
C VAL C 274 5.81 -0.24 21.67
N ASP C 275 5.25 0.49 22.63
CA ASP C 275 4.80 -0.12 23.87
C ASP C 275 3.70 0.69 24.55
N SER C 276 2.92 1.42 23.77
CA SER C 276 1.87 2.27 24.32
C SER C 276 2.45 3.33 25.25
N GLY C 277 3.72 3.66 25.05
CA GLY C 277 4.38 4.71 25.83
C GLY C 277 4.58 4.34 27.28
N PHE C 278 4.59 3.04 27.56
CA PHE C 278 4.79 2.57 28.92
C PHE C 278 6.17 2.98 29.41
N HIS C 279 7.11 3.09 28.46
CA HIS C 279 8.49 3.42 28.76
C HIS C 279 8.59 4.80 29.39
N ALA C 280 7.61 5.64 29.12
CA ALA C 280 7.68 7.04 29.50
C ALA C 280 7.12 7.31 30.89
N ILE C 281 6.52 6.32 31.50
CA ILE C 281 5.87 6.52 32.78
C ILE C 281 6.60 5.83 33.92
N LYS C 282 6.14 6.10 35.14
CA LYS C 282 6.76 5.55 36.33
C LYS C 282 5.88 5.82 37.53
N ASN D 29 33.86 7.01 58.93
CA ASN D 29 34.91 6.23 59.56
C ASN D 29 34.72 4.74 59.34
N LEU D 30 35.77 4.06 58.89
CA LEU D 30 35.62 2.68 58.42
C LEU D 30 36.31 1.61 59.26
N GLU D 31 36.61 1.91 60.51
CA GLU D 31 37.08 0.87 61.41
C GLU D 31 35.97 -0.15 61.52
N ASN D 32 36.31 -1.38 61.88
CA ASN D 32 35.31 -2.44 62.03
C ASN D 32 34.64 -2.78 60.71
N LYS D 33 35.12 -2.18 59.62
CA LYS D 33 34.60 -2.49 58.29
C LYS D 33 35.65 -3.25 57.51
N THR D 34 35.20 -4.29 56.81
CA THR D 34 36.11 -5.10 56.03
C THR D 34 35.61 -5.21 54.60
N TYR D 35 36.46 -4.79 53.66
CA TYR D 35 36.10 -4.80 52.26
C TYR D 35 37.05 -5.63 51.43
N VAL D 36 36.50 -6.28 50.41
CA VAL D 36 37.29 -7.06 49.46
C VAL D 36 37.52 -6.26 48.19
N ILE D 37 38.78 -6.08 47.82
CA ILE D 37 39.13 -5.32 46.64
C ILE D 37 39.70 -6.22 45.55
N MET D 38 38.96 -6.35 44.47
CA MET D 38 39.37 -7.19 43.37
C MET D 38 39.82 -6.37 42.17
N GLY D 39 40.97 -6.70 41.63
CA GLY D 39 41.40 -6.12 40.36
C GLY D 39 42.54 -5.13 40.48
N ILE D 40 43.44 -5.35 41.42
CA ILE D 40 44.65 -4.55 41.50
C ILE D 40 45.75 -5.22 40.70
N ALA D 41 46.39 -4.45 39.83
CA ALA D 41 47.48 -4.98 39.00
C ALA D 41 48.77 -4.22 39.30
N ASN D 42 48.62 -2.96 39.70
CA ASN D 42 49.77 -2.12 40.02
C ASN D 42 49.39 -0.80 40.69
N LYS D 43 50.39 0.02 40.95
CA LYS D 43 50.22 1.30 41.63
C LYS D 43 49.28 2.22 40.84
N ARG D 44 49.08 1.90 39.58
CA ARG D 44 48.24 2.72 38.72
C ARG D 44 46.84 2.14 38.59
N SER D 45 46.69 0.90 39.04
CA SER D 45 45.37 0.31 39.09
C SER D 45 44.41 1.28 39.76
N ILE D 46 43.21 1.34 39.22
CA ILE D 46 42.14 2.14 39.79
C ILE D 46 41.80 1.56 41.16
N ALA D 47 41.75 0.23 41.22
CA ALA D 47 41.41 -0.46 42.46
C ALA D 47 42.40 -0.11 43.56
N PHE D 48 43.62 0.26 43.17
CA PHE D 48 44.61 0.71 44.15
C PHE D 48 44.28 2.09 44.69
N GLY D 49 43.93 3.01 43.80
CA GLY D 49 43.45 4.32 44.22
C GLY D 49 42.35 4.19 45.25
N VAL D 50 41.48 3.20 45.05
CA VAL D 50 40.43 2.91 46.01
C VAL D 50 41.01 2.46 47.35
N ALA D 51 41.81 1.40 47.29
CA ALA D 51 42.45 0.82 48.47
C ALA D 51 43.05 1.90 49.36
N LYS D 52 43.89 2.73 48.78
CA LYS D 52 44.51 3.80 49.52
C LYS D 52 43.49 4.55 50.37
N VAL D 53 42.43 4.99 49.72
CA VAL D 53 41.37 5.75 50.37
C VAL D 53 40.76 4.97 51.53
N LEU D 54 40.36 3.74 51.27
CA LEU D 54 39.73 2.90 52.29
C LEU D 54 40.68 2.65 53.45
N ASP D 55 41.91 2.23 53.13
CA ASP D 55 42.93 2.04 54.14
C ASP D 55 43.02 3.28 55.00
N GLN D 56 43.05 4.44 54.34
CA GLN D 56 43.16 5.71 55.04
C GLN D 56 41.97 5.98 55.95
N LEU D 57 40.92 5.18 55.81
CA LEU D 57 39.75 5.34 56.65
C LEU D 57 39.63 4.22 57.69
N GLY D 58 40.68 3.42 57.82
CA GLY D 58 40.76 2.41 58.86
C GLY D 58 39.98 1.15 58.56
N ALA D 59 39.63 0.96 57.29
CA ALA D 59 38.95 -0.25 56.87
C ALA D 59 39.93 -1.40 56.82
N LYS D 60 39.48 -2.60 57.19
CA LYS D 60 40.28 -3.80 57.00
C LYS D 60 40.09 -4.24 55.55
N LEU D 61 41.19 -4.40 54.82
CA LEU D 61 41.10 -4.70 53.39
C LEU D 61 41.58 -6.10 53.02
N VAL D 62 40.84 -6.73 52.12
CA VAL D 62 41.20 -8.03 51.56
C VAL D 62 41.36 -7.88 50.06
N PHE D 63 42.29 -8.63 49.47
CA PHE D 63 42.60 -8.44 48.06
C PHE D 63 42.55 -9.72 47.26
N THR D 64 42.28 -9.60 45.97
CA THR D 64 42.32 -10.75 45.08
C THR D 64 43.12 -10.45 43.81
N TYR D 65 43.82 -11.47 43.30
CA TYR D 65 44.64 -11.33 42.11
C TYR D 65 44.41 -12.51 41.19
N ARG D 66 44.85 -12.38 39.93
CA ARG D 66 44.61 -13.45 38.97
C ARG D 66 45.77 -14.46 38.89
N LYS D 67 46.98 -13.96 38.68
CA LYS D 67 48.14 -14.83 38.54
C LYS D 67 49.09 -14.70 39.72
N GLU D 68 49.83 -15.78 40.01
CA GLU D 68 50.80 -15.79 41.10
C GLU D 68 51.82 -14.69 40.96
N ARG D 69 52.46 -14.65 39.79
CA ARG D 69 53.51 -13.68 39.51
C ARG D 69 53.16 -12.26 39.97
N SER D 70 51.87 -11.94 39.93
CA SER D 70 51.40 -10.64 40.41
C SER D 70 51.59 -10.54 41.92
N ARG D 71 51.22 -11.62 42.61
CA ARG D 71 51.16 -11.62 44.08
C ARG D 71 52.33 -10.97 44.78
N LYS D 72 53.55 -11.26 44.34
CA LYS D 72 54.71 -10.66 44.97
C LYS D 72 54.68 -9.14 44.84
N GLU D 73 54.67 -8.67 43.59
CA GLU D 73 54.53 -7.25 43.32
C GLU D 73 53.44 -6.66 44.20
N LEU D 74 52.41 -7.46 44.43
CA LEU D 74 51.25 -7.06 45.21
C LEU D 74 51.63 -6.79 46.66
N GLU D 75 52.14 -7.81 47.33
CA GLU D 75 52.59 -7.69 48.71
C GLU D 75 53.51 -6.49 48.84
N LYS D 76 54.37 -6.31 47.84
CA LYS D 76 55.27 -5.18 47.76
C LYS D 76 54.46 -3.88 47.90
N LEU D 77 53.32 -3.85 47.24
CA LEU D 77 52.45 -2.67 47.23
C LEU D 77 51.82 -2.42 48.60
N LEU D 78 51.12 -3.43 49.10
CA LEU D 78 50.44 -3.35 50.39
C LEU D 78 51.22 -2.59 51.45
N GLU D 79 52.53 -2.76 51.43
CA GLU D 79 53.40 -2.20 52.45
C GLU D 79 53.20 -0.69 52.62
N GLN D 80 52.63 -0.07 51.59
CA GLN D 80 52.32 1.35 51.65
C GLN D 80 51.05 1.61 52.45
N LEU D 81 50.44 0.54 52.96
CA LEU D 81 49.19 0.67 53.69
C LEU D 81 49.34 0.27 55.14
N ASN D 82 48.48 0.83 55.98
CA ASN D 82 48.47 0.49 57.40
C ASN D 82 47.60 -0.72 57.64
N GLN D 83 47.82 -1.76 56.85
CA GLN D 83 47.11 -3.01 57.05
C GLN D 83 47.91 -3.95 57.94
N PRO D 84 47.39 -4.23 59.13
CA PRO D 84 48.05 -5.11 60.09
C PRO D 84 48.59 -6.34 59.39
N GLU D 85 47.70 -7.20 58.92
CA GLU D 85 48.11 -8.35 58.14
C GLU D 85 47.64 -8.20 56.71
N ALA D 86 48.39 -8.79 55.79
CA ALA D 86 48.01 -8.83 54.40
C ALA D 86 47.16 -10.07 54.14
N HIS D 87 45.92 -9.85 53.69
CA HIS D 87 45.05 -10.95 53.30
C HIS D 87 44.89 -10.98 51.79
N LEU D 88 45.70 -11.80 51.12
CA LEU D 88 45.65 -11.90 49.67
C LEU D 88 45.18 -13.27 49.24
N TYR D 89 44.21 -13.29 48.33
CA TYR D 89 43.68 -14.53 47.79
C TYR D 89 43.77 -14.51 46.27
N GLN D 90 44.01 -15.67 45.66
CA GLN D 90 44.10 -15.73 44.21
C GLN D 90 42.82 -16.22 43.60
N ILE D 91 42.13 -15.34 42.89
CA ILE D 91 40.91 -15.71 42.19
C ILE D 91 40.92 -15.22 40.76
N ASP D 92 40.90 -16.15 39.81
CA ASP D 92 40.62 -15.85 38.42
C ASP D 92 39.12 -16.04 38.23
N VAL D 93 38.45 -14.98 37.80
CA VAL D 93 37.00 -14.95 37.82
C VAL D 93 36.36 -15.84 36.76
N GLN D 94 37.17 -16.46 35.92
CA GLN D 94 36.63 -17.38 34.93
C GLN D 94 36.27 -18.71 35.54
N SER D 95 36.86 -19.01 36.69
CA SER D 95 36.64 -20.28 37.37
C SER D 95 35.58 -20.17 38.43
N ASP D 96 34.47 -20.86 38.23
CA ASP D 96 33.40 -20.89 39.21
C ASP D 96 33.94 -21.20 40.59
N GLU D 97 34.83 -22.19 40.66
CA GLU D 97 35.38 -22.63 41.94
C GLU D 97 36.28 -21.58 42.57
N GLU D 98 37.31 -21.16 41.84
CA GLU D 98 38.25 -20.18 42.36
C GLU D 98 37.52 -19.08 43.11
N VAL D 99 36.32 -18.77 42.64
CA VAL D 99 35.48 -17.75 43.26
C VAL D 99 34.76 -18.31 44.49
N ILE D 100 33.97 -19.36 44.29
CA ILE D 100 33.26 -20.00 45.39
C ILE D 100 34.21 -20.31 46.54
N ASN D 101 35.28 -21.05 46.24
CA ASN D 101 36.26 -21.41 47.25
C ASN D 101 36.94 -20.18 47.83
N GLY D 102 37.51 -19.37 46.94
CA GLY D 102 38.20 -18.16 47.37
C GLY D 102 37.45 -17.41 48.45
N PHE D 103 36.15 -17.20 48.23
CA PHE D 103 35.34 -16.45 49.18
C PHE D 103 35.13 -17.21 50.48
N GLU D 104 34.66 -18.44 50.35
CA GLU D 104 34.48 -19.29 51.52
C GLU D 104 35.70 -19.19 52.41
N GLN D 105 36.88 -19.28 51.80
CA GLN D 105 38.14 -19.21 52.52
C GLN D 105 38.26 -17.90 53.31
N ILE D 106 38.02 -16.80 52.62
CA ILE D 106 37.96 -15.50 53.28
C ILE D 106 36.99 -15.54 54.45
N GLY D 107 35.82 -16.13 54.22
CA GLY D 107 34.83 -16.28 55.28
C GLY D 107 35.44 -16.97 56.47
N LYS D 108 36.30 -17.94 56.21
CA LYS D 108 36.97 -18.68 57.27
C LYS D 108 38.08 -17.87 57.90
N ASP D 109 38.81 -17.12 57.08
CA ASP D 109 39.98 -16.39 57.55
C ASP D 109 39.66 -15.05 58.20
N VAL D 110 38.61 -14.38 57.73
CA VAL D 110 38.29 -13.06 58.24
C VAL D 110 36.83 -12.94 58.66
N GLY D 111 36.08 -14.00 58.45
CA GLY D 111 34.67 -13.99 58.83
C GLY D 111 33.83 -13.17 57.87
N ASN D 112 32.97 -12.33 58.42
CA ASN D 112 32.05 -11.56 57.59
C ASN D 112 32.66 -10.27 57.05
N ILE D 113 32.19 -9.82 55.89
CA ILE D 113 32.64 -8.57 55.28
C ILE D 113 31.51 -7.57 55.10
N ASP D 114 31.87 -6.33 54.80
CA ASP D 114 30.90 -5.26 54.69
C ASP D 114 30.61 -4.89 53.24
N GLY D 115 31.48 -5.32 52.34
CA GLY D 115 31.29 -5.02 50.93
C GLY D 115 32.44 -5.45 50.04
N VAL D 116 32.27 -5.23 48.75
CA VAL D 116 33.23 -5.65 47.75
C VAL D 116 33.42 -4.58 46.69
N TYR D 117 34.66 -4.35 46.29
CA TYR D 117 34.91 -3.49 45.16
C TYR D 117 35.39 -4.31 43.99
N HIS D 118 34.78 -4.09 42.83
CA HIS D 118 35.03 -4.92 41.66
C HIS D 118 35.65 -4.07 40.56
N SER D 119 36.96 -4.22 40.38
CA SER D 119 37.70 -3.42 39.42
C SER D 119 38.28 -4.31 38.33
N ILE D 120 37.50 -5.29 37.89
CA ILE D 120 37.96 -6.29 36.94
C ILE D 120 37.29 -6.19 35.57
N ALA D 121 38.06 -6.42 34.51
CA ALA D 121 37.50 -6.47 33.16
C ALA D 121 38.58 -6.89 32.18
N PHE D 122 38.15 -7.43 31.04
CA PHE D 122 39.10 -7.76 29.97
C PHE D 122 38.47 -7.80 28.59
N ALA D 123 39.30 -7.52 27.58
CA ALA D 123 38.92 -7.67 26.19
C ALA D 123 40.18 -7.82 25.33
N ASN D 124 40.05 -8.48 24.19
CA ASN D 124 41.20 -8.63 23.30
C ASN D 124 41.49 -7.36 22.54
N MET D 125 42.72 -6.89 22.64
CA MET D 125 43.12 -5.67 21.95
C MET D 125 42.77 -5.69 20.47
N GLU D 126 42.74 -6.87 19.88
CA GLU D 126 42.35 -7.01 18.49
C GLU D 126 40.93 -6.48 18.29
N ASP D 127 39.99 -7.06 19.01
CA ASP D 127 38.58 -6.72 18.89
C ASP D 127 38.29 -5.25 19.16
N LEU D 128 39.28 -4.54 19.70
CA LEU D 128 39.13 -3.12 20.01
C LEU D 128 39.67 -2.26 18.89
N ARG D 129 40.44 -2.88 18.01
CA ARG D 129 41.04 -2.14 16.92
C ARG D 129 40.27 -2.39 15.67
N GLY D 130 39.97 -3.66 15.42
CA GLY D 130 39.17 -4.02 14.27
C GLY D 130 37.86 -3.26 14.32
N ARG D 131 37.17 -3.20 13.19
CA ARG D 131 35.82 -2.69 13.19
C ARG D 131 35.02 -3.53 14.16
N PHE D 132 34.02 -2.92 14.79
CA PHE D 132 33.23 -3.64 15.77
C PHE D 132 32.48 -4.80 15.14
N SER D 133 31.96 -4.59 13.95
CA SER D 133 31.20 -5.61 13.25
C SER D 133 32.05 -6.87 13.01
N GLU D 134 33.37 -6.71 13.02
CA GLU D 134 34.27 -7.81 12.77
C GLU D 134 34.55 -8.62 14.03
N THR D 135 34.15 -8.08 15.18
CA THR D 135 34.36 -8.74 16.47
C THR D 135 34.08 -10.23 16.43
N SER D 136 35.00 -11.02 16.98
CA SER D 136 34.87 -12.48 16.99
C SER D 136 33.95 -12.93 18.11
N ARG D 137 33.35 -14.11 17.96
CA ARG D 137 32.45 -14.62 18.97
C ARG D 137 33.17 -14.90 20.29
N GLU D 138 34.31 -15.55 20.24
CA GLU D 138 35.07 -15.79 21.46
C GLU D 138 35.36 -14.47 22.13
N GLY D 139 36.05 -13.61 21.42
CA GLY D 139 36.40 -12.29 21.93
C GLY D 139 35.21 -11.64 22.60
N PHE D 140 34.07 -11.66 21.93
CA PHE D 140 32.85 -11.09 22.48
C PHE D 140 32.46 -11.75 23.79
N LEU D 141 32.13 -13.03 23.72
CA LEU D 141 31.69 -13.77 24.90
C LEU D 141 32.70 -13.73 26.03
N LEU D 142 33.99 -13.71 25.69
CA LEU D 142 35.04 -13.61 26.69
C LEU D 142 34.89 -12.36 27.54
N ALA D 143 34.77 -11.22 26.87
CA ALA D 143 34.62 -9.94 27.56
C ALA D 143 33.37 -9.99 28.43
N GLN D 144 32.29 -10.52 27.88
CA GLN D 144 31.07 -10.63 28.65
C GLN D 144 31.33 -11.41 29.93
N ASP D 145 32.05 -12.51 29.78
CA ASP D 145 32.35 -13.38 30.90
C ASP D 145 33.10 -12.64 32.00
N ILE D 146 34.30 -12.19 31.67
CA ILE D 146 35.18 -11.56 32.66
C ILE D 146 34.67 -10.21 33.14
N SER D 147 34.20 -9.39 32.20
CA SER D 147 33.85 -8.01 32.49
C SER D 147 32.46 -7.81 33.11
N SER D 148 31.59 -8.79 32.95
CA SER D 148 30.22 -8.63 33.43
C SER D 148 29.76 -9.76 34.34
N TYR D 149 29.74 -10.99 33.81
CA TYR D 149 29.24 -12.10 34.62
C TYR D 149 29.98 -12.18 35.95
N SER D 150 31.30 -12.10 35.88
CA SER D 150 32.13 -12.18 37.08
C SER D 150 31.42 -11.53 38.25
N LEU D 151 30.91 -10.33 38.02
CA LEU D 151 30.18 -9.62 39.06
C LEU D 151 29.05 -10.46 39.67
N THR D 152 28.18 -10.98 38.82
CA THR D 152 27.07 -11.81 39.29
C THR D 152 27.50 -12.88 40.30
N ILE D 153 28.44 -13.73 39.88
CA ILE D 153 28.84 -14.85 40.73
C ILE D 153 29.55 -14.35 41.98
N VAL D 154 30.38 -13.34 41.81
CA VAL D 154 31.06 -12.73 42.95
C VAL D 154 30.04 -12.28 43.97
N ALA D 155 29.02 -11.58 43.50
CA ALA D 155 27.96 -11.13 44.40
C ALA D 155 27.37 -12.33 45.13
N HIS D 156 26.98 -13.35 44.37
CA HIS D 156 26.31 -14.50 44.95
C HIS D 156 27.10 -15.08 46.13
N GLU D 157 28.42 -15.14 45.97
CA GLU D 157 29.29 -15.68 46.99
C GLU D 157 29.51 -14.71 48.14
N ALA D 158 29.79 -13.46 47.80
CA ALA D 158 30.02 -12.42 48.79
C ALA D 158 28.79 -12.24 49.70
N LYS D 159 27.62 -12.44 49.11
CA LYS D 159 26.36 -12.37 49.84
C LYS D 159 26.47 -13.19 51.13
N LYS D 160 27.04 -14.38 51.00
CA LYS D 160 27.19 -15.31 52.09
C LYS D 160 28.02 -14.74 53.24
N LEU D 161 28.82 -13.73 52.95
CA LEU D 161 29.66 -13.12 53.97
C LEU D 161 29.10 -11.79 54.46
N MET D 162 27.87 -11.48 54.05
CA MET D 162 27.25 -10.23 54.46
C MET D 162 25.83 -10.49 54.92
N PRO D 163 25.70 -11.08 56.11
CA PRO D 163 24.43 -11.50 56.70
C PRO D 163 23.56 -10.30 57.02
N GLU D 164 24.14 -9.25 57.60
CA GLU D 164 23.39 -8.06 57.93
C GLU D 164 23.34 -7.09 56.75
N GLY D 165 23.81 -7.55 55.59
CA GLY D 165 23.83 -6.72 54.40
C GLY D 165 25.19 -6.11 54.12
N GLY D 166 25.26 -5.27 53.10
CA GLY D 166 26.51 -4.64 52.72
C GLY D 166 26.40 -3.93 51.38
N SER D 167 27.54 -3.48 50.85
CA SER D 167 27.56 -2.71 49.62
C SER D 167 28.54 -3.27 48.61
N ILE D 168 28.08 -3.40 47.36
CA ILE D 168 28.94 -3.83 46.27
C ILE D 168 29.06 -2.75 45.21
N VAL D 169 30.29 -2.50 44.75
CA VAL D 169 30.55 -1.48 43.75
C VAL D 169 31.37 -2.02 42.60
N ALA D 170 30.94 -1.72 41.38
CA ALA D 170 31.70 -2.16 40.21
C ALA D 170 32.13 -0.93 39.41
N THR D 171 33.13 -1.10 38.56
CA THR D 171 33.64 0.03 37.81
C THR D 171 33.27 -0.07 36.35
N THR D 172 32.55 0.92 35.85
CA THR D 172 32.19 0.94 34.43
C THR D 172 32.81 2.16 33.75
N TYR D 173 32.53 2.29 32.45
CA TYR D 173 32.99 3.44 31.68
C TYR D 173 31.85 3.99 30.84
N LEU D 174 31.95 5.27 30.47
CA LEU D 174 30.91 5.93 29.68
C LEU D 174 30.51 5.15 28.42
N GLY D 175 31.44 4.38 27.87
CA GLY D 175 31.20 3.61 26.67
C GLY D 175 30.14 2.54 26.84
N GLY D 176 29.69 2.33 28.07
CA GLY D 176 28.58 1.41 28.31
C GLY D 176 27.25 2.06 27.96
N GLU D 177 27.24 3.39 27.87
CA GLU D 177 26.02 4.13 27.61
C GLU D 177 25.97 4.73 26.21
N PHE D 178 27.13 4.90 25.59
CA PHE D 178 27.17 5.44 24.25
C PHE D 178 28.22 4.72 23.44
N ALA D 179 28.06 4.75 22.12
CA ALA D 179 29.07 4.19 21.26
C ALA D 179 30.27 5.11 21.33
N VAL D 180 31.35 4.63 21.93
CA VAL D 180 32.59 5.39 21.99
C VAL D 180 33.61 4.84 20.99
N GLN D 181 34.09 5.72 20.12
CA GLN D 181 35.10 5.33 19.14
C GLN D 181 36.06 4.33 19.73
N ASN D 182 36.12 3.14 19.14
CA ASN D 182 37.13 2.13 19.48
C ASN D 182 36.86 1.25 20.69
N TYR D 183 36.03 1.72 21.62
CA TYR D 183 35.72 0.93 22.81
C TYR D 183 35.01 -0.38 22.42
N ASN D 184 34.37 -0.37 21.26
CA ASN D 184 33.78 -1.56 20.67
C ASN D 184 33.25 -2.60 21.66
N VAL D 185 33.77 -3.83 21.54
CA VAL D 185 33.25 -4.93 22.32
C VAL D 185 33.26 -4.63 23.83
N MET D 186 34.27 -3.91 24.30
CA MET D 186 34.32 -3.60 25.72
C MET D 186 33.12 -2.76 26.11
N GLY D 187 32.71 -1.87 25.20
CA GLY D 187 31.53 -1.05 25.40
C GLY D 187 30.34 -1.91 25.75
N VAL D 188 30.04 -2.88 24.89
CA VAL D 188 28.92 -3.78 25.10
C VAL D 188 29.04 -4.57 26.40
N ALA D 189 30.26 -4.96 26.76
CA ALA D 189 30.47 -5.64 28.02
C ALA D 189 30.07 -4.72 29.17
N LYS D 190 30.50 -3.47 29.11
CA LYS D 190 30.17 -2.51 30.16
C LYS D 190 28.67 -2.29 30.24
N ALA D 191 28.05 -2.07 29.08
CA ALA D 191 26.61 -1.98 28.99
C ALA D 191 25.98 -3.14 29.75
N SER D 192 26.42 -4.34 29.39
CA SER D 192 25.97 -5.55 30.07
C SER D 192 26.19 -5.44 31.57
N LEU D 193 27.39 -5.01 31.96
CA LEU D 193 27.70 -4.85 33.37
C LEU D 193 26.75 -3.88 34.05
N GLU D 194 26.49 -2.75 33.40
CA GLU D 194 25.68 -1.74 34.04
C GLU D 194 24.29 -2.26 34.31
N ALA D 195 23.84 -3.20 33.47
CA ALA D 195 22.54 -3.82 33.68
C ALA D 195 22.65 -4.86 34.77
N ASN D 196 23.70 -5.66 34.71
CA ASN D 196 24.00 -6.61 35.75
C ASN D 196 23.79 -5.95 37.11
N VAL D 197 24.36 -4.77 37.29
CA VAL D 197 24.27 -4.05 38.56
C VAL D 197 22.82 -3.86 38.99
N LYS D 198 22.02 -3.33 38.08
CA LYS D 198 20.62 -3.08 38.38
C LYS D 198 19.90 -4.36 38.80
N TYR D 199 20.05 -5.41 38.01
CA TYR D 199 19.37 -6.66 38.31
C TYR D 199 19.83 -7.23 39.65
N LEU D 200 21.13 -7.13 39.92
CA LEU D 200 21.66 -7.53 41.21
C LEU D 200 21.09 -6.66 42.31
N ALA D 201 21.18 -5.36 42.13
CA ALA D 201 20.67 -4.41 43.13
C ALA D 201 19.26 -4.79 43.54
N LEU D 202 18.45 -5.17 42.55
CA LEU D 202 17.06 -5.55 42.78
C LEU D 202 17.00 -6.88 43.53
N ASP D 203 17.76 -7.85 43.04
CA ASP D 203 17.74 -9.18 43.61
C ASP D 203 18.14 -9.17 45.07
N LEU D 204 19.12 -8.35 45.42
CA LEU D 204 19.72 -8.40 46.76
C LEU D 204 19.29 -7.26 47.65
N GLY D 205 18.44 -6.38 47.13
CA GLY D 205 17.92 -5.28 47.91
C GLY D 205 17.34 -5.79 49.22
N PRO D 206 16.48 -6.81 49.13
CA PRO D 206 15.84 -7.40 50.30
C PRO D 206 16.87 -7.88 51.32
N ASP D 207 17.94 -8.50 50.86
CA ASP D 207 18.98 -9.00 51.74
C ASP D 207 19.86 -7.85 52.21
N ASN D 208 19.37 -6.63 52.01
CA ASN D 208 20.03 -5.41 52.45
C ASN D 208 21.43 -5.23 51.88
N ILE D 209 21.58 -5.61 50.61
CA ILE D 209 22.83 -5.42 49.90
C ILE D 209 22.65 -4.43 48.75
N ARG D 210 23.44 -3.37 48.79
CA ARG D 210 23.33 -2.35 47.76
C ARG D 210 24.37 -2.63 46.69
N VAL D 211 23.96 -2.47 45.44
CA VAL D 211 24.83 -2.74 44.32
C VAL D 211 24.83 -1.53 43.41
N ASN D 212 26.00 -0.91 43.26
CA ASN D 212 26.10 0.29 42.44
C ASN D 212 27.37 0.26 41.61
N ALA D 213 27.46 1.20 40.66
CA ALA D 213 28.61 1.24 39.80
C ALA D 213 29.17 2.65 39.68
N ILE D 214 30.47 2.73 39.42
CA ILE D 214 31.10 4.01 39.15
C ILE D 214 31.52 4.11 37.69
N SER D 215 30.94 5.07 36.96
CA SER D 215 31.39 5.31 35.61
C SER D 215 32.58 6.24 35.74
N ALA D 216 33.77 5.70 35.60
CA ALA D 216 34.99 6.46 35.75
C ALA D 216 35.37 7.15 34.47
N GLY D 217 36.04 8.30 34.59
CA GLY D 217 36.61 8.96 33.44
C GLY D 217 37.81 8.16 33.02
N PRO D 218 38.43 8.52 31.89
CA PRO D 218 39.63 7.82 31.44
C PRO D 218 40.78 8.05 32.42
N ILE D 219 41.41 6.97 32.85
CA ILE D 219 42.57 7.08 33.74
C ILE D 219 43.75 6.26 33.23
N ARG D 220 44.94 6.77 33.44
CA ARG D 220 46.16 6.11 33.01
C ARG D 220 46.45 4.88 33.83
N THR D 221 45.93 3.74 33.39
CA THR D 221 46.16 2.48 34.09
C THR D 221 46.99 1.54 33.22
N LEU D 222 47.35 0.41 33.80
CA LEU D 222 48.08 -0.63 33.08
C LEU D 222 47.36 -0.93 31.78
N SER D 223 46.08 -1.26 31.90
CA SER D 223 45.27 -1.65 30.77
C SER D 223 45.02 -0.49 29.82
N ALA D 224 44.96 0.72 30.36
CA ALA D 224 44.78 1.92 29.55
C ALA D 224 45.90 2.03 28.55
N LYS D 225 47.03 1.40 28.88
CA LYS D 225 48.17 1.39 28.00
C LYS D 225 47.90 0.49 26.80
N GLY D 226 48.13 1.02 25.61
CA GLY D 226 47.98 0.24 24.39
C GLY D 226 46.71 0.53 23.64
N VAL D 227 45.85 1.38 24.21
CA VAL D 227 44.61 1.73 23.54
C VAL D 227 44.79 2.89 22.57
N GLY D 228 44.23 2.74 21.37
CA GLY D 228 44.35 3.78 20.37
C GLY D 228 43.53 5.02 20.72
N GLY D 229 44.08 6.19 20.45
CA GLY D 229 43.36 7.43 20.66
C GLY D 229 43.02 7.72 22.11
N PHE D 230 43.69 7.02 23.02
CA PHE D 230 43.52 7.27 24.45
C PHE D 230 43.94 8.70 24.77
N ASN D 231 45.18 9.03 24.45
CA ASN D 231 45.71 10.36 24.71
C ASN D 231 44.82 11.47 24.18
N THR D 232 44.25 11.23 23.00
CA THR D 232 43.33 12.18 22.39
C THR D 232 42.19 12.49 23.35
N ILE D 233 41.56 11.44 23.84
CA ILE D 233 40.42 11.59 24.71
C ILE D 233 40.77 12.37 25.97
N LEU D 234 41.84 11.96 26.63
CA LEU D 234 42.29 12.62 27.84
C LEU D 234 42.31 14.12 27.65
N LYS D 235 42.68 14.54 26.45
CA LYS D 235 42.79 15.94 26.14
C LYS D 235 41.42 16.54 25.87
N GLU D 236 40.64 15.85 25.06
CA GLU D 236 39.27 16.27 24.81
C GLU D 236 38.50 16.46 26.12
N ILE D 237 38.78 15.60 27.09
CA ILE D 237 38.20 15.77 28.42
C ILE D 237 38.56 17.12 28.99
N GLU D 238 39.84 17.39 29.13
CA GLU D 238 40.29 18.67 29.65
C GLU D 238 39.64 19.83 28.91
N GLU D 239 39.50 19.69 27.60
CA GLU D 239 38.98 20.78 26.80
C GLU D 239 37.48 20.92 26.88
N ARG D 240 36.78 19.81 27.03
CA ARG D 240 35.32 19.84 26.99
C ARG D 240 34.61 19.59 28.30
N ALA D 241 35.16 18.69 29.12
CA ALA D 241 34.56 18.36 30.41
C ALA D 241 34.32 19.63 31.20
N PRO D 242 33.20 19.71 31.93
CA PRO D 242 32.87 20.89 32.74
C PRO D 242 34.03 21.32 33.62
N LEU D 243 34.66 20.36 34.31
CA LEU D 243 35.77 20.68 35.19
C LEU D 243 37.08 20.99 34.42
N LYS D 244 37.02 20.85 33.10
CA LYS D 244 38.18 21.16 32.27
C LYS D 244 39.46 20.47 32.74
N ARG D 245 39.32 19.33 33.39
CA ARG D 245 40.47 18.56 33.86
C ARG D 245 40.17 17.07 33.82
N ASN D 246 41.15 16.26 34.21
CA ASN D 246 40.94 14.82 34.28
C ASN D 246 40.85 14.32 35.70
N VAL D 247 40.46 13.06 35.85
CA VAL D 247 40.26 12.48 37.17
C VAL D 247 41.32 11.43 37.48
N ASP D 248 41.46 11.07 38.76
CA ASP D 248 42.44 10.07 39.16
C ASP D 248 41.83 8.96 40.02
N GLN D 249 42.63 7.93 40.26
CA GLN D 249 42.19 6.74 40.98
C GLN D 249 41.69 7.08 42.38
N VAL D 250 42.28 8.09 42.99
CA VAL D 250 41.87 8.52 44.31
C VAL D 250 40.43 9.04 44.30
N GLU D 251 40.16 9.98 43.40
CA GLU D 251 38.83 10.56 43.29
C GLU D 251 37.80 9.46 43.17
N VAL D 252 38.13 8.47 42.36
CA VAL D 252 37.30 7.29 42.25
C VAL D 252 37.19 6.61 43.61
N GLY D 253 38.33 6.31 44.22
CA GLY D 253 38.36 5.74 45.55
C GLY D 253 37.42 6.47 46.50
N LYS D 254 37.48 7.80 46.49
CA LYS D 254 36.64 8.59 47.38
C LYS D 254 35.16 8.29 47.16
N THR D 255 34.71 8.41 45.92
CA THR D 255 33.33 8.08 45.60
C THR D 255 33.05 6.64 46.00
N ALA D 256 34.00 5.76 45.72
CA ALA D 256 33.91 4.36 46.10
C ALA D 256 33.57 4.22 47.58
N ALA D 257 34.28 4.98 48.40
CA ALA D 257 34.05 4.99 49.84
C ALA D 257 32.63 5.43 50.16
N TYR D 258 32.22 6.54 49.56
CA TYR D 258 30.85 7.01 49.73
C TYR D 258 29.90 5.86 49.50
N LEU D 259 30.12 5.15 48.40
CA LEU D 259 29.23 4.08 48.00
C LEU D 259 29.29 2.88 48.92
N LEU D 260 30.50 2.52 49.34
CA LEU D 260 30.68 1.37 50.20
C LEU D 260 30.24 1.65 51.62
N SER D 261 30.18 2.92 51.98
CA SER D 261 29.85 3.31 53.34
C SER D 261 28.35 3.45 53.51
N ASP D 262 27.95 3.66 54.77
CA ASP D 262 26.53 3.85 55.10
C ASP D 262 26.07 5.22 54.64
N LEU D 263 27.02 6.04 54.19
CA LEU D 263 26.71 7.35 53.63
C LEU D 263 25.74 7.19 52.47
N SER D 264 26.00 6.18 51.65
CA SER D 264 25.23 5.96 50.46
C SER D 264 24.09 4.99 50.73
N SER D 265 23.71 4.84 51.99
CA SER D 265 22.55 4.03 52.31
C SER D 265 21.36 4.67 51.62
N GLY D 266 20.49 3.87 51.01
CA GLY D 266 19.38 4.40 50.26
C GLY D 266 19.71 4.55 48.78
N VAL D 267 21.00 4.49 48.44
CA VAL D 267 21.41 4.47 47.05
C VAL D 267 21.75 3.06 46.59
N THR D 268 20.96 2.53 45.66
CA THR D 268 21.27 1.23 45.08
C THR D 268 20.84 1.21 43.61
N GLY D 269 21.55 0.44 42.80
CA GLY D 269 21.26 0.38 41.38
C GLY D 269 21.64 1.66 40.67
N GLU D 270 22.46 2.48 41.32
CA GLU D 270 22.87 3.74 40.74
C GLU D 270 24.22 3.63 40.05
N ASN D 271 24.41 4.45 39.02
CA ASN D 271 25.68 4.60 38.34
C ASN D 271 26.18 6.02 38.46
N ILE D 272 27.26 6.19 39.22
CA ILE D 272 27.80 7.52 39.48
C ILE D 272 29.00 7.80 38.58
N HIS D 273 28.89 8.89 37.83
CA HIS D 273 29.97 9.27 36.92
C HIS D 273 30.98 10.13 37.65
N VAL D 274 32.16 9.57 37.86
CA VAL D 274 33.30 10.33 38.37
C VAL D 274 34.19 10.63 37.17
N ASP D 275 33.91 11.74 36.49
CA ASP D 275 34.49 11.98 35.17
C ASP D 275 34.52 13.46 34.82
N SER D 276 34.55 14.31 35.84
CA SER D 276 34.55 15.74 35.62
C SER D 276 33.28 16.18 34.91
N GLY D 277 32.23 15.37 35.03
CA GLY D 277 30.93 15.69 34.48
C GLY D 277 30.90 15.65 32.96
N PHE D 278 31.82 14.90 32.38
CA PHE D 278 31.89 14.77 30.93
C PHE D 278 30.65 14.09 30.41
N HIS D 279 30.07 13.25 31.25
CA HIS D 279 28.87 12.49 30.93
C HIS D 279 27.70 13.42 30.63
N ALA D 280 27.73 14.61 31.23
CA ALA D 280 26.58 15.50 31.18
C ALA D 280 26.57 16.40 29.95
N ILE D 281 27.66 16.40 29.19
CA ILE D 281 27.77 17.30 28.05
C ILE D 281 27.67 16.60 26.71
N LYS D 282 27.63 17.38 25.64
CA LYS D 282 27.49 16.85 24.29
C LYS D 282 27.70 17.97 23.28
N ASN E 29 -34.68 -15.92 -57.73
CA ASN E 29 -34.36 -15.98 -59.15
C ASN E 29 -33.62 -14.74 -59.65
N LEU E 30 -32.51 -14.95 -60.34
CA LEU E 30 -31.59 -13.86 -60.64
C LEU E 30 -31.48 -13.45 -62.10
N GLU E 31 -32.46 -13.82 -62.92
CA GLU E 31 -32.51 -13.29 -64.27
C GLU E 31 -32.65 -11.78 -64.17
N ASN E 32 -32.25 -11.06 -65.21
CA ASN E 32 -32.35 -9.61 -65.21
C ASN E 32 -31.46 -8.96 -64.15
N LYS E 33 -30.65 -9.78 -63.49
CA LYS E 33 -29.71 -9.29 -62.51
C LYS E 33 -28.30 -9.42 -63.05
N THR E 34 -27.50 -8.39 -62.84
CA THR E 34 -26.13 -8.39 -63.32
C THR E 34 -25.17 -8.05 -62.19
N TYR E 35 -24.24 -8.96 -61.91
CA TYR E 35 -23.30 -8.79 -60.82
C TYR E 35 -21.85 -8.82 -61.29
N VAL E 36 -21.03 -8.01 -60.64
CA VAL E 36 -19.60 -7.99 -60.91
C VAL E 36 -18.87 -8.82 -59.87
N ILE E 37 -18.10 -9.80 -60.34
CA ILE E 37 -17.35 -10.65 -59.43
C ILE E 37 -15.86 -10.39 -59.55
N MET E 38 -15.27 -9.83 -58.50
CA MET E 38 -13.86 -9.53 -58.49
C MET E 38 -13.09 -10.50 -57.62
N GLY E 39 -12.01 -11.06 -58.15
CA GLY E 39 -11.08 -11.84 -57.34
C GLY E 39 -11.09 -13.32 -57.61
N ILE E 40 -11.32 -13.70 -58.86
CA ILE E 40 -11.18 -15.10 -59.23
C ILE E 40 -9.78 -15.36 -59.76
N ALA E 41 -9.14 -16.39 -59.23
CA ALA E 41 -7.79 -16.73 -59.64
C ALA E 41 -7.77 -18.14 -60.22
N ASN E 42 -8.71 -18.97 -59.76
CA ASN E 42 -8.82 -20.34 -60.24
C ASN E 42 -10.09 -21.04 -59.77
N LYS E 43 -10.19 -22.32 -60.14
CA LYS E 43 -11.35 -23.13 -59.81
C LYS E 43 -11.54 -23.25 -58.31
N ARG E 44 -10.51 -22.91 -57.56
CA ARG E 44 -10.58 -23.04 -56.11
C ARG E 44 -10.85 -21.69 -55.48
N SER E 45 -10.75 -20.64 -56.28
CA SER E 45 -11.12 -19.33 -55.80
C SER E 45 -12.48 -19.40 -55.14
N ILE E 46 -12.61 -18.69 -54.02
CA ILE E 46 -13.89 -18.56 -53.34
C ILE E 46 -14.86 -17.83 -54.25
N ALA E 47 -14.36 -16.79 -54.92
CA ALA E 47 -15.17 -16.00 -55.82
C ALA E 47 -15.74 -16.86 -56.92
N PHE E 48 -15.06 -17.95 -57.23
CA PHE E 48 -15.56 -18.89 -58.23
C PHE E 48 -16.74 -19.69 -57.67
N GLY E 49 -16.59 -20.15 -56.44
CA GLY E 49 -17.69 -20.82 -55.76
C GLY E 49 -18.94 -19.95 -55.79
N VAL E 50 -18.74 -18.65 -55.66
CA VAL E 50 -19.85 -17.71 -55.75
C VAL E 50 -20.44 -17.69 -57.16
N ALA E 51 -19.58 -17.39 -58.13
CA ALA E 51 -19.96 -17.33 -59.53
C ALA E 51 -20.86 -18.50 -59.93
N LYS E 52 -20.40 -19.71 -59.66
CA LYS E 52 -21.17 -20.90 -59.99
C LYS E 52 -22.60 -20.75 -59.51
N VAL E 53 -22.75 -20.40 -58.24
CA VAL E 53 -24.06 -20.27 -57.64
C VAL E 53 -24.91 -19.22 -58.34
N LEU E 54 -24.34 -18.04 -58.54
CA LEU E 54 -25.05 -16.97 -59.21
C LEU E 54 -25.43 -17.37 -60.64
N ASP E 55 -24.47 -17.88 -61.39
CA ASP E 55 -24.72 -18.35 -62.75
C ASP E 55 -25.89 -19.31 -62.70
N GLN E 56 -25.85 -20.22 -61.75
CA GLN E 56 -26.90 -21.23 -61.63
C GLN E 56 -28.25 -20.60 -61.37
N LEU E 57 -28.27 -19.32 -61.02
CA LEU E 57 -29.53 -18.64 -60.76
C LEU E 57 -29.92 -17.69 -61.87
N GLY E 58 -29.21 -17.76 -62.99
CA GLY E 58 -29.55 -16.99 -64.17
C GLY E 58 -29.09 -15.56 -64.15
N ALA E 59 -28.17 -15.25 -63.24
CA ALA E 59 -27.62 -13.90 -63.16
C ALA E 59 -26.65 -13.67 -64.30
N LYS E 60 -26.63 -12.46 -64.84
CA LYS E 60 -25.60 -12.09 -65.80
C LYS E 60 -24.37 -11.70 -65.01
N LEU E 61 -23.22 -12.32 -65.32
CA LEU E 61 -22.00 -12.10 -64.52
C LEU E 61 -20.88 -11.40 -65.27
N VAL E 62 -20.24 -10.46 -64.57
CA VAL E 62 -19.08 -9.74 -65.09
C VAL E 62 -17.91 -10.02 -64.17
N PHE E 63 -16.71 -10.10 -64.73
CA PHE E 63 -15.54 -10.52 -63.95
C PHE E 63 -14.38 -9.55 -64.06
N THR E 64 -13.54 -9.52 -63.05
CA THR E 64 -12.33 -8.73 -63.09
C THR E 64 -11.10 -9.53 -62.64
N TYR E 65 -9.97 -9.24 -63.26
CA TYR E 65 -8.72 -9.94 -62.97
C TYR E 65 -7.59 -8.93 -62.82
N ARG E 66 -6.46 -9.38 -62.28
CA ARG E 66 -5.35 -8.46 -62.05
C ARG E 66 -4.34 -8.47 -63.20
N LYS E 67 -3.86 -9.65 -63.57
CA LYS E 67 -2.86 -9.75 -64.62
C LYS E 67 -3.39 -10.43 -65.88
N GLU E 68 -2.83 -10.09 -67.03
CA GLU E 68 -3.26 -10.67 -68.30
C GLU E 68 -3.18 -12.18 -68.30
N ARG E 69 -2.01 -12.69 -67.93
CA ARG E 69 -1.75 -14.11 -67.94
C ARG E 69 -2.87 -14.92 -67.30
N SER E 70 -3.55 -14.33 -66.33
CA SER E 70 -4.68 -14.98 -65.69
C SER E 70 -5.83 -15.10 -66.69
N ARG E 71 -6.06 -14.03 -67.45
CA ARG E 71 -7.23 -13.91 -68.31
C ARG E 71 -7.55 -15.14 -69.13
N LYS E 72 -6.54 -15.74 -69.73
CA LYS E 72 -6.77 -16.94 -70.53
C LYS E 72 -7.34 -18.06 -69.69
N GLU E 73 -6.57 -18.48 -68.68
CA GLU E 73 -7.05 -19.47 -67.73
C GLU E 73 -8.47 -19.16 -67.31
N LEU E 74 -8.77 -17.87 -67.24
CA LEU E 74 -10.06 -17.37 -66.80
C LEU E 74 -11.16 -17.73 -67.79
N GLU E 75 -11.01 -17.29 -69.02
CA GLU E 75 -11.96 -17.61 -70.09
C GLU E 75 -12.16 -19.12 -70.12
N LYS E 76 -11.08 -19.85 -69.94
CA LYS E 76 -11.11 -21.31 -69.89
C LYS E 76 -12.13 -21.76 -68.85
N LEU E 77 -12.14 -21.06 -67.72
CA LEU E 77 -13.02 -21.36 -66.61
C LEU E 77 -14.49 -21.06 -66.96
N LEU E 78 -14.77 -19.83 -67.37
CA LEU E 78 -16.12 -19.39 -67.67
C LEU E 78 -16.92 -20.42 -68.45
N GLU E 79 -16.23 -21.15 -69.31
CA GLU E 79 -16.88 -22.09 -70.19
C GLU E 79 -17.76 -23.08 -69.43
N GLN E 80 -17.49 -23.22 -68.13
CA GLN E 80 -18.30 -24.07 -67.27
C GLN E 80 -19.59 -23.41 -66.85
N LEU E 81 -19.81 -22.19 -67.32
CA LEU E 81 -21.00 -21.43 -66.95
C LEU E 81 -21.89 -21.17 -68.15
N ASN E 82 -23.17 -20.99 -67.87
CA ASN E 82 -24.14 -20.67 -68.91
C ASN E 82 -24.20 -19.16 -69.12
N GLN E 83 -23.03 -18.57 -69.31
CA GLN E 83 -22.95 -17.15 -69.59
C GLN E 83 -22.88 -16.92 -71.10
N PRO E 84 -23.94 -16.32 -71.66
CA PRO E 84 -24.00 -16.04 -73.09
C PRO E 84 -22.68 -15.52 -73.59
N GLU E 85 -22.34 -14.29 -73.21
CA GLU E 85 -21.03 -13.75 -73.53
C GLU E 85 -20.19 -13.62 -72.28
N ALA E 86 -18.87 -13.69 -72.47
CA ALA E 86 -17.94 -13.48 -71.39
C ALA E 86 -17.57 -12.01 -71.32
N HIS E 87 -17.87 -11.37 -70.19
CA HIS E 87 -17.48 -9.99 -69.96
C HIS E 87 -16.34 -9.94 -68.95
N LEU E 88 -15.11 -9.91 -69.43
CA LEU E 88 -13.94 -9.85 -68.56
C LEU E 88 -13.22 -8.52 -68.67
N TYR E 89 -12.92 -7.91 -67.53
CA TYR E 89 -12.20 -6.65 -67.52
C TYR E 89 -10.97 -6.78 -66.63
N GLN E 90 -9.90 -6.09 -66.97
CA GLN E 90 -8.69 -6.15 -66.15
C GLN E 90 -8.58 -4.97 -65.21
N ILE E 91 -8.70 -5.24 -63.92
CA ILE E 91 -8.53 -4.19 -62.92
C ILE E 91 -7.62 -4.64 -61.79
N ASP E 92 -6.47 -3.97 -61.66
CA ASP E 92 -5.65 -4.08 -60.46
C ASP E 92 -6.08 -2.96 -59.54
N VAL E 93 -6.53 -3.33 -58.34
CA VAL E 93 -7.19 -2.38 -57.45
C VAL E 93 -6.26 -1.34 -56.85
N GLN E 94 -4.96 -1.43 -57.13
CA GLN E 94 -4.03 -0.45 -56.62
C GLN E 94 -4.06 0.82 -57.45
N SER E 95 -4.55 0.70 -58.68
CA SER E 95 -4.64 1.84 -59.58
C SER E 95 -6.01 2.49 -59.52
N ASP E 96 -6.05 3.74 -59.08
CA ASP E 96 -7.29 4.51 -59.06
C ASP E 96 -7.98 4.46 -60.41
N GLU E 97 -7.21 4.59 -61.48
CA GLU E 97 -7.78 4.62 -62.83
C GLU E 97 -8.35 3.28 -63.24
N GLU E 98 -7.52 2.25 -63.18
CA GLU E 98 -7.92 0.91 -63.60
C GLU E 98 -9.30 0.60 -63.06
N VAL E 99 -9.59 1.12 -61.89
CA VAL E 99 -10.90 0.95 -61.26
C VAL E 99 -11.94 1.90 -61.86
N ILE E 100 -11.67 3.21 -61.79
CA ILE E 100 -12.58 4.20 -62.37
C ILE E 100 -12.91 3.88 -63.82
N ASN E 101 -11.88 3.72 -64.64
CA ASN E 101 -12.07 3.39 -66.04
C ASN E 101 -12.76 2.04 -66.20
N GLY E 102 -12.18 1.02 -65.58
CA GLY E 102 -12.72 -0.32 -65.65
C GLY E 102 -14.23 -0.36 -65.49
N PHE E 103 -14.74 0.34 -64.48
CA PHE E 103 -16.16 0.36 -64.20
C PHE E 103 -16.95 1.12 -65.26
N GLU E 104 -16.52 2.35 -65.52
CA GLU E 104 -17.15 3.16 -66.55
C GLU E 104 -17.35 2.32 -67.81
N GLN E 105 -16.30 1.58 -68.18
CA GLN E 105 -16.35 0.74 -69.36
C GLN E 105 -17.47 -0.28 -69.26
N ILE E 106 -17.53 -0.98 -68.14
CA ILE E 106 -18.62 -1.91 -67.89
C ILE E 106 -19.96 -1.20 -68.04
N GLY E 107 -20.05 0.01 -67.47
CA GLY E 107 -21.26 0.81 -67.60
C GLY E 107 -21.64 0.99 -69.05
N LYS E 108 -20.61 1.16 -69.89
CA LYS E 108 -20.84 1.32 -71.33
C LYS E 108 -21.19 -0.01 -71.96
N ASP E 109 -20.52 -1.07 -71.53
CA ASP E 109 -20.68 -2.37 -72.16
C ASP E 109 -21.91 -3.14 -71.68
N VAL E 110 -22.31 -2.95 -70.44
CA VAL E 110 -23.42 -3.73 -69.92
C VAL E 110 -24.45 -2.83 -69.24
N GLY E 111 -24.17 -1.55 -69.17
CA GLY E 111 -25.09 -0.61 -68.56
C GLY E 111 -25.07 -0.73 -67.05
N ASN E 112 -26.25 -0.78 -66.43
CA ASN E 112 -26.34 -0.81 -64.98
C ASN E 112 -26.23 -2.20 -64.37
N ILE E 113 -25.73 -2.27 -63.14
CA ILE E 113 -25.57 -3.54 -62.43
C ILE E 113 -26.38 -3.56 -61.13
N ASP E 114 -26.51 -4.74 -60.56
CA ASP E 114 -27.33 -4.92 -59.37
C ASP E 114 -26.48 -5.09 -58.12
N GLY E 115 -25.19 -5.34 -58.30
CA GLY E 115 -24.30 -5.49 -57.17
C GLY E 115 -22.91 -5.97 -57.54
N VAL E 116 -22.06 -6.08 -56.52
CA VAL E 116 -20.67 -6.46 -56.71
C VAL E 116 -20.20 -7.45 -55.64
N TYR E 117 -19.45 -8.46 -56.06
CA TYR E 117 -18.81 -9.32 -55.07
C TYR E 117 -17.33 -9.08 -55.06
N HIS E 118 -16.80 -8.87 -53.86
CA HIS E 118 -15.41 -8.47 -53.69
C HIS E 118 -14.66 -9.57 -52.97
N SER E 119 -13.86 -10.32 -53.72
CA SER E 119 -13.13 -11.44 -53.15
C SER E 119 -11.64 -11.21 -53.25
N ILE E 120 -11.22 -9.98 -53.01
CA ILE E 120 -9.83 -9.58 -53.20
C ILE E 120 -9.10 -9.27 -51.88
N ALA E 121 -7.83 -9.67 -51.81
CA ALA E 121 -7.00 -9.33 -50.67
C ALA E 121 -5.55 -9.75 -50.93
N PHE E 122 -4.62 -9.12 -50.23
CA PHE E 122 -3.22 -9.53 -50.31
C PHE E 122 -2.40 -9.14 -49.08
N ALA E 123 -1.36 -9.92 -48.83
CA ALA E 123 -0.38 -9.64 -47.79
C ALA E 123 0.90 -10.40 -48.09
N ASN E 124 2.04 -9.88 -47.66
CA ASN E 124 3.31 -10.55 -47.89
C ASN E 124 3.50 -11.74 -46.96
N MET E 125 3.76 -12.91 -47.54
CA MET E 125 3.93 -14.11 -46.75
C MET E 125 4.95 -13.94 -45.62
N GLU E 126 5.91 -13.04 -45.83
CA GLU E 126 6.88 -12.74 -44.80
C GLU E 126 6.18 -12.24 -43.54
N ASP E 127 5.46 -11.13 -43.70
CA ASP E 127 4.77 -10.48 -42.60
C ASP E 127 3.79 -11.38 -41.86
N LEU E 128 3.50 -12.55 -42.44
CA LEU E 128 2.57 -13.51 -41.83
C LEU E 128 3.31 -14.57 -41.03
N ARG E 129 4.61 -14.65 -41.27
CA ARG E 129 5.44 -15.65 -40.63
C ARG E 129 6.18 -15.01 -39.49
N GLY E 130 6.80 -13.86 -39.77
CA GLY E 130 7.51 -13.12 -38.76
C GLY E 130 6.57 -12.83 -37.61
N ARG E 131 7.11 -12.44 -36.46
CA ARG E 131 6.28 -11.94 -35.38
C ARG E 131 5.54 -10.73 -35.90
N PHE E 132 4.33 -10.53 -35.40
CA PHE E 132 3.52 -9.42 -35.88
C PHE E 132 4.21 -8.08 -35.61
N SER E 133 4.82 -7.94 -34.45
CA SER E 133 5.46 -6.70 -34.07
C SER E 133 6.55 -6.30 -35.06
N GLU E 134 7.06 -7.30 -35.78
CA GLU E 134 8.15 -7.07 -36.72
C GLU E 134 7.64 -6.60 -38.07
N THR E 135 6.32 -6.68 -38.27
CA THR E 135 5.69 -6.27 -39.53
C THR E 135 6.25 -4.96 -40.07
N SER E 136 6.58 -4.95 -41.36
CA SER E 136 7.13 -3.77 -42.02
C SER E 136 6.05 -2.78 -42.40
N ARG E 137 6.41 -1.51 -42.51
CA ARG E 137 5.42 -0.48 -42.83
C ARG E 137 4.83 -0.68 -44.22
N GLU E 138 5.67 -0.97 -45.21
CA GLU E 138 5.15 -1.22 -46.55
C GLU E 138 4.18 -2.37 -46.46
N GLY E 139 4.67 -3.51 -45.99
CA GLY E 139 3.87 -4.71 -45.89
C GLY E 139 2.52 -4.38 -45.29
N PHE E 140 2.55 -3.63 -44.20
CA PHE E 140 1.33 -3.25 -43.51
C PHE E 140 0.39 -2.46 -44.41
N LEU E 141 0.85 -1.28 -44.83
CA LEU E 141 0.04 -0.37 -45.63
C LEU E 141 -0.40 -1.01 -46.94
N LEU E 142 0.43 -1.89 -47.48
CA LEU E 142 0.10 -2.61 -48.69
C LEU E 142 -1.18 -3.42 -48.49
N ALA E 143 -1.20 -4.25 -47.45
CA ALA E 143 -2.37 -5.04 -47.15
C ALA E 143 -3.60 -4.17 -46.94
N GLN E 144 -3.43 -3.09 -46.19
CA GLN E 144 -4.53 -2.16 -45.99
C GLN E 144 -5.08 -1.70 -47.33
N ASP E 145 -4.18 -1.34 -48.23
CA ASP E 145 -4.52 -0.82 -49.55
C ASP E 145 -5.37 -1.81 -50.35
N ILE E 146 -4.77 -2.96 -50.64
CA ILE E 146 -5.43 -3.97 -51.46
C ILE E 146 -6.60 -4.64 -50.76
N SER E 147 -6.42 -4.97 -49.49
CA SER E 147 -7.39 -5.79 -48.78
C SER E 147 -8.57 -5.00 -48.22
N SER E 148 -8.40 -3.70 -48.04
CA SER E 148 -9.47 -2.91 -47.46
C SER E 148 -9.90 -1.73 -48.34
N TYR E 149 -8.98 -0.80 -48.59
CA TYR E 149 -9.35 0.40 -49.34
C TYR E 149 -10.02 0.07 -50.65
N SER E 150 -9.44 -0.89 -51.36
CA SER E 150 -9.97 -1.32 -52.65
C SER E 150 -11.49 -1.28 -52.63
N LEU E 151 -12.07 -1.85 -51.58
CA LEU E 151 -13.50 -1.86 -51.43
C LEU E 151 -14.10 -0.47 -51.54
N THR E 152 -13.61 0.46 -50.72
CA THR E 152 -14.10 1.83 -50.75
C THR E 152 -14.23 2.40 -52.16
N ILE E 153 -13.12 2.44 -52.89
CA ILE E 153 -13.12 3.04 -54.22
C ILE E 153 -14.01 2.24 -55.17
N VAL E 154 -13.95 0.92 -55.05
CA VAL E 154 -14.79 0.07 -55.89
C VAL E 154 -16.24 0.45 -55.70
N ALA E 155 -16.65 0.57 -54.44
CA ALA E 155 -18.02 0.97 -54.13
C ALA E 155 -18.34 2.31 -54.79
N HIS E 156 -17.47 3.29 -54.58
CA HIS E 156 -17.71 4.61 -55.12
C HIS E 156 -18.03 4.59 -56.61
N GLU E 157 -17.30 3.75 -57.34
CA GLU E 157 -17.48 3.64 -58.79
C GLU E 157 -18.71 2.81 -59.15
N ALA E 158 -18.85 1.66 -58.50
CA ALA E 158 -19.98 0.77 -58.74
C ALA E 158 -21.30 1.49 -58.47
N LYS E 159 -21.28 2.39 -57.48
CA LYS E 159 -22.44 3.20 -57.14
C LYS E 159 -23.04 3.81 -58.40
N LYS E 160 -22.16 4.32 -59.26
CA LYS E 160 -22.56 4.97 -60.49
C LYS E 160 -23.35 4.05 -61.42
N LEU E 161 -23.21 2.73 -61.24
CA LEU E 161 -23.90 1.78 -62.08
C LEU E 161 -25.12 1.17 -61.39
N MET E 162 -25.47 1.71 -60.23
CA MET E 162 -26.60 1.20 -59.49
C MET E 162 -27.48 2.35 -59.03
N PRO E 163 -28.22 2.93 -59.98
CA PRO E 163 -29.06 4.11 -59.77
C PRO E 163 -30.22 3.80 -58.84
N GLU E 164 -30.87 2.66 -59.04
CA GLU E 164 -31.99 2.25 -58.20
C GLU E 164 -31.50 1.50 -56.98
N GLY E 165 -30.18 1.49 -56.77
CA GLY E 165 -29.60 0.80 -55.64
C GLY E 165 -29.05 -0.56 -55.99
N GLY E 166 -28.58 -1.29 -54.99
CA GLY E 166 -28.00 -2.60 -55.18
C GLY E 166 -27.30 -3.12 -53.95
N SER E 167 -26.58 -4.23 -54.09
CA SER E 167 -25.93 -4.87 -52.95
C SER E 167 -24.45 -5.15 -53.21
N ILE E 168 -23.63 -4.82 -52.21
CA ILE E 168 -22.20 -5.11 -52.27
C ILE E 168 -21.78 -6.04 -51.15
N VAL E 169 -21.00 -7.06 -51.50
CA VAL E 169 -20.53 -8.02 -50.53
C VAL E 169 -19.02 -8.18 -50.59
N ALA E 170 -18.38 -8.19 -49.44
CA ALA E 170 -16.95 -8.41 -49.37
C ALA E 170 -16.66 -9.64 -48.52
N THR E 171 -15.48 -10.22 -48.70
CA THR E 171 -15.15 -11.44 -47.98
C THR E 171 -14.12 -11.20 -46.90
N THR E 172 -14.49 -11.50 -45.66
CA THR E 172 -13.56 -11.35 -44.55
C THR E 172 -13.28 -12.70 -43.88
N TYR E 173 -12.45 -12.68 -42.86
CA TYR E 173 -12.13 -13.88 -42.10
C TYR E 173 -12.21 -13.58 -40.60
N LEU E 174 -12.40 -14.63 -39.81
CA LEU E 174 -12.56 -14.48 -38.37
C LEU E 174 -11.44 -13.67 -37.73
N GLY E 175 -10.27 -13.72 -38.36
CA GLY E 175 -9.08 -13.06 -37.83
C GLY E 175 -9.17 -11.54 -37.85
N GLY E 176 -10.27 -11.01 -38.39
CA GLY E 176 -10.54 -9.60 -38.31
C GLY E 176 -11.14 -9.23 -36.96
N GLU E 177 -11.67 -10.24 -36.25
CA GLU E 177 -12.35 -10.02 -34.99
C GLU E 177 -11.55 -10.52 -33.78
N PHE E 178 -10.60 -11.40 -34.03
CA PHE E 178 -9.76 -11.91 -32.95
C PHE E 178 -8.35 -12.10 -33.46
N ALA E 179 -7.39 -12.03 -32.55
CA ALA E 179 -6.02 -12.33 -32.91
C ALA E 179 -5.95 -13.81 -33.21
N VAL E 180 -5.72 -14.14 -34.48
CA VAL E 180 -5.56 -15.52 -34.90
C VAL E 180 -4.10 -15.81 -35.17
N GLN E 181 -3.58 -16.84 -34.50
CA GLN E 181 -2.20 -17.26 -34.69
C GLN E 181 -1.78 -17.11 -36.14
N ASN E 182 -0.78 -16.27 -36.40
CA ASN E 182 -0.16 -16.16 -37.72
C ASN E 182 -0.86 -15.28 -38.75
N TYR E 183 -2.15 -15.01 -38.57
CA TYR E 183 -2.88 -14.16 -39.52
C TYR E 183 -2.31 -12.75 -39.49
N ASN E 184 -1.69 -12.40 -38.37
CA ASN E 184 -0.98 -11.11 -38.23
C ASN E 184 -1.54 -9.96 -39.05
N VAL E 185 -0.70 -9.40 -39.91
CA VAL E 185 -1.05 -8.18 -40.61
C VAL E 185 -2.36 -8.32 -41.39
N MET E 186 -2.59 -9.50 -41.96
CA MET E 186 -3.81 -9.70 -42.73
C MET E 186 -5.03 -9.53 -41.83
N GLY E 187 -4.88 -9.96 -40.57
CA GLY E 187 -5.93 -9.82 -39.58
C GLY E 187 -6.35 -8.37 -39.49
N VAL E 188 -5.39 -7.49 -39.22
CA VAL E 188 -5.65 -6.06 -39.10
C VAL E 188 -6.29 -5.48 -40.37
N ALA E 189 -5.85 -5.97 -41.53
CA ALA E 189 -6.45 -5.52 -42.78
C ALA E 189 -7.93 -5.88 -42.80
N LYS E 190 -8.24 -7.12 -42.40
CA LYS E 190 -9.62 -7.59 -42.39
C LYS E 190 -10.44 -6.79 -41.39
N ALA E 191 -9.91 -6.61 -40.20
CA ALA E 191 -10.54 -5.75 -39.22
C ALA E 191 -10.89 -4.43 -39.89
N SER E 192 -9.90 -3.84 -40.56
CA SER E 192 -10.09 -2.60 -41.28
C SER E 192 -11.22 -2.75 -42.29
N LEU E 193 -11.18 -3.84 -43.03
CA LEU E 193 -12.20 -4.09 -44.03
C LEU E 193 -13.59 -4.15 -43.40
N GLU E 194 -13.70 -4.88 -42.30
CA GLU E 194 -15.00 -5.08 -41.68
C GLU E 194 -15.59 -3.75 -41.24
N ALA E 195 -14.73 -2.80 -40.92
CA ALA E 195 -15.19 -1.46 -40.56
C ALA E 195 -15.55 -0.70 -41.82
N ASN E 196 -14.71 -0.84 -42.84
CA ASN E 196 -14.97 -0.24 -44.13
C ASN E 196 -16.42 -0.52 -44.53
N VAL E 197 -16.79 -1.80 -44.43
CA VAL E 197 -18.15 -2.22 -44.75
C VAL E 197 -19.21 -1.39 -44.03
N LYS E 198 -19.10 -1.32 -42.72
CA LYS E 198 -20.05 -0.54 -41.92
C LYS E 198 -20.13 0.90 -42.39
N TYR E 199 -18.99 1.57 -42.49
CA TYR E 199 -18.99 2.97 -42.89
C TYR E 199 -19.58 3.14 -44.29
N LEU E 200 -19.25 2.23 -45.20
CA LEU E 200 -19.85 2.27 -46.53
C LEU E 200 -21.35 2.05 -46.42
N ALA E 201 -21.75 1.01 -45.71
CA ALA E 201 -23.16 0.66 -45.57
C ALA E 201 -23.96 1.88 -45.16
N LEU E 202 -23.38 2.66 -44.26
CA LEU E 202 -24.00 3.87 -43.73
C LEU E 202 -24.02 4.94 -44.80
N ASP E 203 -22.88 5.13 -45.44
CA ASP E 203 -22.76 6.17 -46.44
C ASP E 203 -23.74 5.96 -47.58
N LEU E 204 -23.91 4.71 -47.99
CA LEU E 204 -24.68 4.42 -49.20
C LEU E 204 -26.07 3.86 -48.92
N GLY E 205 -26.41 3.72 -47.64
CA GLY E 205 -27.75 3.30 -47.27
C GLY E 205 -28.80 4.12 -47.99
N PRO E 206 -28.67 5.45 -47.93
CA PRO E 206 -29.63 6.37 -48.56
C PRO E 206 -29.77 6.10 -50.04
N ASP E 207 -28.65 5.86 -50.71
CA ASP E 207 -28.66 5.58 -52.14
C ASP E 207 -29.15 4.16 -52.39
N ASN E 208 -29.74 3.57 -51.36
CA ASN E 208 -30.32 2.23 -51.43
C ASN E 208 -29.32 1.17 -51.85
N ILE E 209 -28.11 1.29 -51.34
CA ILE E 209 -27.10 0.28 -51.57
C ILE E 209 -26.72 -0.38 -50.26
N ARG E 210 -26.84 -1.71 -50.23
CA ARG E 210 -26.51 -2.46 -49.03
C ARG E 210 -25.10 -3.00 -49.14
N VAL E 211 -24.36 -2.89 -48.04
CA VAL E 211 -22.99 -3.30 -48.01
C VAL E 211 -22.82 -4.26 -46.85
N ASN E 212 -22.42 -5.49 -47.15
CA ASN E 212 -22.25 -6.48 -46.09
C ASN E 212 -21.01 -7.32 -46.35
N ALA E 213 -20.66 -8.16 -45.38
CA ALA E 213 -19.49 -8.99 -45.55
C ALA E 213 -19.79 -10.41 -45.13
N ILE E 214 -19.04 -11.34 -45.72
CA ILE E 214 -19.09 -12.73 -45.29
C ILE E 214 -17.79 -13.14 -44.62
N SER E 215 -17.87 -13.49 -43.33
CA SER E 215 -16.72 -14.04 -42.66
C SER E 215 -16.72 -15.53 -43.00
N ALA E 216 -15.83 -15.91 -43.89
CA ALA E 216 -15.74 -17.27 -44.37
C ALA E 216 -14.87 -18.12 -43.45
N GLY E 217 -15.17 -19.40 -43.38
CA GLY E 217 -14.32 -20.33 -42.69
C GLY E 217 -13.08 -20.53 -43.55
N PRO E 218 -12.09 -21.27 -43.04
CA PRO E 218 -10.91 -21.54 -43.84
C PRO E 218 -11.28 -22.44 -45.01
N ILE E 219 -10.85 -22.03 -46.20
CA ILE E 219 -11.08 -22.83 -47.40
C ILE E 219 -9.79 -22.99 -48.19
N ARG E 220 -9.63 -24.17 -48.78
CA ARG E 220 -8.47 -24.48 -49.59
C ARG E 220 -8.46 -23.69 -50.89
N THR E 221 -7.85 -22.52 -50.88
CA THR E 221 -7.76 -21.71 -52.07
C THR E 221 -6.31 -21.60 -52.52
N LEU E 222 -6.12 -20.96 -53.66
CA LEU E 222 -4.79 -20.70 -54.17
C LEU E 222 -3.94 -20.02 -53.08
N SER E 223 -4.47 -18.93 -52.54
CA SER E 223 -3.75 -18.15 -51.53
C SER E 223 -3.64 -18.89 -50.21
N ALA E 224 -4.61 -19.74 -49.91
CA ALA E 224 -4.58 -20.56 -48.71
C ALA E 224 -3.35 -21.45 -48.73
N LYS E 225 -2.83 -21.69 -49.93
CA LYS E 225 -1.62 -22.48 -50.07
C LYS E 225 -0.41 -21.68 -49.60
N GLY E 226 0.40 -22.29 -48.74
CA GLY E 226 1.63 -21.67 -48.29
C GLY E 226 1.53 -21.07 -46.91
N VAL E 227 0.33 -21.09 -46.32
CA VAL E 227 0.16 -20.57 -44.98
C VAL E 227 0.50 -21.62 -43.92
N GLY E 228 1.24 -21.19 -42.91
CA GLY E 228 1.62 -22.09 -41.83
C GLY E 228 0.45 -22.46 -40.95
N GLY E 229 0.40 -23.74 -40.55
CA GLY E 229 -0.60 -24.21 -39.61
C GLY E 229 -2.02 -24.19 -40.17
N PHE E 230 -2.14 -24.01 -41.48
CA PHE E 230 -3.44 -24.02 -42.13
C PHE E 230 -4.15 -25.34 -41.89
N ASN E 231 -3.48 -26.43 -42.26
CA ASN E 231 -4.04 -27.77 -42.11
C ASN E 231 -4.48 -28.05 -40.68
N THR E 232 -3.71 -27.53 -39.72
CA THR E 232 -4.05 -27.67 -38.32
C THR E 232 -5.45 -27.12 -38.06
N ILE E 233 -5.67 -25.89 -38.50
CA ILE E 233 -6.94 -25.21 -38.27
C ILE E 233 -8.11 -25.94 -38.88
N LEU E 234 -8.00 -26.27 -40.16
CA LEU E 234 -9.02 -27.06 -40.84
C LEU E 234 -9.50 -28.22 -39.97
N LYS E 235 -8.55 -28.85 -39.28
CA LYS E 235 -8.88 -29.99 -38.44
C LYS E 235 -9.54 -29.53 -37.15
N GLU E 236 -8.95 -28.52 -36.51
CA GLU E 236 -9.54 -27.96 -35.31
C GLU E 236 -10.98 -27.54 -35.56
N ILE E 237 -11.25 -27.03 -36.75
CA ILE E 237 -12.62 -26.71 -37.15
C ILE E 237 -13.52 -27.95 -37.05
N GLU E 238 -13.17 -28.99 -37.80
CA GLU E 238 -13.92 -30.23 -37.76
C GLU E 238 -14.13 -30.70 -36.33
N GLU E 239 -13.11 -30.57 -35.51
CA GLU E 239 -13.18 -31.07 -34.15
C GLU E 239 -13.98 -30.20 -33.21
N ARG E 240 -13.95 -28.89 -33.42
CA ARG E 240 -14.57 -27.98 -32.47
C ARG E 240 -15.82 -27.25 -32.99
N ALA E 241 -15.83 -26.93 -34.27
CA ALA E 241 -16.94 -26.20 -34.87
C ALA E 241 -18.22 -26.96 -34.61
N PRO E 242 -19.31 -26.24 -34.31
CA PRO E 242 -20.61 -26.89 -34.04
C PRO E 242 -20.98 -27.93 -35.09
N LEU E 243 -20.81 -27.59 -36.37
CA LEU E 243 -21.14 -28.54 -37.44
C LEU E 243 -20.10 -29.65 -37.60
N LYS E 244 -19.01 -29.56 -36.84
CA LYS E 244 -17.99 -30.60 -36.86
C LYS E 244 -17.50 -30.90 -38.27
N ARG E 245 -17.55 -29.90 -39.15
CA ARG E 245 -17.09 -30.06 -40.52
C ARG E 245 -16.54 -28.76 -41.05
N ASN E 246 -16.05 -28.77 -42.28
CA ASN E 246 -15.59 -27.53 -42.90
C ASN E 246 -16.54 -27.04 -43.96
N VAL E 247 -16.28 -25.84 -44.44
CA VAL E 247 -17.15 -25.19 -45.43
C VAL E 247 -16.48 -25.10 -46.81
N ASP E 248 -17.26 -24.85 -47.85
CA ASP E 248 -16.70 -24.72 -49.19
C ASP E 248 -17.13 -23.46 -49.91
N GLN E 249 -16.52 -23.21 -51.06
CA GLN E 249 -16.76 -22.00 -51.83
C GLN E 249 -18.23 -21.86 -52.19
N VAL E 250 -18.88 -22.97 -52.46
CA VAL E 250 -20.30 -22.96 -52.80
C VAL E 250 -21.15 -22.41 -51.67
N GLU E 251 -21.00 -23.00 -50.48
CA GLU E 251 -21.75 -22.57 -49.33
C GLU E 251 -21.63 -21.06 -49.19
N VAL E 252 -20.42 -20.57 -49.40
CA VAL E 252 -20.19 -19.14 -49.41
C VAL E 252 -21.02 -18.51 -50.52
N GLY E 253 -20.85 -19.00 -51.74
CA GLY E 253 -21.63 -18.52 -52.86
C GLY E 253 -23.11 -18.41 -52.50
N LYS E 254 -23.64 -19.43 -51.83
CA LYS E 254 -25.06 -19.45 -51.48
C LYS E 254 -25.43 -18.27 -50.61
N THR E 255 -24.71 -18.12 -49.50
CA THR E 255 -24.93 -16.97 -48.62
C THR E 255 -24.72 -15.67 -49.41
N ALA E 256 -23.68 -15.65 -50.22
CA ALA E 256 -23.41 -14.53 -51.11
C ALA E 256 -24.68 -14.17 -51.88
N ALA E 257 -25.32 -15.17 -52.45
CA ALA E 257 -26.55 -14.94 -53.20
C ALA E 257 -27.63 -14.32 -52.33
N TYR E 258 -27.86 -14.91 -51.16
CA TYR E 258 -28.79 -14.36 -50.20
C TYR E 258 -28.54 -12.88 -50.05
N LEU E 259 -27.28 -12.53 -49.80
CA LEU E 259 -26.89 -11.15 -49.57
C LEU E 259 -27.05 -10.26 -50.79
N LEU E 260 -26.71 -10.77 -51.96
CA LEU E 260 -26.78 -9.96 -53.17
C LEU E 260 -28.21 -9.82 -53.65
N SER E 261 -29.08 -10.71 -53.20
CA SER E 261 -30.45 -10.74 -53.66
C SER E 261 -31.33 -9.87 -52.78
N ASP E 262 -32.58 -9.69 -53.22
CA ASP E 262 -33.53 -8.89 -52.47
C ASP E 262 -33.98 -9.63 -51.22
N LEU E 263 -33.58 -10.89 -51.12
CA LEU E 263 -33.85 -11.70 -49.95
C LEU E 263 -33.28 -11.02 -48.70
N SER E 264 -32.08 -10.48 -48.84
CA SER E 264 -31.40 -9.83 -47.74
C SER E 264 -31.71 -8.34 -47.71
N SER E 265 -32.80 -7.93 -48.33
CA SER E 265 -33.21 -6.53 -48.22
C SER E 265 -33.45 -6.28 -46.74
N GLY E 266 -33.01 -5.13 -46.26
CA GLY E 266 -33.15 -4.83 -44.85
C GLY E 266 -31.92 -5.23 -44.04
N VAL E 267 -31.04 -6.02 -44.65
CA VAL E 267 -29.76 -6.35 -44.04
C VAL E 267 -28.64 -5.53 -44.65
N THR E 268 -28.04 -4.65 -43.87
CA THR E 268 -26.89 -3.92 -44.35
C THR E 268 -25.93 -3.68 -43.19
N GLY E 269 -24.64 -3.61 -43.51
CA GLY E 269 -23.62 -3.45 -42.49
C GLY E 269 -23.44 -4.69 -41.65
N GLU E 270 -23.93 -5.82 -42.14
CA GLU E 270 -23.84 -7.05 -41.38
C GLU E 270 -22.66 -7.89 -41.83
N ASN E 271 -22.12 -8.67 -40.90
CA ASN E 271 -21.08 -9.63 -41.20
C ASN E 271 -21.58 -11.03 -40.88
N ILE E 272 -21.74 -11.84 -41.91
CA ILE E 272 -22.30 -13.18 -41.76
C ILE E 272 -21.20 -14.23 -41.79
N HIS E 273 -21.14 -15.03 -40.74
CA HIS E 273 -20.11 -16.04 -40.64
C HIS E 273 -20.61 -17.31 -41.26
N VAL E 274 -20.01 -17.66 -42.38
CA VAL E 274 -20.25 -18.94 -43.00
C VAL E 274 -19.05 -19.83 -42.67
N ASP E 275 -19.11 -20.50 -41.52
CA ASP E 275 -17.93 -21.12 -40.95
C ASP E 275 -18.27 -22.28 -40.02
N SER E 276 -19.41 -22.91 -40.25
CA SER E 276 -19.86 -24.00 -39.38
C SER E 276 -20.06 -23.51 -37.95
N GLY E 277 -20.30 -22.21 -37.79
CA GLY E 277 -20.59 -21.64 -36.49
C GLY E 277 -19.39 -21.65 -35.57
N PHE E 278 -18.20 -21.72 -36.16
CA PHE E 278 -16.98 -21.73 -35.37
C PHE E 278 -16.83 -20.41 -34.62
N HIS E 279 -17.39 -19.36 -35.19
CA HIS E 279 -17.32 -18.02 -34.62
C HIS E 279 -18.04 -17.96 -33.27
N ALA E 280 -18.97 -18.86 -33.05
CA ALA E 280 -19.84 -18.78 -31.90
C ALA E 280 -19.27 -19.53 -30.70
N ILE E 281 -18.17 -20.24 -30.89
CA ILE E 281 -17.63 -21.06 -29.81
C ILE E 281 -16.32 -20.51 -29.28
N LYS E 282 -15.84 -21.12 -28.19
CA LYS E 282 -14.62 -20.69 -27.55
C LYS E 282 -14.20 -21.72 -26.51
N ASN F 29 1.13 2.79 -6.54
CA ASN F 29 2.26 3.71 -6.44
C ASN F 29 3.28 3.52 -7.55
N LEU F 30 3.66 4.62 -8.20
CA LEU F 30 4.39 4.54 -9.44
C LEU F 30 5.83 5.03 -9.42
N GLU F 31 6.40 5.18 -8.22
CA GLU F 31 7.83 5.46 -8.13
C GLU F 31 8.58 4.30 -8.79
N ASN F 32 9.79 4.55 -9.24
CA ASN F 32 10.61 3.51 -9.86
C ASN F 32 9.99 3.01 -11.16
N LYS F 33 8.92 3.67 -11.59
CA LYS F 33 8.28 3.36 -12.86
C LYS F 33 8.53 4.48 -13.84
N THR F 34 8.85 4.12 -15.08
CA THR F 34 9.12 5.11 -16.11
C THR F 34 8.28 4.84 -17.34
N TYR F 35 7.46 5.81 -17.72
CA TYR F 35 6.57 5.66 -18.85
C TYR F 35 6.81 6.70 -19.94
N VAL F 36 6.62 6.29 -21.18
CA VAL F 36 6.77 7.18 -22.32
C VAL F 36 5.40 7.64 -22.77
N ILE F 37 5.17 8.94 -22.81
CA ILE F 37 3.89 9.47 -23.22
C ILE F 37 3.99 10.15 -24.57
N MET F 38 3.34 9.57 -25.58
CA MET F 38 3.38 10.14 -26.91
C MET F 38 2.05 10.77 -27.30
N GLY F 39 2.11 12.00 -27.83
CA GLY F 39 0.93 12.63 -28.39
C GLY F 39 0.34 13.76 -27.56
N ILE F 40 1.22 14.51 -26.90
CA ILE F 40 0.77 15.71 -26.22
C ILE F 40 0.93 16.90 -27.16
N ALA F 41 -0.12 17.68 -27.30
CA ALA F 41 -0.10 18.86 -28.15
C ALA F 41 -0.37 20.09 -27.31
N ASN F 42 -1.14 19.93 -26.24
CA ASN F 42 -1.46 21.04 -25.35
C ASN F 42 -2.12 20.60 -24.05
N LYS F 43 -2.50 21.59 -23.25
CA LYS F 43 -3.11 21.34 -21.94
C LYS F 43 -4.41 20.58 -22.07
N ARG F 44 -4.95 20.56 -23.27
CA ARG F 44 -6.22 19.87 -23.50
C ARG F 44 -6.00 18.50 -24.09
N SER F 45 -4.77 18.24 -24.51
CA SER F 45 -4.42 16.91 -24.99
C SER F 45 -4.88 15.88 -23.98
N ILE F 46 -5.40 14.77 -24.50
CA ILE F 46 -5.79 13.66 -23.65
C ILE F 46 -4.56 13.11 -22.97
N ALA F 47 -3.49 12.98 -23.74
CA ALA F 47 -2.22 12.46 -23.25
C ALA F 47 -1.71 13.28 -22.07
N PHE F 48 -2.12 14.55 -22.03
CA PHE F 48 -1.75 15.41 -20.90
C PHE F 48 -2.55 15.02 -19.66
N GLY F 49 -3.85 14.81 -19.84
CA GLY F 49 -4.68 14.34 -18.76
C GLY F 49 -4.08 13.10 -18.13
N VAL F 50 -3.50 12.25 -18.98
CA VAL F 50 -2.81 11.07 -18.49
C VAL F 50 -1.58 11.45 -17.69
N ALA F 51 -0.71 12.23 -18.32
CA ALA F 51 0.55 12.65 -17.70
C ALA F 51 0.33 13.12 -16.28
N LYS F 52 -0.60 14.05 -16.12
CA LYS F 52 -0.90 14.60 -14.81
C LYS F 52 -1.10 13.50 -13.78
N VAL F 53 -1.96 12.55 -14.11
CA VAL F 53 -2.26 11.43 -13.23
C VAL F 53 -1.02 10.61 -12.89
N LEU F 54 -0.25 10.23 -13.90
CA LEU F 54 0.96 9.45 -13.69
C LEU F 54 1.98 10.20 -12.84
N ASP F 55 2.25 11.45 -13.23
CA ASP F 55 3.13 12.31 -12.46
C ASP F 55 2.69 12.32 -11.01
N GLN F 56 1.39 12.49 -10.80
CA GLN F 56 0.83 12.53 -9.46
C GLN F 56 1.04 11.22 -8.71
N LEU F 57 1.48 10.19 -9.41
CA LEU F 57 1.74 8.90 -8.76
C LEU F 57 3.22 8.60 -8.65
N GLY F 58 4.05 9.60 -8.93
CA GLY F 58 5.48 9.48 -8.75
C GLY F 58 6.19 8.76 -9.88
N ALA F 59 5.52 8.60 -11.01
CA ALA F 59 6.13 7.94 -12.15
C ALA F 59 7.11 8.89 -12.81
N LYS F 60 8.22 8.36 -13.31
CA LYS F 60 9.14 9.14 -14.13
C LYS F 60 8.60 9.16 -15.55
N LEU F 61 8.40 10.35 -16.11
CA LEU F 61 7.75 10.47 -17.41
C LEU F 61 8.66 10.96 -18.54
N VAL F 62 8.53 10.33 -19.70
CA VAL F 62 9.24 10.73 -20.91
C VAL F 62 8.21 11.11 -21.97
N PHE F 63 8.54 12.10 -22.80
CA PHE F 63 7.55 12.62 -23.73
C PHE F 63 8.07 12.64 -25.15
N THR F 64 7.16 12.57 -26.12
CA THR F 64 7.55 12.72 -27.52
C THR F 64 6.63 13.69 -28.24
N TYR F 65 7.21 14.42 -29.19
CA TYR F 65 6.47 15.41 -29.96
C TYR F 65 6.79 15.28 -31.44
N ARG F 66 5.97 15.89 -32.29
CA ARG F 66 6.19 15.78 -33.72
C ARG F 66 7.06 16.91 -34.28
N LYS F 67 6.68 18.16 -34.02
CA LYS F 67 7.40 19.30 -34.55
C LYS F 67 8.14 20.09 -33.46
N GLU F 68 9.24 20.74 -33.84
CA GLU F 68 10.03 21.54 -32.90
C GLU F 68 9.18 22.59 -32.21
N ARG F 69 8.52 23.40 -33.03
CA ARG F 69 7.69 24.51 -32.54
C ARG F 69 6.84 24.13 -31.35
N SER F 70 6.40 22.87 -31.30
CA SER F 70 5.63 22.37 -30.18
C SER F 70 6.49 22.32 -28.93
N ARG F 71 7.71 21.84 -29.09
CA ARG F 71 8.60 21.55 -27.96
C ARG F 71 8.65 22.63 -26.89
N LYS F 72 8.75 23.89 -27.30
CA LYS F 72 8.80 24.97 -26.33
C LYS F 72 7.52 25.01 -25.49
N GLU F 73 6.39 25.21 -26.15
CA GLU F 73 5.10 25.13 -25.49
C GLU F 73 5.04 23.93 -24.56
N LEU F 74 5.70 22.86 -24.99
CA LEU F 74 5.75 21.61 -24.24
C LEU F 74 6.45 21.78 -22.91
N GLU F 75 7.72 22.17 -22.98
CA GLU F 75 8.52 22.40 -21.78
C GLU F 75 7.76 23.32 -20.84
N LYS F 76 7.10 24.32 -21.44
CA LYS F 76 6.25 25.24 -20.69
C LYS F 76 5.22 24.49 -19.87
N LEU F 77 4.65 23.45 -20.48
CA LEU F 77 3.67 22.60 -19.81
C LEU F 77 4.27 21.81 -18.66
N LEU F 78 5.28 21.01 -18.95
CA LEU F 78 5.90 20.13 -17.96
C LEU F 78 6.05 20.78 -16.61
N GLU F 79 6.30 22.09 -16.62
CA GLU F 79 6.59 22.81 -15.39
C GLU F 79 5.50 22.62 -14.35
N GLN F 80 4.32 22.22 -14.81
CA GLN F 80 3.20 21.96 -13.90
C GLN F 80 3.34 20.60 -13.25
N LEU F 81 4.42 19.90 -13.56
CA LEU F 81 4.63 18.56 -13.08
C LEU F 81 5.84 18.46 -12.16
N ASN F 82 5.81 17.50 -11.25
CA ASN F 82 6.94 17.27 -10.37
C ASN F 82 7.95 16.33 -11.00
N GLN F 83 8.31 16.64 -12.24
CA GLN F 83 9.33 15.87 -12.95
C GLN F 83 10.70 16.52 -12.76
N PRO F 84 11.60 15.82 -12.04
CA PRO F 84 12.95 16.31 -11.76
C PRO F 84 13.55 16.92 -13.02
N GLU F 85 13.84 16.08 -14.01
CA GLU F 85 14.29 16.57 -15.29
C GLU F 85 13.24 16.32 -16.36
N ALA F 86 13.24 17.19 -17.37
CA ALA F 86 12.38 17.02 -18.52
C ALA F 86 13.09 16.19 -19.58
N HIS F 87 12.52 15.04 -19.91
CA HIS F 87 13.04 14.20 -20.98
C HIS F 87 12.11 14.27 -22.19
N LEU F 88 12.45 15.15 -23.13
CA LEU F 88 11.63 15.32 -24.33
C LEU F 88 12.39 14.87 -25.57
N TYR F 89 11.74 14.05 -26.38
CA TYR F 89 12.33 13.57 -27.62
C TYR F 89 11.40 13.87 -28.79
N GLN F 90 11.96 14.16 -29.94
CA GLN F 90 11.14 14.46 -31.11
C GLN F 90 10.99 13.26 -32.02
N ILE F 91 9.78 12.72 -32.10
CA ILE F 91 9.52 11.61 -32.99
C ILE F 91 8.25 11.83 -33.80
N ASP F 92 8.41 11.95 -35.11
CA ASP F 92 7.27 11.88 -36.02
C ASP F 92 7.13 10.43 -36.43
N VAL F 93 5.97 9.85 -36.17
CA VAL F 93 5.79 8.41 -36.28
C VAL F 93 5.78 7.90 -37.73
N GLN F 94 5.86 8.80 -38.68
CA GLN F 94 5.90 8.38 -40.07
C GLN F 94 7.30 7.93 -40.49
N SER F 95 8.29 8.35 -39.72
CA SER F 95 9.67 7.99 -40.00
C SER F 95 10.10 6.76 -39.19
N ASP F 96 10.41 5.68 -39.89
CA ASP F 96 10.92 4.48 -39.25
C ASP F 96 12.08 4.82 -38.32
N GLU F 97 12.98 5.67 -38.79
CA GLU F 97 14.17 6.02 -38.02
C GLU F 97 13.83 6.83 -36.79
N GLU F 98 13.16 7.95 -36.98
CA GLU F 98 12.82 8.84 -35.88
C GLU F 98 12.35 8.03 -34.69
N VAL F 99 11.67 6.94 -34.98
CA VAL F 99 11.15 6.03 -33.95
C VAL F 99 12.27 5.13 -33.42
N ILE F 100 12.89 4.37 -34.32
CA ILE F 100 13.98 3.48 -33.93
C ILE F 100 15.05 4.24 -33.14
N ASN F 101 15.56 5.32 -33.72
CA ASN F 101 16.55 6.14 -33.06
C ASN F 101 16.01 6.76 -31.78
N GLY F 102 14.89 7.46 -31.90
CA GLY F 102 14.26 8.10 -30.75
C GLY F 102 14.26 7.22 -29.52
N PHE F 103 13.84 5.97 -29.69
CA PHE F 103 13.75 5.05 -28.56
C PHE F 103 15.10 4.64 -28.04
N GLU F 104 15.95 4.16 -28.95
CA GLU F 104 17.30 3.79 -28.58
C GLU F 104 17.90 4.87 -27.71
N GLN F 105 17.73 6.12 -28.13
CA GLN F 105 18.26 7.26 -27.40
C GLN F 105 17.75 7.29 -25.97
N ILE F 106 16.43 7.18 -25.83
CA ILE F 106 15.81 7.08 -24.51
C ILE F 106 16.42 5.94 -23.72
N GLY F 107 16.62 4.80 -24.37
CA GLY F 107 17.27 3.66 -23.75
C GLY F 107 18.61 4.07 -23.18
N LYS F 108 19.31 4.93 -23.91
CA LYS F 108 20.62 5.41 -23.49
C LYS F 108 20.49 6.45 -22.37
N ASP F 109 19.48 7.32 -22.49
CA ASP F 109 19.34 8.43 -21.55
C ASP F 109 18.65 8.04 -20.24
N VAL F 110 17.72 7.09 -20.30
CA VAL F 110 16.96 6.74 -19.12
C VAL F 110 16.95 5.24 -18.86
N GLY F 111 17.56 4.48 -19.76
CA GLY F 111 17.63 3.04 -19.59
C GLY F 111 16.31 2.36 -19.91
N ASN F 112 15.89 1.45 -19.04
CA ASN F 112 14.66 0.70 -19.29
C ASN F 112 13.39 1.41 -18.84
N ILE F 113 12.28 1.12 -19.50
CA ILE F 113 11.00 1.70 -19.16
C ILE F 113 9.97 0.65 -18.78
N ASP F 114 8.85 1.09 -18.23
CA ASP F 114 7.83 0.17 -17.74
C ASP F 114 6.63 0.10 -18.67
N GLY F 115 6.53 1.07 -19.56
CA GLY F 115 5.42 1.10 -20.51
C GLY F 115 5.35 2.36 -21.34
N VAL F 116 4.36 2.38 -22.24
CA VAL F 116 4.16 3.48 -23.18
C VAL F 116 2.70 3.86 -23.32
N TYR F 117 2.42 5.14 -23.35
CA TYR F 117 1.08 5.59 -23.67
C TYR F 117 1.07 6.22 -25.05
N HIS F 118 0.12 5.79 -25.87
CA HIS F 118 0.08 6.17 -27.27
C HIS F 118 -1.19 6.96 -27.55
N SER F 119 -1.04 8.28 -27.64
CA SER F 119 -2.17 9.17 -27.83
C SER F 119 -2.10 9.89 -29.17
N ILE F 120 -1.68 9.16 -30.20
CA ILE F 120 -1.42 9.74 -31.51
C ILE F 120 -2.41 9.27 -32.57
N ALA F 121 -2.80 10.18 -33.46
CA ALA F 121 -3.66 9.82 -34.58
C ALA F 121 -3.79 11.01 -35.52
N PHE F 122 -4.13 10.74 -36.78
CA PHE F 122 -4.40 11.82 -37.72
C PHE F 122 -5.28 11.39 -38.88
N ALA F 123 -6.01 12.38 -39.42
CA ALA F 123 -6.80 12.20 -40.62
C ALA F 123 -7.06 13.58 -41.24
N ASN F 124 -7.23 13.62 -42.57
CA ASN F 124 -7.54 14.86 -43.24
C ASN F 124 -8.97 15.29 -43.02
N MET F 125 -9.15 16.51 -42.53
CA MET F 125 -10.49 17.03 -42.27
C MET F 125 -11.41 16.89 -43.46
N GLU F 126 -10.84 16.91 -44.66
CA GLU F 126 -11.62 16.73 -45.87
C GLU F 126 -12.34 15.40 -45.83
N ASP F 127 -11.55 14.34 -45.73
CA ASP F 127 -12.04 12.96 -45.75
C ASP F 127 -13.08 12.68 -44.65
N LEU F 128 -13.18 13.59 -43.70
CA LEU F 128 -14.12 13.44 -42.59
C LEU F 128 -15.42 14.16 -42.87
N ARG F 129 -15.39 15.05 -43.84
CA ARG F 129 -16.53 15.86 -44.19
C ARG F 129 -17.21 15.26 -45.40
N GLY F 130 -16.41 14.96 -46.42
CA GLY F 130 -16.92 14.32 -47.61
C GLY F 130 -17.63 13.05 -47.24
N ARG F 131 -18.41 12.51 -48.17
CA ARG F 131 -18.99 11.20 -47.97
C ARG F 131 -17.84 10.23 -47.81
N PHE F 132 -18.04 9.17 -47.04
CA PHE F 132 -16.97 8.23 -46.79
C PHE F 132 -16.51 7.55 -48.08
N SER F 133 -17.47 7.23 -48.94
CA SER F 133 -17.17 6.54 -50.19
C SER F 133 -16.25 7.36 -51.08
N GLU F 134 -16.22 8.67 -50.84
CA GLU F 134 -15.40 9.57 -51.64
C GLU F 134 -13.96 9.64 -51.12
N THR F 135 -13.73 9.08 -49.93
CA THR F 135 -12.40 9.06 -49.32
C THR F 135 -11.27 8.76 -50.29
N SER F 136 -10.23 9.58 -50.28
CA SER F 136 -9.09 9.42 -51.18
C SER F 136 -8.16 8.32 -50.68
N ARG F 137 -7.39 7.74 -51.59
CA ARG F 137 -6.48 6.66 -51.21
C ARG F 137 -5.37 7.15 -50.28
N GLU F 138 -4.78 8.31 -50.60
CA GLU F 138 -3.74 8.86 -49.73
C GLU F 138 -4.33 9.08 -48.36
N GLY F 139 -5.39 9.88 -48.32
CA GLY F 139 -6.06 10.21 -47.08
C GLY F 139 -6.27 8.95 -46.26
N PHE F 140 -6.79 7.92 -46.91
CA PHE F 140 -7.05 6.65 -46.25
C PHE F 140 -5.77 6.04 -45.67
N LEU F 141 -4.83 5.71 -46.54
CA LEU F 141 -3.59 5.09 -46.12
C LEU F 141 -2.82 5.94 -45.12
N LEU F 142 -2.94 7.26 -45.26
CA LEU F 142 -2.28 8.16 -44.33
C LEU F 142 -2.75 7.93 -42.90
N ALA F 143 -4.07 7.95 -42.71
CA ALA F 143 -4.64 7.71 -41.40
C ALA F 143 -4.23 6.33 -40.86
N GLN F 144 -4.29 5.32 -41.72
CA GLN F 144 -3.85 3.98 -41.31
C GLN F 144 -2.43 4.02 -40.76
N ASP F 145 -1.57 4.73 -41.49
CA ASP F 145 -0.15 4.84 -41.14
C ASP F 145 0.04 5.44 -39.74
N ILE F 146 -0.37 6.70 -39.60
CA ILE F 146 -0.20 7.44 -38.36
C ILE F 146 -1.04 6.90 -37.20
N SER F 147 -2.31 6.61 -37.48
CA SER F 147 -3.26 6.26 -36.43
C SER F 147 -3.19 4.80 -35.97
N SER F 148 -2.65 3.93 -36.80
CA SER F 148 -2.60 2.51 -36.48
C SER F 148 -1.19 1.92 -36.50
N TYR F 149 -0.56 1.89 -37.68
CA TYR F 149 0.75 1.28 -37.78
C TYR F 149 1.72 1.82 -36.74
N SER F 150 1.75 3.14 -36.59
CA SER F 150 2.63 3.78 -35.64
C SER F 150 2.77 2.93 -34.39
N LEU F 151 1.64 2.46 -33.87
CA LEU F 151 1.63 1.60 -32.69
C LEU F 151 2.55 0.41 -32.86
N THR F 152 2.33 -0.36 -33.92
CA THR F 152 3.13 -1.54 -34.20
C THR F 152 4.63 -1.29 -34.04
N ILE F 153 5.16 -0.35 -34.83
CA ILE F 153 6.58 -0.09 -34.80
C ILE F 153 7.03 0.43 -33.43
N VAL F 154 6.23 1.31 -32.84
CA VAL F 154 6.55 1.83 -31.52
C VAL F 154 6.70 0.69 -30.53
N ALA F 155 5.75 -0.23 -30.56
CA ALA F 155 5.81 -1.39 -29.70
C ALA F 155 7.12 -2.14 -29.93
N HIS F 156 7.40 -2.46 -31.19
CA HIS F 156 8.60 -3.21 -31.53
C HIS F 156 9.85 -2.61 -30.88
N GLU F 157 9.95 -1.29 -30.90
CA GLU F 157 11.11 -0.60 -30.36
C GLU F 157 11.07 -0.51 -28.84
N ALA F 158 9.91 -0.14 -28.31
CA ALA F 158 9.74 -0.04 -26.87
C ALA F 158 10.03 -1.38 -26.20
N LYS F 159 9.68 -2.46 -26.89
CA LYS F 159 9.94 -3.81 -26.40
C LYS F 159 11.38 -3.92 -25.90
N LYS F 160 12.30 -3.35 -26.68
CA LYS F 160 13.71 -3.41 -26.38
C LYS F 160 14.06 -2.76 -25.05
N LEU F 161 13.18 -1.88 -24.58
CA LEU F 161 13.40 -1.18 -23.31
C LEU F 161 12.60 -1.77 -22.17
N MET F 162 11.96 -2.91 -22.41
CA MET F 162 11.17 -3.55 -21.37
C MET F 162 11.50 -5.03 -21.31
N PRO F 163 12.67 -5.35 -20.75
CA PRO F 163 13.23 -6.70 -20.68
C PRO F 163 12.38 -7.58 -19.78
N GLU F 164 11.99 -7.05 -18.64
CA GLU F 164 11.16 -7.80 -17.69
C GLU F 164 9.68 -7.64 -18.00
N GLY F 165 9.39 -7.04 -19.15
CA GLY F 165 8.01 -6.82 -19.57
C GLY F 165 7.52 -5.41 -19.27
N GLY F 166 6.24 -5.17 -19.52
CA GLY F 166 5.64 -3.87 -19.30
C GLY F 166 4.26 -3.76 -19.94
N SER F 167 3.71 -2.55 -19.96
CA SER F 167 2.35 -2.33 -20.45
C SER F 167 2.30 -1.23 -21.50
N ILE F 168 1.57 -1.49 -22.57
CA ILE F 168 1.35 -0.49 -23.61
C ILE F 168 -0.14 -0.19 -23.75
N VAL F 169 -0.47 1.08 -23.82
CA VAL F 169 -1.86 1.50 -23.94
C VAL F 169 -2.03 2.46 -25.11
N ALA F 170 -3.08 2.24 -25.90
CA ALA F 170 -3.38 3.13 -27.01
C ALA F 170 -4.77 3.72 -26.85
N THR F 171 -5.02 4.84 -27.51
CA THR F 171 -6.31 5.49 -27.35
C THR F 171 -7.18 5.35 -28.58
N THR F 172 -8.34 4.73 -28.42
CA THR F 172 -9.25 4.59 -29.55
C THR F 172 -10.57 5.29 -29.25
N TYR F 173 -11.48 5.23 -30.21
CA TYR F 173 -12.80 5.83 -30.06
C TYR F 173 -13.88 4.83 -30.48
N LEU F 174 -15.09 5.04 -29.99
CA LEU F 174 -16.21 4.14 -30.28
C LEU F 174 -16.41 3.91 -31.78
N GLY F 175 -16.05 4.90 -32.59
CA GLY F 175 -16.24 4.82 -34.03
C GLY F 175 -15.39 3.74 -34.68
N GLY F 176 -14.56 3.09 -33.89
CA GLY F 176 -13.80 1.96 -34.38
C GLY F 176 -14.65 0.70 -34.38
N GLU F 177 -15.75 0.74 -33.62
CA GLU F 177 -16.62 -0.42 -33.46
C GLU F 177 -17.96 -0.26 -34.17
N PHE F 178 -18.34 0.98 -34.43
CA PHE F 178 -19.59 1.26 -35.14
C PHE F 178 -19.40 2.41 -36.11
N ALA F 179 -20.21 2.43 -37.16
CA ALA F 179 -20.18 3.54 -38.09
C ALA F 179 -20.73 4.74 -37.34
N VAL F 180 -19.87 5.71 -37.07
CA VAL F 180 -20.31 6.93 -36.41
C VAL F 180 -20.38 8.05 -37.43
N GLN F 181 -21.54 8.69 -37.51
CA GLN F 181 -21.72 9.82 -38.41
C GLN F 181 -20.46 10.67 -38.47
N ASN F 182 -19.88 10.76 -39.66
CA ASN F 182 -18.77 11.68 -39.95
C ASN F 182 -17.37 11.23 -39.55
N TYR F 183 -17.26 10.26 -38.66
CA TYR F 183 -15.95 9.77 -38.24
C TYR F 183 -15.24 9.10 -39.41
N ASN F 184 -16.04 8.64 -40.37
CA ASN F 184 -15.52 8.12 -41.63
C ASN F 184 -14.17 7.41 -41.56
N VAL F 185 -13.21 7.94 -42.33
CA VAL F 185 -11.93 7.26 -42.49
C VAL F 185 -11.24 7.04 -41.14
N MET F 186 -11.38 7.99 -40.23
CA MET F 186 -10.75 7.84 -38.91
C MET F 186 -11.32 6.62 -38.22
N GLY F 187 -12.61 6.39 -38.41
CA GLY F 187 -13.27 5.21 -37.88
C GLY F 187 -12.50 3.95 -38.24
N VAL F 188 -12.35 3.72 -39.54
CA VAL F 188 -11.64 2.56 -40.06
C VAL F 188 -10.21 2.48 -39.52
N ALA F 189 -9.57 3.64 -39.36
CA ALA F 189 -8.24 3.63 -38.80
C ALA F 189 -8.28 3.07 -37.38
N LYS F 190 -9.26 3.54 -36.60
CA LYS F 190 -9.40 3.11 -35.22
C LYS F 190 -9.69 1.61 -35.16
N ALA F 191 -10.63 1.17 -35.99
CA ALA F 191 -10.92 -0.24 -36.14
C ALA F 191 -9.61 -0.99 -36.33
N SER F 192 -8.84 -0.53 -37.30
CA SER F 192 -7.54 -1.10 -37.58
C SER F 192 -6.66 -1.09 -36.34
N LEU F 193 -6.66 0.02 -35.63
CA LEU F 193 -5.87 0.13 -34.42
C LEU F 193 -6.32 -0.89 -33.38
N GLU F 194 -7.62 -1.00 -33.17
CA GLU F 194 -8.13 -1.87 -32.13
C GLU F 194 -7.70 -3.31 -32.39
N ALA F 195 -7.55 -3.66 -33.66
CA ALA F 195 -7.09 -5.00 -34.01
C ALA F 195 -5.59 -5.08 -33.77
N ASN F 196 -4.90 -4.01 -34.17
CA ASN F 196 -3.46 -3.92 -33.97
C ASN F 196 -3.17 -4.31 -32.54
N VAL F 197 -3.92 -3.72 -31.61
CA VAL F 197 -3.73 -4.00 -30.20
C VAL F 197 -3.78 -5.49 -29.90
N LYS F 198 -4.86 -6.15 -30.31
CA LYS F 198 -5.01 -7.58 -30.08
C LYS F 198 -3.84 -8.36 -30.65
N TYR F 199 -3.49 -8.11 -31.90
CA TYR F 199 -2.39 -8.86 -32.51
C TYR F 199 -1.08 -8.63 -31.78
N LEU F 200 -0.83 -7.38 -31.39
CA LEU F 200 0.34 -7.06 -30.58
C LEU F 200 0.27 -7.77 -29.22
N ALA F 201 -0.86 -7.63 -28.52
CA ALA F 201 -1.05 -8.24 -27.23
C ALA F 201 -0.66 -9.70 -27.28
N LEU F 202 -1.04 -10.35 -28.37
CA LEU F 202 -0.76 -11.76 -28.58
C LEU F 202 0.72 -11.98 -28.83
N ASP F 203 1.26 -11.19 -29.75
CA ASP F 203 2.66 -11.32 -30.11
C ASP F 203 3.58 -11.14 -28.92
N LEU F 204 3.26 -10.17 -28.06
CA LEU F 204 4.18 -9.81 -26.98
C LEU F 204 3.77 -10.33 -25.61
N GLY F 205 2.66 -11.05 -25.55
CA GLY F 205 2.23 -11.67 -24.32
C GLY F 205 3.38 -12.44 -23.68
N PRO F 206 4.03 -13.32 -24.46
CA PRO F 206 5.14 -14.13 -23.97
C PRO F 206 6.27 -13.29 -23.38
N ASP F 207 6.60 -12.18 -24.03
CA ASP F 207 7.64 -11.29 -23.54
C ASP F 207 7.12 -10.46 -22.37
N ASN F 208 5.98 -10.90 -21.83
CA ASN F 208 5.37 -10.27 -20.67
C ASN F 208 5.04 -8.80 -20.88
N ILE F 209 4.55 -8.49 -22.07
CA ILE F 209 4.12 -7.15 -22.37
C ILE F 209 2.62 -7.13 -22.65
N ARG F 210 1.89 -6.31 -21.90
CA ARG F 210 0.46 -6.22 -22.08
C ARG F 210 0.13 -5.04 -22.97
N VAL F 211 -0.80 -5.27 -23.88
CA VAL F 211 -1.17 -4.24 -24.84
C VAL F 211 -2.67 -4.07 -24.80
N ASN F 212 -3.13 -2.89 -24.42
CA ASN F 212 -4.57 -2.65 -24.32
C ASN F 212 -4.93 -1.29 -24.85
N ALA F 213 -6.22 -1.03 -24.96
CA ALA F 213 -6.65 0.24 -25.51
C ALA F 213 -7.74 0.86 -24.67
N ILE F 214 -7.81 2.19 -24.70
CA ILE F 214 -8.90 2.89 -24.08
C ILE F 214 -9.82 3.53 -25.10
N SER F 215 -11.05 3.08 -25.14
CA SER F 215 -12.04 3.73 -25.99
C SER F 215 -12.55 4.91 -25.18
N ALA F 216 -12.07 6.10 -25.52
CA ALA F 216 -12.45 7.32 -24.82
C ALA F 216 -13.75 7.90 -25.36
N GLY F 217 -14.50 8.56 -24.48
CA GLY F 217 -15.66 9.32 -24.88
C GLY F 217 -15.15 10.55 -25.59
N PRO F 218 -16.06 11.35 -26.17
CA PRO F 218 -15.63 12.58 -26.85
C PRO F 218 -15.09 13.57 -25.83
N ILE F 219 -13.90 14.11 -26.10
CA ILE F 219 -13.34 15.11 -25.23
C ILE F 219 -12.86 16.30 -26.03
N ARG F 220 -13.02 17.47 -25.42
CA ARG F 220 -12.62 18.70 -26.06
C ARG F 220 -11.12 18.84 -26.16
N THR F 221 -10.56 18.39 -27.27
CA THR F 221 -9.12 18.47 -27.47
C THR F 221 -8.81 19.38 -28.65
N LEU F 222 -7.52 19.63 -28.87
CA LEU F 222 -7.09 20.45 -29.98
C LEU F 222 -7.69 19.91 -31.28
N SER F 223 -7.50 18.62 -31.51
CA SER F 223 -7.99 17.97 -32.72
C SER F 223 -9.50 17.87 -32.76
N ALA F 224 -10.12 17.80 -31.58
CA ALA F 224 -11.57 17.78 -31.47
C ALA F 224 -12.15 19.05 -32.07
N LYS F 225 -11.34 20.09 -32.09
CA LYS F 225 -11.75 21.35 -32.69
C LYS F 225 -11.82 21.22 -34.19
N GLY F 226 -12.94 21.65 -34.76
CA GLY F 226 -13.08 21.69 -36.20
C GLY F 226 -13.90 20.53 -36.74
N VAL F 227 -14.30 19.62 -35.86
CA VAL F 227 -15.12 18.53 -36.34
C VAL F 227 -16.63 18.84 -36.31
N GLY F 228 -17.30 18.47 -37.39
CA GLY F 228 -18.72 18.75 -37.52
C GLY F 228 -19.55 17.94 -36.55
N GLY F 229 -20.55 18.58 -35.96
CA GLY F 229 -21.52 17.91 -35.11
C GLY F 229 -20.93 17.41 -33.80
N PHE F 230 -19.72 17.86 -33.49
CA PHE F 230 -19.05 17.45 -32.26
C PHE F 230 -19.91 17.84 -31.05
N ASN F 231 -20.25 19.12 -30.98
CA ASN F 231 -21.07 19.63 -29.88
C ASN F 231 -22.37 18.86 -29.72
N THR F 232 -22.96 18.48 -30.83
CA THR F 232 -24.18 17.69 -30.81
C THR F 232 -23.97 16.44 -29.98
N ILE F 233 -22.92 15.70 -30.32
CA ILE F 233 -22.63 14.44 -29.66
C ILE F 233 -22.42 14.62 -28.17
N LEU F 234 -21.56 15.56 -27.81
CA LEU F 234 -21.30 15.86 -26.39
C LEU F 234 -22.59 15.93 -25.62
N LYS F 235 -23.61 16.51 -26.26
CA LYS F 235 -24.89 16.70 -25.62
C LYS F 235 -25.65 15.38 -25.58
N GLU F 236 -25.71 14.70 -26.74
CA GLU F 236 -26.37 13.42 -26.81
C GLU F 236 -25.80 12.48 -25.73
N ILE F 237 -24.50 12.59 -25.49
CA ILE F 237 -23.87 11.82 -24.43
C ILE F 237 -24.54 12.11 -23.10
N GLU F 238 -24.53 13.38 -22.71
CA GLU F 238 -25.16 13.79 -21.46
C GLU F 238 -26.58 13.29 -21.36
N GLU F 239 -27.30 13.35 -22.48
CA GLU F 239 -28.71 12.97 -22.50
C GLU F 239 -28.94 11.45 -22.49
N ARG F 240 -28.05 10.70 -23.14
CA ARG F 240 -28.27 9.27 -23.30
C ARG F 240 -27.34 8.37 -22.50
N ALA F 241 -26.08 8.77 -22.37
CA ALA F 241 -25.10 7.98 -21.61
C ALA F 241 -25.63 7.68 -20.22
N PRO F 242 -25.37 6.45 -19.73
CA PRO F 242 -25.84 6.04 -18.40
C PRO F 242 -25.51 7.07 -17.33
N LEU F 243 -24.28 7.57 -17.33
CA LEU F 243 -23.86 8.56 -16.35
C LEU F 243 -24.40 9.96 -16.63
N LYS F 244 -25.10 10.10 -17.75
CA LYS F 244 -25.74 11.38 -18.09
C LYS F 244 -24.76 12.55 -18.01
N ARG F 245 -23.48 12.27 -18.24
CA ARG F 245 -22.47 13.32 -18.22
C ARG F 245 -21.36 12.98 -19.19
N ASN F 246 -20.40 13.89 -19.32
CA ASN F 246 -19.25 13.62 -20.18
C ASN F 246 -18.00 13.28 -19.40
N VAL F 247 -16.96 12.84 -20.09
CA VAL F 247 -15.73 12.43 -19.45
C VAL F 247 -14.58 13.40 -19.75
N ASP F 248 -13.51 13.34 -18.97
CA ASP F 248 -12.38 14.24 -19.18
C ASP F 248 -11.04 13.50 -19.29
N GLN F 249 -10.01 14.25 -19.66
CA GLN F 249 -8.68 13.67 -19.88
C GLN F 249 -8.16 12.97 -18.63
N VAL F 250 -8.52 13.48 -17.46
CA VAL F 250 -8.08 12.89 -16.20
C VAL F 250 -8.65 11.49 -16.02
N GLU F 251 -9.97 11.37 -16.16
CA GLU F 251 -10.63 10.10 -16.00
C GLU F 251 -9.96 9.06 -16.89
N VAL F 252 -9.63 9.48 -18.11
CA VAL F 252 -8.87 8.62 -18.99
C VAL F 252 -7.53 8.30 -18.36
N GLY F 253 -6.79 9.33 -17.96
CA GLY F 253 -5.52 9.14 -17.29
C GLY F 253 -5.63 8.11 -16.19
N LYS F 254 -6.67 8.20 -15.38
CA LYS F 254 -6.85 7.27 -14.27
C LYS F 254 -6.90 5.85 -14.78
N THR F 255 -7.80 5.59 -15.72
CA THR F 255 -7.90 4.27 -16.31
C THR F 255 -6.56 3.88 -16.92
N ALA F 256 -5.95 4.83 -17.62
CA ALA F 256 -4.62 4.65 -18.20
C ALA F 256 -3.65 4.12 -17.15
N ALA F 257 -3.67 4.73 -15.97
CA ALA F 257 -2.83 4.28 -14.86
C ALA F 257 -3.14 2.83 -14.50
N TYR F 258 -4.42 2.54 -14.29
CA TYR F 258 -4.82 1.17 -13.99
C TYR F 258 -4.19 0.22 -14.98
N LEU F 259 -4.28 0.58 -16.25
CA LEU F 259 -3.78 -0.26 -17.32
C LEU F 259 -2.26 -0.36 -17.34
N LEU F 260 -1.60 0.77 -17.09
CA LEU F 260 -0.14 0.79 -17.15
C LEU F 260 0.47 0.15 -15.92
N SER F 261 -0.31 0.09 -14.83
CA SER F 261 0.19 -0.44 -13.58
C SER F 261 0.02 -1.95 -13.51
N ASP F 262 0.56 -2.53 -12.44
CA ASP F 262 0.46 -3.96 -12.22
C ASP F 262 -0.96 -4.31 -11.77
N LEU F 263 -1.76 -3.29 -11.50
CA LEU F 263 -3.17 -3.48 -11.17
C LEU F 263 -3.86 -4.29 -12.26
N SER F 264 -3.58 -3.90 -13.50
CA SER F 264 -4.21 -4.53 -14.65
C SER F 264 -3.38 -5.71 -15.14
N SER F 265 -2.53 -6.28 -14.28
CA SER F 265 -1.84 -7.49 -14.66
C SER F 265 -2.91 -8.54 -14.92
N GLY F 266 -2.73 -9.32 -15.98
CA GLY F 266 -3.72 -10.31 -16.34
C GLY F 266 -4.72 -9.78 -17.36
N VAL F 267 -4.72 -8.46 -17.56
CA VAL F 267 -5.54 -7.86 -18.61
C VAL F 267 -4.68 -7.48 -19.81
N THR F 268 -4.93 -8.11 -20.95
CA THR F 268 -4.21 -7.75 -22.16
C THR F 268 -5.11 -7.99 -23.36
N GLY F 269 -4.94 -7.20 -24.41
CA GLY F 269 -5.80 -7.30 -25.58
C GLY F 269 -7.20 -6.75 -25.29
N GLU F 270 -7.34 -6.00 -24.19
CA GLU F 270 -8.64 -5.50 -23.83
C GLU F 270 -8.83 -4.06 -24.29
N ASN F 271 -10.08 -3.70 -24.56
CA ASN F 271 -10.47 -2.34 -24.88
C ASN F 271 -11.46 -1.83 -23.84
N ILE F 272 -11.01 -0.85 -23.04
CA ILE F 272 -11.82 -0.32 -21.96
C ILE F 272 -12.45 1.00 -22.34
N HIS F 273 -13.79 1.05 -22.29
CA HIS F 273 -14.51 2.25 -22.64
C HIS F 273 -14.64 3.16 -21.44
N VAL F 274 -13.93 4.28 -21.50
CA VAL F 274 -14.08 5.34 -20.53
C VAL F 274 -14.94 6.41 -21.21
N ASP F 275 -16.27 6.25 -21.10
CA ASP F 275 -17.18 7.04 -21.90
C ASP F 275 -18.55 7.18 -21.26
N SER F 276 -18.60 7.09 -19.93
CA SER F 276 -19.87 7.15 -19.21
C SER F 276 -20.79 6.00 -19.60
N GLY F 277 -20.19 4.92 -20.11
CA GLY F 277 -20.94 3.73 -20.47
C GLY F 277 -21.83 3.92 -21.68
N PHE F 278 -21.53 4.93 -22.48
CA PHE F 278 -22.28 5.18 -23.69
C PHE F 278 -22.20 3.98 -24.63
N HIS F 279 -21.09 3.26 -24.55
CA HIS F 279 -20.83 2.12 -25.41
C HIS F 279 -21.86 1.04 -25.17
N ALA F 280 -22.44 1.04 -23.99
CA ALA F 280 -23.28 -0.07 -23.56
C ALA F 280 -24.73 0.13 -23.97
N ILE F 281 -25.07 1.30 -24.48
CA ILE F 281 -26.46 1.61 -24.78
C ILE F 281 -26.74 1.68 -26.27
N LYS F 282 -28.01 1.81 -26.61
CA LYS F 282 -28.43 1.86 -28.00
C LYS F 282 -29.90 2.26 -28.07
N VAL G 28 -3.91 3.15 -5.14
CA VAL G 28 -5.20 3.66 -4.69
C VAL G 28 -5.27 3.69 -3.18
N ASN G 29 -6.17 4.50 -2.61
CA ASN G 29 -6.37 4.38 -1.18
C ASN G 29 -7.82 4.25 -0.76
N LEU G 30 -8.10 3.21 0.01
CA LEU G 30 -9.48 2.80 0.27
C LEU G 30 -9.97 3.01 1.70
N GLU G 31 -9.25 3.79 2.50
CA GLU G 31 -9.75 4.13 3.81
C GLU G 31 -11.06 4.88 3.61
N ASN G 32 -11.91 4.87 4.64
CA ASN G 32 -13.19 5.58 4.56
C ASN G 32 -14.11 4.98 3.51
N LYS G 33 -13.68 3.86 2.94
CA LYS G 33 -14.50 3.15 1.96
C LYS G 33 -14.98 1.84 2.56
N THR G 34 -16.24 1.53 2.35
CA THR G 34 -16.83 0.31 2.86
C THR G 34 -17.49 -0.49 1.75
N TYR G 35 -17.03 -1.72 1.56
CA TYR G 35 -17.55 -2.57 0.50
C TYR G 35 -18.14 -3.87 1.03
N VAL G 36 -19.20 -4.32 0.37
CA VAL G 36 -19.83 -5.59 0.71
C VAL G 36 -19.36 -6.67 -0.25
N ILE G 37 -18.80 -7.73 0.30
CA ILE G 37 -18.31 -8.84 -0.52
C ILE G 37 -19.17 -10.09 -0.35
N MET G 38 -19.88 -10.46 -1.41
CA MET G 38 -20.75 -11.62 -1.37
C MET G 38 -20.17 -12.78 -2.16
N GLY G 39 -20.18 -13.97 -1.56
CA GLY G 39 -19.81 -15.16 -2.28
C GLY G 39 -18.45 -15.74 -1.92
N ILE G 40 -18.07 -15.62 -0.65
CA ILE G 40 -16.87 -16.28 -0.19
C ILE G 40 -17.24 -17.63 0.40
N ALA G 41 -16.56 -18.68 -0.05
CA ALA G 41 -16.80 -20.02 0.46
C ALA G 41 -15.55 -20.58 1.11
N ASN G 42 -14.40 -20.09 0.67
CA ASN G 42 -13.11 -20.54 1.21
C ASN G 42 -11.92 -19.71 0.73
N LYS G 43 -10.73 -20.11 1.17
CA LYS G 43 -9.49 -19.43 0.83
C LYS G 43 -9.26 -19.39 -0.67
N ARG G 44 -9.96 -20.27 -1.40
CA ARG G 44 -9.79 -20.36 -2.84
C ARG G 44 -10.88 -19.59 -3.56
N SER G 45 -11.90 -19.19 -2.83
CA SER G 45 -12.92 -18.33 -3.40
C SER G 45 -12.28 -17.17 -4.10
N ILE G 46 -12.84 -16.80 -5.25
CA ILE G 46 -12.38 -15.64 -5.98
C ILE G 46 -12.66 -14.40 -5.16
N ALA G 47 -13.84 -14.37 -4.54
CA ALA G 47 -14.25 -13.24 -3.71
C ALA G 47 -13.26 -13.01 -2.58
N PHE G 48 -12.56 -14.08 -2.18
CA PHE G 48 -11.54 -13.94 -1.16
C PHE G 48 -10.31 -13.24 -1.71
N GLY G 49 -9.89 -13.63 -2.91
CA GLY G 49 -8.79 -12.96 -3.58
C GLY G 49 -9.05 -11.48 -3.66
N VAL G 50 -10.32 -11.12 -3.86
CA VAL G 50 -10.72 -9.72 -3.87
C VAL G 50 -10.53 -9.10 -2.49
N ALA G 51 -11.18 -9.72 -1.50
CA ALA G 51 -11.13 -9.23 -0.12
C ALA G 51 -9.72 -8.88 0.32
N LYS G 52 -8.80 -9.82 0.15
CA LYS G 52 -7.41 -9.59 0.50
C LYS G 52 -6.92 -8.25 -0.05
N VAL G 53 -7.13 -8.05 -1.34
CA VAL G 53 -6.68 -6.85 -2.01
C VAL G 53 -7.31 -5.59 -1.40
N LEU G 54 -8.62 -5.63 -1.23
CA LEU G 54 -9.34 -4.49 -0.66
C LEU G 54 -8.89 -4.21 0.77
N ASP G 55 -8.87 -5.26 1.58
CA ASP G 55 -8.37 -5.14 2.95
C ASP G 55 -7.01 -4.47 2.91
N GLN G 56 -6.15 -4.94 2.01
CA GLN G 56 -4.79 -4.41 1.90
C GLN G 56 -4.78 -2.94 1.51
N LEU G 57 -5.93 -2.41 1.11
CA LEU G 57 -6.02 -1.01 0.75
C LEU G 57 -6.76 -0.18 1.79
N GLY G 58 -7.01 -0.78 2.95
CA GLY G 58 -7.61 -0.08 4.07
C GLY G 58 -9.12 0.08 3.98
N ALA G 59 -9.75 -0.67 3.08
CA ALA G 59 -11.20 -0.63 2.95
C ALA G 59 -11.85 -1.35 4.12
N LYS G 60 -12.99 -0.84 4.59
CA LYS G 60 -13.78 -1.56 5.57
C LYS G 60 -14.65 -2.56 4.82
N LEU G 61 -14.55 -3.84 5.20
CA LEU G 61 -15.22 -4.90 4.44
C LEU G 61 -16.37 -5.57 5.19
N VAL G 62 -17.46 -5.81 4.47
CA VAL G 62 -18.61 -6.53 4.99
C VAL G 62 -18.81 -7.78 4.16
N PHE G 63 -19.27 -8.86 4.76
CA PHE G 63 -19.35 -10.12 4.06
C PHE G 63 -20.71 -10.76 4.16
N THR G 64 -21.05 -11.60 3.19
CA THR G 64 -22.29 -12.36 3.24
C THR G 64 -22.07 -13.82 2.89
N TYR G 65 -22.82 -14.70 3.55
CA TYR G 65 -22.70 -16.13 3.34
C TYR G 65 -24.08 -16.75 3.17
N ARG G 66 -24.13 -17.98 2.69
CA ARG G 66 -25.41 -18.64 2.47
C ARG G 66 -25.86 -19.49 3.67
N LYS G 67 -25.00 -20.39 4.11
CA LYS G 67 -25.34 -21.29 5.21
C LYS G 67 -24.55 -20.97 6.48
N GLU G 68 -25.15 -21.26 7.64
CA GLU G 68 -24.49 -21.06 8.93
C GLU G 68 -23.14 -21.76 8.99
N ARG G 69 -23.15 -23.06 8.73
CA ARG G 69 -21.97 -23.89 8.82
C ARG G 69 -20.74 -23.26 8.17
N SER G 70 -20.96 -22.46 7.14
CA SER G 70 -19.89 -21.73 6.50
C SER G 70 -19.34 -20.67 7.46
N ARG G 71 -20.25 -19.97 8.13
CA ARG G 71 -19.91 -18.80 8.94
C ARG G 71 -18.67 -18.97 9.83
N LYS G 72 -18.56 -20.11 10.50
CA LYS G 72 -17.41 -20.35 11.36
C LYS G 72 -16.12 -20.36 10.55
N GLU G 73 -16.02 -21.29 9.61
CA GLU G 73 -14.89 -21.33 8.68
C GLU G 73 -14.55 -19.93 8.19
N LEU G 74 -15.61 -19.13 8.02
CA LEU G 74 -15.50 -17.77 7.51
C LEU G 74 -14.75 -16.87 8.47
N GLU G 75 -15.28 -16.73 9.68
CA GLU G 75 -14.63 -15.95 10.73
C GLU G 75 -13.16 -16.38 10.86
N LYS G 76 -12.94 -17.68 10.76
CA LYS G 76 -11.60 -18.26 10.79
C LYS G 76 -10.74 -17.59 9.73
N LEU G 77 -11.33 -17.36 8.57
CA LEU G 77 -10.63 -16.75 7.44
C LEU G 77 -10.30 -15.29 7.71
N LEU G 78 -11.34 -14.51 8.01
CA LEU G 78 -11.20 -13.07 8.28
C LEU G 78 -9.94 -12.73 9.06
N GLU G 79 -9.59 -13.59 10.00
CA GLU G 79 -8.49 -13.32 10.90
C GLU G 79 -7.20 -12.99 10.15
N GLN G 80 -7.13 -13.38 8.88
CA GLN G 80 -5.98 -13.07 8.06
C GLN G 80 -6.03 -11.64 7.55
N LEU G 81 -7.08 -10.91 7.93
CA LEU G 81 -7.25 -9.54 7.47
C LEU G 81 -7.16 -8.55 8.61
N ASN G 82 -6.79 -7.32 8.26
CA ASN G 82 -6.71 -6.25 9.23
C ASN G 82 -8.05 -5.55 9.37
N GLN G 83 -9.10 -6.34 9.53
CA GLN G 83 -10.43 -5.81 9.76
C GLN G 83 -10.70 -5.69 11.26
N PRO G 84 -10.84 -4.45 11.73
CA PRO G 84 -11.11 -4.18 13.15
C PRO G 84 -12.16 -5.13 13.68
N GLU G 85 -13.40 -4.96 13.23
CA GLU G 85 -14.45 -5.90 13.57
C GLU G 85 -14.88 -6.68 12.35
N ALA G 86 -15.36 -7.90 12.60
CA ALA G 86 -15.92 -8.73 11.55
C ALA G 86 -17.41 -8.46 11.42
N HIS G 87 -17.83 -8.00 10.24
CA HIS G 87 -19.23 -7.79 9.96
C HIS G 87 -19.71 -8.85 8.99
N LEU G 88 -20.30 -9.91 9.53
CA LEU G 88 -20.79 -11.01 8.70
C LEU G 88 -22.30 -11.11 8.76
N TYR G 89 -22.93 -11.22 7.60
CA TYR G 89 -24.38 -11.35 7.53
C TYR G 89 -24.73 -12.57 6.70
N GLN G 90 -25.82 -13.23 7.04
CA GLN G 90 -26.23 -14.41 6.27
C GLN G 90 -27.33 -14.07 5.29
N ILE G 91 -27.01 -14.15 4.00
CA ILE G 91 -27.99 -13.94 2.95
C ILE G 91 -27.92 -15.02 1.89
N ASP G 92 -29.00 -15.78 1.77
CA ASP G 92 -29.20 -16.64 0.61
C ASP G 92 -30.00 -15.84 -0.40
N VAL G 93 -29.43 -15.69 -1.59
CA VAL G 93 -29.97 -14.75 -2.57
C VAL G 93 -31.29 -15.20 -3.19
N GLN G 94 -31.75 -16.38 -2.83
CA GLN G 94 -33.03 -16.85 -3.35
C GLN G 94 -34.20 -16.24 -2.60
N SER G 95 -33.93 -15.75 -1.38
CA SER G 95 -34.96 -15.15 -0.55
C SER G 95 -34.98 -13.64 -0.71
N ASP G 96 -36.09 -13.12 -1.22
CA ASP G 96 -36.26 -11.68 -1.35
C ASP G 96 -35.97 -10.99 -0.02
N GLU G 97 -36.47 -11.55 1.07
CA GLU G 97 -36.30 -10.95 2.39
C GLU G 97 -34.85 -10.97 2.86
N GLU G 98 -34.27 -12.17 2.90
CA GLU G 98 -32.91 -12.32 3.40
C GLU G 98 -32.02 -11.23 2.83
N VAL G 99 -32.33 -10.82 1.60
CA VAL G 99 -31.61 -9.75 0.94
C VAL G 99 -32.06 -8.37 1.43
N ILE G 100 -33.35 -8.08 1.28
CA ILE G 100 -33.89 -6.81 1.74
C ILE G 100 -33.50 -6.54 3.20
N ASN G 101 -33.82 -7.50 4.07
CA ASN G 101 -33.48 -7.39 5.48
C ASN G 101 -31.98 -7.31 5.69
N GLY G 102 -31.27 -8.31 5.17
CA GLY G 102 -29.82 -8.36 5.30
C GLY G 102 -29.16 -7.01 5.08
N PHE G 103 -29.56 -6.33 4.01
CA PHE G 103 -28.96 -5.04 3.67
C PHE G 103 -29.37 -3.94 4.63
N GLU G 104 -30.67 -3.81 4.84
CA GLU G 104 -31.18 -2.84 5.80
C GLU G 104 -30.38 -2.94 7.09
N GLN G 105 -30.18 -4.17 7.56
CA GLN G 105 -29.42 -4.41 8.78
C GLN G 105 -28.03 -3.80 8.70
N ILE G 106 -27.31 -4.11 7.62
CA ILE G 106 -26.01 -3.51 7.36
C ILE G 106 -26.11 -2.00 7.41
N GLY G 107 -27.15 -1.45 6.78
CA GLY G 107 -27.38 -0.03 6.79
C GLY G 107 -27.44 0.48 8.22
N LYS G 108 -28.03 -0.33 9.10
CA LYS G 108 -28.14 0.04 10.50
C LYS G 108 -26.82 -0.15 11.24
N ASP G 109 -26.11 -1.22 10.90
CA ASP G 109 -24.88 -1.57 11.60
C ASP G 109 -23.65 -0.79 11.14
N VAL G 110 -23.60 -0.45 9.86
CA VAL G 110 -22.41 0.21 9.31
C VAL G 110 -22.76 1.48 8.53
N GLY G 111 -24.05 1.74 8.39
CA GLY G 111 -24.49 2.94 7.68
C GLY G 111 -24.34 2.77 6.19
N ASN G 112 -23.79 3.78 5.52
CA ASN G 112 -23.69 3.77 4.08
C ASN G 112 -22.45 3.04 3.56
N ILE G 113 -22.55 2.49 2.35
CA ILE G 113 -21.43 1.78 1.73
C ILE G 113 -21.03 2.42 0.41
N ASP G 114 -19.88 2.01 -0.11
CA ASP G 114 -19.33 2.60 -1.32
C ASP G 114 -19.51 1.70 -2.52
N GLY G 115 -19.80 0.43 -2.27
CA GLY G 115 -19.96 -0.52 -3.34
C GLY G 115 -20.15 -1.95 -2.89
N VAL G 116 -20.38 -2.82 -3.87
CA VAL G 116 -20.62 -4.23 -3.62
C VAL G 116 -19.88 -5.11 -4.61
N TYR G 117 -19.29 -6.20 -4.11
CA TYR G 117 -18.74 -7.20 -5.01
C TYR G 117 -19.60 -8.45 -4.98
N HIS G 118 -19.94 -8.94 -6.16
CA HIS G 118 -20.88 -10.04 -6.32
C HIS G 118 -20.17 -11.24 -6.94
N SER G 119 -19.85 -12.22 -6.11
CA SER G 119 -19.11 -13.40 -6.56
C SER G 119 -19.95 -14.66 -6.39
N ILE G 120 -21.24 -14.54 -6.70
CA ILE G 120 -22.20 -15.62 -6.47
C ILE G 120 -22.74 -16.22 -7.76
N ALA G 121 -22.91 -17.54 -7.77
CA ALA G 121 -23.52 -18.23 -8.91
C ALA G 121 -23.73 -19.70 -8.57
N PHE G 122 -24.68 -20.32 -9.26
CA PHE G 122 -24.89 -21.75 -9.09
C PHE G 122 -25.54 -22.42 -10.30
N ALA G 123 -25.26 -23.71 -10.46
CA ALA G 123 -25.90 -24.54 -11.48
C ALA G 123 -25.74 -26.01 -11.09
N ASN G 124 -26.69 -26.84 -11.50
CA ASN G 124 -26.61 -28.25 -11.19
C ASN G 124 -25.58 -28.97 -12.04
N MET G 125 -24.65 -29.65 -11.38
CA MET G 125 -23.60 -30.37 -12.09
C MET G 125 -24.15 -31.28 -13.17
N GLU G 126 -25.37 -31.78 -12.98
CA GLU G 126 -26.01 -32.61 -13.99
C GLU G 126 -26.12 -31.84 -15.29
N ASP G 127 -26.83 -30.71 -15.23
CA ASP G 127 -27.12 -29.89 -16.40
C ASP G 127 -25.85 -29.43 -17.12
N LEU G 128 -24.70 -29.60 -16.48
CA LEU G 128 -23.43 -29.18 -17.07
C LEU G 128 -22.76 -30.35 -17.76
N ARG G 129 -23.23 -31.55 -17.45
CA ARG G 129 -22.66 -32.76 -18.00
C ARG G 129 -23.50 -33.24 -19.16
N GLY G 130 -24.81 -33.29 -18.93
CA GLY G 130 -25.74 -33.71 -19.95
C GLY G 130 -25.58 -32.80 -21.15
N ARG G 131 -26.12 -33.21 -22.28
CA ARG G 131 -26.17 -32.33 -23.43
C ARG G 131 -26.96 -31.10 -23.01
N PHE G 132 -26.64 -29.96 -23.58
CA PHE G 132 -27.32 -28.73 -23.19
C PHE G 132 -28.81 -28.79 -23.51
N SER G 133 -29.14 -29.38 -24.65
CA SER G 133 -30.53 -29.47 -25.08
C SER G 133 -31.39 -30.26 -24.09
N GLU G 134 -30.73 -31.08 -23.28
CA GLU G 134 -31.41 -31.90 -22.31
C GLU G 134 -31.67 -31.15 -21.00
N THR G 135 -31.05 -29.98 -20.86
CA THR G 135 -31.21 -29.16 -19.66
C THR G 135 -32.65 -29.09 -19.17
N SER G 136 -32.85 -29.32 -17.87
CA SER G 136 -34.17 -29.29 -17.27
C SER G 136 -34.62 -27.86 -17.02
N ARG G 137 -35.93 -27.65 -16.96
CA ARG G 137 -36.46 -26.31 -16.73
C ARG G 137 -36.10 -25.76 -15.36
N GLU G 138 -36.20 -26.59 -14.31
CA GLU G 138 -35.81 -26.15 -12.98
C GLU G 138 -34.35 -25.74 -13.01
N GLY G 139 -33.50 -26.68 -13.39
CA GLY G 139 -32.07 -26.45 -13.47
C GLY G 139 -31.77 -25.14 -14.17
N PHE G 140 -32.44 -24.92 -15.30
CA PHE G 140 -32.27 -23.70 -16.06
C PHE G 140 -32.65 -22.48 -15.23
N LEU G 141 -33.92 -22.38 -14.88
CA LEU G 141 -34.43 -21.23 -14.14
C LEU G 141 -33.70 -21.01 -12.83
N LEU G 142 -33.27 -22.09 -12.20
CA LEU G 142 -32.50 -21.99 -10.97
C LEU G 142 -31.23 -21.17 -11.16
N ALA G 143 -30.44 -21.56 -12.16
CA ALA G 143 -29.21 -20.85 -12.46
C ALA G 143 -29.51 -19.38 -12.77
N GLN G 144 -30.54 -19.14 -13.57
CA GLN G 144 -30.90 -17.77 -13.87
C GLN G 144 -31.15 -17.00 -12.59
N ASP G 145 -31.88 -17.61 -11.67
CA ASP G 145 -32.25 -16.99 -10.41
C ASP G 145 -31.01 -16.59 -9.62
N ILE G 146 -30.23 -17.59 -9.22
CA ILE G 146 -29.06 -17.37 -8.36
C ILE G 146 -27.94 -16.62 -9.07
N SER G 147 -27.67 -16.99 -10.31
CA SER G 147 -26.49 -16.47 -11.00
C SER G 147 -26.71 -15.12 -11.66
N SER G 148 -27.95 -14.76 -11.91
CA SER G 148 -28.22 -13.48 -12.59
C SER G 148 -29.14 -12.56 -11.80
N TYR G 149 -30.37 -13.00 -11.54
CA TYR G 149 -31.34 -12.12 -10.89
C TYR G 149 -30.79 -11.58 -9.59
N SER G 150 -30.21 -12.47 -8.79
CA SER G 150 -29.64 -12.08 -7.51
C SER G 150 -29.04 -10.69 -7.60
N LEU G 151 -28.24 -10.47 -8.64
CA LEU G 151 -27.61 -9.17 -8.84
C LEU G 151 -28.64 -8.04 -8.84
N THR G 152 -29.67 -8.17 -9.65
CA THR G 152 -30.69 -7.14 -9.76
C THR G 152 -31.20 -6.69 -8.39
N ILE G 153 -31.74 -7.63 -7.63
CA ILE G 153 -32.34 -7.30 -6.34
C ILE G 153 -31.27 -6.76 -5.38
N VAL G 154 -30.09 -7.38 -5.40
CA VAL G 154 -29.00 -6.92 -4.56
C VAL G 154 -28.72 -5.45 -4.84
N ALA G 155 -28.62 -5.10 -6.11
CA ALA G 155 -28.40 -3.72 -6.49
C ALA G 155 -29.50 -2.83 -5.93
N HIS G 156 -30.73 -3.22 -6.16
CA HIS G 156 -31.86 -2.43 -5.71
C HIS G 156 -31.76 -2.06 -4.24
N GLU G 157 -31.34 -3.02 -3.42
CA GLU G 157 -31.21 -2.80 -2.00
C GLU G 157 -29.95 -2.01 -1.65
N ALA G 158 -28.83 -2.39 -2.24
CA ALA G 158 -27.56 -1.72 -1.98
C ALA G 158 -27.65 -0.24 -2.36
N LYS G 159 -28.43 0.04 -3.40
CA LYS G 159 -28.67 1.41 -3.82
C LYS G 159 -29.02 2.29 -2.63
N LYS G 160 -29.87 1.75 -1.76
CA LYS G 160 -30.34 2.46 -0.59
C LYS G 160 -29.21 2.85 0.36
N LEU G 161 -28.08 2.16 0.25
CA LEU G 161 -26.94 2.44 1.12
C LEU G 161 -25.86 3.24 0.42
N MET G 162 -26.17 3.72 -0.78
CA MET G 162 -25.20 4.49 -1.55
C MET G 162 -25.86 5.74 -2.11
N PRO G 163 -26.10 6.73 -1.22
CA PRO G 163 -26.81 7.97 -1.52
C PRO G 163 -26.01 8.84 -2.48
N GLU G 164 -24.71 8.96 -2.23
CA GLU G 164 -23.85 9.74 -3.10
C GLU G 164 -23.32 8.91 -4.26
N GLY G 165 -23.86 7.70 -4.40
CA GLY G 165 -23.44 6.83 -5.48
C GLY G 165 -22.44 5.77 -5.02
N GLY G 166 -21.94 4.99 -5.97
CA GLY G 166 -21.00 3.93 -5.66
C GLY G 166 -20.78 3.00 -6.84
N SER G 167 -20.08 1.89 -6.60
CA SER G 167 -19.73 0.97 -7.67
C SER G 167 -20.12 -0.47 -7.34
N ILE G 168 -20.73 -1.13 -8.31
CA ILE G 168 -21.06 -2.55 -8.17
C ILE G 168 -20.34 -3.39 -9.22
N VAL G 169 -19.76 -4.51 -8.78
CA VAL G 169 -19.04 -5.39 -9.69
C VAL G 169 -19.51 -6.83 -9.56
N ALA G 170 -19.73 -7.49 -10.69
CA ALA G 170 -20.14 -8.88 -10.68
C ALA G 170 -19.11 -9.73 -11.43
N THR G 171 -19.08 -11.02 -11.17
CA THR G 171 -18.08 -11.86 -11.80
C THR G 171 -18.68 -12.77 -12.84
N THR G 172 -18.25 -12.64 -14.09
CA THR G 172 -18.75 -13.50 -15.16
C THR G 172 -17.63 -14.34 -15.74
N TYR G 173 -17.96 -15.15 -16.74
CA TYR G 173 -16.97 -15.98 -17.40
C TYR G 173 -17.15 -15.88 -18.92
N LEU G 174 -16.09 -16.15 -19.66
CA LEU G 174 -16.11 -16.06 -21.12
C LEU G 174 -17.28 -16.81 -21.76
N GLY G 175 -17.77 -17.84 -21.08
CA GLY G 175 -18.82 -18.68 -21.60
C GLY G 175 -20.14 -17.97 -21.71
N GLY G 176 -20.18 -16.73 -21.22
CA GLY G 176 -21.36 -15.90 -21.36
C GLY G 176 -21.41 -15.26 -22.74
N GLU G 177 -20.27 -15.25 -23.42
CA GLU G 177 -20.15 -14.62 -24.73
C GLU G 177 -19.99 -15.63 -25.86
N PHE G 178 -19.55 -16.84 -25.52
CA PHE G 178 -19.41 -17.88 -26.53
C PHE G 178 -19.84 -19.21 -25.95
N ALA G 179 -20.26 -20.11 -26.83
CA ALA G 179 -20.60 -21.45 -26.40
C ALA G 179 -19.30 -22.14 -26.01
N VAL G 180 -19.14 -22.40 -24.73
CA VAL G 180 -17.96 -23.09 -24.24
C VAL G 180 -18.32 -24.52 -23.89
N GLN G 181 -17.59 -25.45 -24.49
CA GLN G 181 -17.78 -26.87 -24.21
C GLN G 181 -18.14 -27.07 -22.75
N ASN G 182 -19.34 -27.60 -22.49
CA ASN G 182 -19.74 -28.05 -21.16
C ASN G 182 -20.31 -26.99 -20.20
N TYR G 183 -19.99 -25.72 -20.44
CA TYR G 183 -20.48 -24.65 -19.57
C TYR G 183 -21.99 -24.55 -19.67
N ASN G 184 -22.53 -25.05 -20.77
CA ASN G 184 -23.97 -25.18 -20.96
C ASN G 184 -24.80 -24.14 -20.25
N VAL G 185 -25.72 -24.61 -19.40
CA VAL G 185 -26.70 -23.75 -18.76
C VAL G 185 -26.05 -22.57 -18.03
N MET G 186 -24.90 -22.80 -17.42
CA MET G 186 -24.23 -21.73 -16.69
C MET G 186 -23.84 -20.63 -17.65
N GLY G 187 -23.45 -21.03 -18.86
CA GLY G 187 -23.14 -20.09 -19.91
C GLY G 187 -24.27 -19.10 -20.09
N VAL G 188 -25.46 -19.63 -20.39
CA VAL G 188 -26.64 -18.79 -20.58
C VAL G 188 -26.93 -17.91 -19.38
N ALA G 189 -26.71 -18.45 -18.18
CA ALA G 189 -26.90 -17.66 -16.98
C ALA G 189 -25.97 -16.44 -17.02
N LYS G 190 -24.71 -16.69 -17.36
CA LYS G 190 -23.71 -15.62 -17.39
C LYS G 190 -24.07 -14.61 -18.45
N ALA G 191 -24.43 -15.11 -19.63
CA ALA G 191 -24.91 -14.25 -20.69
C ALA G 191 -25.98 -13.33 -20.09
N SER G 192 -26.96 -13.94 -19.44
CA SER G 192 -28.03 -13.20 -18.79
C SER G 192 -27.48 -12.18 -17.80
N LEU G 193 -26.51 -12.61 -17.00
CA LEU G 193 -25.89 -11.73 -16.04
C LEU G 193 -25.23 -10.53 -16.73
N GLU G 194 -24.46 -10.81 -17.78
CA GLU G 194 -23.71 -9.77 -18.45
C GLU G 194 -24.65 -8.70 -18.99
N ALA G 195 -25.87 -9.09 -19.32
CA ALA G 195 -26.87 -8.13 -19.79
C ALA G 195 -27.44 -7.40 -18.60
N ASN G 196 -27.73 -8.16 -17.55
CA ASN G 196 -28.21 -7.60 -16.30
C ASN G 196 -27.35 -6.40 -15.95
N VAL G 197 -26.04 -6.59 -15.99
CA VAL G 197 -25.11 -5.51 -15.68
C VAL G 197 -25.41 -4.27 -16.50
N LYS G 198 -25.47 -4.40 -17.81
CA LYS G 198 -25.73 -3.27 -18.68
C LYS G 198 -27.03 -2.56 -18.33
N TYR G 199 -28.11 -3.32 -18.19
CA TYR G 199 -29.39 -2.71 -17.87
C TYR G 199 -29.38 -2.00 -16.51
N LEU G 200 -28.71 -2.62 -15.55
CA LEU G 200 -28.52 -1.98 -14.24
C LEU G 200 -27.68 -0.72 -14.38
N ALA G 201 -26.53 -0.85 -15.04
CA ALA G 201 -25.63 0.29 -15.24
C ALA G 201 -26.42 1.49 -15.75
N LEU G 202 -27.32 1.23 -16.69
CA LEU G 202 -28.14 2.27 -17.30
C LEU G 202 -29.15 2.80 -16.29
N ASP G 203 -29.84 1.89 -15.63
CA ASP G 203 -30.86 2.28 -14.68
C ASP G 203 -30.31 3.15 -13.57
N LEU G 204 -29.11 2.82 -13.09
CA LEU G 204 -28.58 3.47 -11.90
C LEU G 204 -27.47 4.49 -12.20
N GLY G 205 -27.15 4.65 -13.49
CA GLY G 205 -26.19 5.65 -13.89
C GLY G 205 -26.51 7.00 -13.28
N PRO G 206 -27.77 7.45 -13.42
CA PRO G 206 -28.24 8.72 -12.86
C PRO G 206 -28.00 8.84 -11.36
N ASP G 207 -28.28 7.77 -10.63
CA ASP G 207 -28.07 7.76 -9.19
C ASP G 207 -26.58 7.62 -8.88
N ASN G 208 -25.76 7.85 -9.90
CA ASN G 208 -24.31 7.81 -9.78
C ASN G 208 -23.77 6.48 -9.26
N ILE G 209 -24.37 5.40 -9.73
CA ILE G 209 -23.88 4.08 -9.40
C ILE G 209 -23.37 3.36 -10.65
N ARG G 210 -22.12 2.93 -10.60
CA ARG G 210 -21.53 2.25 -11.74
C ARG G 210 -21.64 0.75 -11.56
N VAL G 211 -22.01 0.07 -12.63
CA VAL G 211 -22.21 -1.36 -12.58
C VAL G 211 -21.38 -1.99 -13.68
N ASN G 212 -20.43 -2.83 -13.29
CA ASN G 212 -19.55 -3.47 -14.26
C ASN G 212 -19.31 -4.92 -13.90
N ALA G 213 -18.68 -5.65 -14.80
CA ALA G 213 -18.42 -7.06 -14.56
C ALA G 213 -16.99 -7.41 -14.91
N ILE G 214 -16.49 -8.46 -14.26
CA ILE G 214 -15.19 -9.01 -14.59
C ILE G 214 -15.33 -10.39 -15.18
N SER G 215 -14.92 -10.55 -16.43
CA SER G 215 -14.89 -11.86 -17.03
C SER G 215 -13.56 -12.48 -16.62
N ALA G 216 -13.63 -13.37 -15.65
CA ALA G 216 -12.45 -13.99 -15.08
C ALA G 216 -12.01 -15.19 -15.92
N GLY G 217 -10.72 -15.46 -15.93
CA GLY G 217 -10.21 -16.65 -16.56
C GLY G 217 -10.56 -17.79 -15.62
N PRO G 218 -10.30 -19.03 -16.04
CA PRO G 218 -10.56 -20.18 -15.17
C PRO G 218 -9.66 -20.14 -13.96
N ILE G 219 -10.24 -20.28 -12.78
CA ILE G 219 -9.46 -20.32 -11.55
C ILE G 219 -9.87 -21.50 -10.66
N ARG G 220 -8.89 -22.07 -9.98
CA ARG G 220 -9.11 -23.21 -9.12
C ARG G 220 -9.87 -22.83 -7.88
N THR G 221 -11.20 -22.89 -7.95
CA THR G 221 -12.03 -22.56 -6.80
C THR G 221 -12.78 -23.80 -6.33
N LEU G 222 -13.48 -23.64 -5.21
CA LEU G 222 -14.29 -24.71 -4.67
C LEU G 222 -15.20 -25.26 -5.75
N SER G 223 -15.94 -24.38 -6.39
CA SER G 223 -16.92 -24.76 -7.40
C SER G 223 -16.24 -25.26 -8.67
N ALA G 224 -15.05 -24.74 -8.94
CA ALA G 224 -14.27 -25.19 -10.09
C ALA G 224 -13.98 -26.69 -9.97
N LYS G 225 -14.02 -27.19 -8.75
CA LYS G 225 -13.83 -28.60 -8.50
C LYS G 225 -15.04 -29.40 -8.97
N GLY G 226 -14.78 -30.44 -9.74
CA GLY G 226 -15.84 -31.33 -10.18
C GLY G 226 -16.30 -31.06 -11.61
N VAL G 227 -15.75 -30.03 -12.24
CA VAL G 227 -16.09 -29.74 -13.62
C VAL G 227 -15.27 -30.57 -14.59
N GLY G 228 -15.92 -31.15 -15.58
CA GLY G 228 -15.24 -31.93 -16.61
C GLY G 228 -14.35 -31.07 -17.49
N GLY G 229 -13.17 -31.58 -17.80
CA GLY G 229 -12.26 -30.94 -18.74
C GLY G 229 -11.71 -29.60 -18.27
N PHE G 230 -11.88 -29.33 -16.98
CA PHE G 230 -11.36 -28.09 -16.39
C PHE G 230 -9.85 -28.00 -16.59
N ASN G 231 -9.14 -29.01 -16.11
CA ASN G 231 -7.69 -29.09 -16.25
C ASN G 231 -7.21 -28.88 -17.68
N THR G 232 -7.95 -29.45 -18.62
CA THR G 232 -7.64 -29.27 -20.04
C THR G 232 -7.55 -27.79 -20.37
N ILE G 233 -8.60 -27.07 -20.02
CA ILE G 233 -8.69 -25.66 -20.34
C ILE G 233 -7.55 -24.88 -19.74
N LEU G 234 -7.32 -25.07 -18.44
CA LEU G 234 -6.22 -24.39 -17.75
C LEU G 234 -4.95 -24.48 -18.56
N LYS G 235 -4.75 -25.63 -19.19
CA LYS G 235 -3.55 -25.86 -19.98
C LYS G 235 -3.66 -25.12 -21.30
N GLU G 236 -4.79 -25.29 -21.98
CA GLU G 236 -5.00 -24.59 -23.25
C GLU G 236 -4.77 -23.09 -23.08
N ILE G 237 -5.17 -22.57 -21.93
CA ILE G 237 -4.90 -21.17 -21.60
C ILE G 237 -3.42 -20.90 -21.69
N GLU G 238 -2.63 -21.61 -20.88
CA GLU G 238 -1.20 -21.43 -20.87
C GLU G 238 -0.61 -21.54 -22.26
N GLU G 239 -1.14 -22.45 -23.06
CA GLU G 239 -0.60 -22.68 -24.38
C GLU G 239 -1.04 -21.63 -25.40
N ARG G 240 -2.27 -21.13 -25.26
CA ARG G 240 -2.82 -20.24 -26.27
C ARG G 240 -2.99 -18.78 -25.85
N ALA G 241 -3.31 -18.55 -24.58
CA ALA G 241 -3.50 -17.20 -24.07
C ALA G 241 -2.26 -16.37 -24.34
N PRO G 242 -2.44 -15.09 -24.72
CA PRO G 242 -1.32 -14.20 -25.02
C PRO G 242 -0.25 -14.24 -23.93
N LEU G 243 -0.66 -14.16 -22.68
CA LEU G 243 0.29 -14.18 -21.57
C LEU G 243 0.85 -15.57 -21.30
N LYS G 244 0.36 -16.57 -22.03
CA LYS G 244 0.85 -17.93 -21.91
C LYS G 244 0.87 -18.43 -20.47
N ARG G 245 -0.04 -17.91 -19.65
CA ARG G 245 -0.13 -18.30 -18.25
C ARG G 245 -1.57 -18.21 -17.78
N ASN G 246 -1.79 -18.56 -16.52
CA ASN G 246 -3.12 -18.45 -15.95
C ASN G 246 -3.21 -17.31 -14.95
N VAL G 247 -4.43 -17.01 -14.53
CA VAL G 247 -4.67 -15.90 -13.62
C VAL G 247 -5.11 -16.40 -12.24
N ASP G 248 -5.06 -15.53 -11.24
CA ASP G 248 -5.44 -15.92 -9.89
C ASP G 248 -6.44 -14.93 -9.27
N GLN G 249 -6.95 -15.32 -8.10
CA GLN G 249 -7.98 -14.55 -7.43
C GLN G 249 -7.51 -13.13 -7.14
N VAL G 250 -6.23 -12.99 -6.84
CA VAL G 250 -5.66 -11.68 -6.55
C VAL G 250 -5.77 -10.73 -7.75
N GLU G 251 -5.27 -11.18 -8.89
CA GLU G 251 -5.32 -10.40 -10.11
C GLU G 251 -6.72 -9.90 -10.35
N VAL G 252 -7.69 -10.77 -10.10
CA VAL G 252 -9.09 -10.39 -10.17
C VAL G 252 -9.36 -9.32 -9.14
N GLY G 253 -9.03 -9.62 -7.89
CA GLY G 253 -9.15 -8.63 -6.83
C GLY G 253 -8.62 -7.27 -7.24
N LYS G 254 -7.43 -7.23 -7.82
CA LYS G 254 -6.82 -5.98 -8.26
C LYS G 254 -7.71 -5.22 -9.22
N THR G 255 -8.11 -5.88 -10.30
CA THR G 255 -9.02 -5.26 -11.25
C THR G 255 -10.29 -4.84 -10.53
N ALA G 256 -10.79 -5.74 -9.68
CA ALA G 256 -11.97 -5.45 -8.86
C ALA G 256 -11.80 -4.11 -8.14
N ALA G 257 -10.64 -3.89 -7.55
CA ALA G 257 -10.37 -2.64 -6.87
C ALA G 257 -10.45 -1.48 -7.84
N TYR G 258 -9.79 -1.61 -8.98
CA TYR G 258 -9.84 -0.58 -9.99
C TYR G 258 -11.29 -0.19 -10.25
N LEU G 259 -12.12 -1.21 -10.44
CA LEU G 259 -13.53 -1.03 -10.73
C LEU G 259 -14.32 -0.41 -9.58
N LEU G 260 -14.04 -0.86 -8.36
CA LEU G 260 -14.77 -0.37 -7.20
C LEU G 260 -14.31 1.01 -6.79
N SER G 261 -13.12 1.39 -7.22
CA SER G 261 -12.55 2.67 -6.81
C SER G 261 -12.96 3.79 -7.76
N ASP G 262 -12.58 5.01 -7.42
CA ASP G 262 -12.88 6.16 -8.23
C ASP G 262 -11.99 6.17 -9.46
N LEU G 263 -11.03 5.26 -9.47
CA LEU G 263 -10.14 5.09 -10.60
C LEU G 263 -10.93 4.78 -11.87
N SER G 264 -11.94 3.93 -11.70
CA SER G 264 -12.77 3.53 -12.82
C SER G 264 -14.00 4.42 -12.94
N SER G 265 -13.94 5.62 -12.38
CA SER G 265 -15.03 6.57 -12.60
C SER G 265 -15.11 6.81 -14.10
N GLY G 266 -16.31 6.85 -14.64
CA GLY G 266 -16.47 7.02 -16.08
C GLY G 266 -16.59 5.69 -16.79
N VAL G 267 -16.27 4.60 -16.11
CA VAL G 267 -16.48 3.28 -16.65
C VAL G 267 -17.71 2.63 -16.04
N THR G 268 -18.73 2.38 -16.85
CA THR G 268 -19.90 1.68 -16.37
C THR G 268 -20.48 0.82 -17.49
N GLY G 269 -21.11 -0.28 -17.12
CA GLY G 269 -21.65 -1.20 -18.11
C GLY G 269 -20.54 -1.91 -18.88
N GLU G 270 -19.33 -1.91 -18.32
CA GLU G 270 -18.22 -2.55 -19.00
C GLU G 270 -17.96 -3.95 -18.45
N ASN G 271 -17.46 -4.82 -19.32
CA ASN G 271 -17.02 -6.14 -18.93
C ASN G 271 -15.53 -6.28 -19.18
N ILE G 272 -14.76 -6.39 -18.11
CA ILE G 272 -13.31 -6.47 -18.21
C ILE G 272 -12.80 -7.89 -18.06
N HIS G 273 -12.10 -8.36 -19.08
CA HIS G 273 -11.59 -9.72 -19.08
C HIS G 273 -10.24 -9.75 -18.41
N VAL G 274 -10.21 -10.36 -17.23
CA VAL G 274 -8.97 -10.65 -16.54
C VAL G 274 -8.67 -12.13 -16.79
N ASP G 275 -8.01 -12.43 -17.90
CA ASP G 275 -7.91 -13.80 -18.36
C ASP G 275 -6.69 -14.01 -19.24
N SER G 276 -5.64 -13.24 -19.00
CA SER G 276 -4.43 -13.34 -19.82
C SER G 276 -4.73 -13.04 -21.29
N GLY G 277 -5.82 -12.32 -21.54
CA GLY G 277 -6.18 -11.91 -22.87
C GLY G 277 -6.64 -13.04 -23.75
N PHE G 278 -7.10 -14.12 -23.12
CA PHE G 278 -7.59 -15.28 -23.86
C PHE G 278 -8.82 -14.93 -24.67
N HIS G 279 -9.56 -13.94 -24.19
CA HIS G 279 -10.78 -13.46 -24.83
C HIS G 279 -10.48 -12.87 -26.20
N ALA G 280 -9.25 -12.41 -26.38
CA ALA G 280 -8.92 -11.66 -27.58
C ALA G 280 -8.44 -12.56 -28.72
N ILE G 281 -8.24 -13.83 -28.44
CA ILE G 281 -7.71 -14.74 -29.46
C ILE G 281 -8.74 -15.74 -29.96
N LYS G 282 -8.34 -16.51 -30.99
CA LYS G 282 -9.21 -17.48 -31.62
C LYS G 282 -8.41 -18.35 -32.59
N ASN H 29 -36.42 -23.13 -53.34
CA ASN H 29 -37.73 -23.78 -53.43
C ASN H 29 -38.00 -24.71 -52.25
N LEU H 30 -39.16 -24.53 -51.63
CA LEU H 30 -39.44 -25.21 -50.36
C LEU H 30 -40.50 -26.31 -50.38
N GLU H 31 -40.83 -26.83 -51.56
CA GLU H 31 -41.68 -28.01 -51.61
C GLU H 31 -40.98 -29.12 -50.85
N ASN H 32 -41.73 -30.10 -50.38
CA ASN H 32 -41.15 -31.23 -49.67
C ASN H 32 -40.49 -30.80 -48.36
N LYS H 33 -40.65 -29.53 -48.01
CA LYS H 33 -40.15 -29.01 -46.75
C LYS H 33 -41.30 -28.70 -45.82
N THR H 34 -41.15 -29.07 -44.56
CA THR H 34 -42.18 -28.84 -43.57
C THR H 34 -41.62 -28.11 -42.36
N TYR H 35 -42.19 -26.94 -42.07
CA TYR H 35 -41.70 -26.11 -40.97
C TYR H 35 -42.77 -25.84 -39.95
N VAL H 36 -42.36 -25.78 -38.69
CA VAL H 36 -43.26 -25.45 -37.59
C VAL H 36 -43.09 -23.98 -37.23
N ILE H 37 -44.18 -23.23 -37.27
CA ILE H 37 -44.14 -21.82 -36.93
C ILE H 37 -44.86 -21.54 -35.61
N MET H 38 -44.09 -21.14 -34.61
CA MET H 38 -44.66 -20.87 -33.30
C MET H 38 -44.70 -19.38 -33.02
N GLY H 39 -45.84 -18.89 -32.55
CA GLY H 39 -45.94 -17.52 -32.08
C GLY H 39 -46.70 -16.58 -32.98
N ILE H 40 -47.72 -17.09 -33.65
CA ILE H 40 -48.60 -16.21 -34.40
C ILE H 40 -49.77 -15.81 -33.53
N ALA H 41 -50.03 -14.50 -33.46
CA ALA H 41 -51.15 -13.98 -32.70
C ALA H 41 -52.13 -13.25 -33.60
N ASN H 42 -51.62 -12.71 -34.70
CA ASN H 42 -52.46 -12.00 -35.66
C ASN H 42 -51.75 -11.67 -36.97
N LYS H 43 -52.46 -10.97 -37.85
CA LYS H 43 -51.94 -10.59 -39.15
C LYS H 43 -50.71 -9.72 -39.04
N ARG H 44 -50.48 -9.18 -37.85
CA ARG H 44 -49.34 -8.30 -37.62
C ARG H 44 -48.20 -9.04 -36.96
N SER H 45 -48.49 -10.22 -36.44
CA SER H 45 -47.44 -11.08 -35.90
C SER H 45 -46.30 -11.14 -36.89
N ILE H 46 -45.09 -11.11 -36.35
CA ILE H 46 -43.90 -11.27 -37.16
C ILE H 46 -43.91 -12.68 -37.75
N ALA H 47 -44.28 -13.65 -36.92
CA ALA H 47 -44.31 -15.04 -37.34
C ALA H 47 -45.25 -15.23 -38.52
N PHE H 48 -46.21 -14.32 -38.66
CA PHE H 48 -47.10 -14.37 -39.81
C PHE H 48 -46.38 -13.89 -41.06
N GLY H 49 -45.65 -12.79 -40.93
CA GLY H 49 -44.84 -12.30 -42.02
C GLY H 49 -43.96 -13.41 -42.56
N VAL H 50 -43.45 -14.24 -41.65
CA VAL H 50 -42.64 -15.39 -42.03
C VAL H 50 -43.48 -16.41 -42.80
N ALA H 51 -44.56 -16.85 -42.17
CA ALA H 51 -45.47 -17.83 -42.77
C ALA H 51 -45.79 -17.51 -44.22
N LYS H 52 -46.24 -16.29 -44.47
CA LYS H 52 -46.55 -15.85 -45.82
C LYS H 52 -45.43 -16.20 -46.79
N VAL H 53 -44.23 -15.80 -46.44
CA VAL H 53 -43.06 -16.04 -47.28
C VAL H 53 -42.82 -17.53 -47.53
N LEU H 54 -42.84 -18.31 -46.46
CA LEU H 54 -42.62 -19.75 -46.57
C LEU H 54 -43.71 -20.40 -47.42
N ASP H 55 -44.96 -20.09 -47.08
CA ASP H 55 -46.09 -20.60 -47.86
C ASP H 55 -45.86 -20.29 -49.32
N GLN H 56 -45.45 -19.05 -49.59
CA GLN H 56 -45.22 -18.62 -50.96
C GLN H 56 -44.10 -19.40 -51.62
N LEU H 57 -43.37 -20.18 -50.85
CA LEU H 57 -42.29 -21.00 -51.42
C LEU H 57 -42.64 -22.48 -51.47
N GLY H 58 -43.90 -22.80 -51.19
CA GLY H 58 -44.38 -24.16 -51.31
C GLY H 58 -44.05 -25.05 -50.13
N ALA H 59 -43.65 -24.43 -49.03
CA ALA H 59 -43.37 -25.20 -47.82
C ALA H 59 -44.68 -25.64 -47.16
N LYS H 60 -44.67 -26.84 -46.58
CA LYS H 60 -45.78 -27.29 -45.77
C LYS H 60 -45.61 -26.71 -44.37
N LEU H 61 -46.62 -25.99 -43.88
CA LEU H 61 -46.50 -25.28 -42.62
C LEU H 61 -47.37 -25.83 -41.50
N VAL H 62 -46.78 -25.91 -40.31
CA VAL H 62 -47.49 -26.31 -39.10
C VAL H 62 -47.42 -25.15 -38.11
N PHE H 63 -48.47 -24.98 -37.31
CA PHE H 63 -48.57 -23.82 -36.44
C PHE H 63 -48.86 -24.19 -35.00
N THR H 64 -48.47 -23.34 -34.07
CA THR H 64 -48.78 -23.54 -32.66
C THR H 64 -49.30 -22.26 -32.03
N TYR H 65 -50.23 -22.41 -31.09
CA TYR H 65 -50.84 -21.27 -30.43
C TYR H 65 -50.89 -21.52 -28.94
N ARG H 66 -51.15 -20.47 -28.16
CA ARG H 66 -51.19 -20.63 -26.71
C ARG H 66 -52.59 -20.92 -26.17
N LYS H 67 -53.55 -20.08 -26.52
CA LYS H 67 -54.92 -20.22 -26.02
C LYS H 67 -55.91 -20.63 -27.12
N GLU H 68 -56.96 -21.33 -26.72
CA GLU H 68 -58.00 -21.76 -27.68
C GLU H 68 -58.58 -20.59 -28.45
N ARG H 69 -59.06 -19.60 -27.70
CA ARG H 69 -59.70 -18.42 -28.29
C ARG H 69 -58.95 -17.87 -29.50
N SER H 70 -57.63 -18.02 -29.50
CA SER H 70 -56.83 -17.59 -30.62
C SER H 70 -57.11 -18.46 -31.84
N ARG H 71 -57.18 -19.77 -31.59
CA ARG H 71 -57.25 -20.76 -32.66
C ARG H 71 -58.23 -20.43 -33.78
N LYS H 72 -59.42 -19.96 -33.44
CA LYS H 72 -60.39 -19.61 -34.47
C LYS H 72 -59.86 -18.49 -35.36
N GLU H 73 -59.57 -17.34 -34.75
CA GLU H 73 -58.93 -16.24 -35.46
C GLU H 73 -57.80 -16.75 -36.33
N LEU H 74 -57.11 -17.76 -35.83
CA LEU H 74 -55.97 -18.37 -36.52
C LEU H 74 -56.39 -19.02 -37.82
N GLU H 75 -57.28 -20.01 -37.72
CA GLU H 75 -57.79 -20.70 -38.89
C GLU H 75 -58.28 -19.68 -39.91
N LYS H 76 -58.91 -18.63 -39.40
CA LYS H 76 -59.39 -17.53 -40.22
C LYS H 76 -58.24 -16.97 -41.05
N LEU H 77 -57.09 -16.87 -40.42
CA LEU H 77 -55.89 -16.33 -41.04
C LEU H 77 -55.35 -17.25 -42.13
N LEU H 78 -55.07 -18.50 -41.75
CA LEU H 78 -54.54 -19.52 -42.65
C LEU H 78 -55.14 -19.46 -44.04
N GLU H 79 -56.43 -19.15 -44.10
CA GLU H 79 -57.15 -19.18 -45.35
C GLU H 79 -56.49 -18.33 -46.44
N GLN H 80 -55.64 -17.40 -46.00
CA GLN H 80 -54.91 -16.56 -46.95
C GLN H 80 -53.70 -17.29 -47.52
N LEU H 81 -53.52 -18.54 -47.10
CA LEU H 81 -52.37 -19.32 -47.55
C LEU H 81 -52.79 -20.51 -48.39
N ASN H 82 -51.88 -20.96 -49.24
CA ASN H 82 -52.12 -22.11 -50.07
C ASN H 82 -51.71 -23.38 -49.33
N GLN H 83 -52.18 -23.51 -48.10
CA GLN H 83 -51.95 -24.71 -47.31
C GLN H 83 -53.10 -25.70 -47.47
N PRO H 84 -52.81 -26.84 -48.11
CA PRO H 84 -53.81 -27.88 -48.35
C PRO H 84 -54.66 -28.09 -47.10
N GLU H 85 -54.06 -28.65 -46.07
CA GLU H 85 -54.73 -28.77 -44.79
C GLU H 85 -54.09 -27.86 -43.76
N ALA H 86 -54.90 -27.44 -42.80
CA ALA H 86 -54.41 -26.66 -41.68
C ALA H 86 -54.00 -27.59 -40.55
N HIS H 87 -52.73 -27.54 -40.18
CA HIS H 87 -52.23 -28.31 -39.04
C HIS H 87 -51.95 -27.37 -37.88
N LEU H 88 -52.91 -27.24 -36.97
CA LEU H 88 -52.76 -26.35 -35.83
C LEU H 88 -52.71 -27.15 -34.53
N TYR H 89 -51.72 -26.85 -33.71
CA TYR H 89 -51.57 -27.51 -32.41
C TYR H 89 -51.50 -26.46 -31.31
N GLN H 90 -52.04 -26.78 -30.14
CA GLN H 90 -52.00 -25.84 -29.03
C GLN H 90 -50.87 -26.17 -28.07
N ILE H 91 -49.87 -25.29 -28.01
CA ILE H 91 -48.78 -25.45 -27.06
C ILE H 91 -48.49 -24.16 -26.32
N ASP H 92 -48.67 -24.18 -25.01
CA ASP H 92 -48.16 -23.13 -24.14
C ASP H 92 -46.81 -23.60 -23.67
N VAL H 93 -45.79 -22.80 -23.95
CA VAL H 93 -44.41 -23.23 -23.76
C VAL H 93 -43.98 -23.34 -22.30
N GLN H 94 -44.88 -22.97 -21.39
CA GLN H 94 -44.57 -23.09 -19.98
C GLN H 94 -44.74 -24.51 -19.50
N SER H 95 -45.49 -25.29 -20.24
CA SER H 95 -45.77 -26.68 -19.88
C SER H 95 -44.82 -27.62 -20.59
N ASP H 96 -44.00 -28.33 -19.82
CA ASP H 96 -43.09 -29.32 -20.38
C ASP H 96 -43.85 -30.28 -21.28
N GLU H 97 -45.02 -30.72 -20.82
CA GLU H 97 -45.81 -31.69 -21.57
C GLU H 97 -46.37 -31.13 -22.86
N GLU H 98 -47.13 -30.04 -22.75
CA GLU H 98 -47.75 -29.44 -23.91
C GLU H 98 -46.79 -29.41 -25.08
N VAL H 99 -45.51 -29.24 -24.77
CA VAL H 99 -44.44 -29.23 -25.76
C VAL H 99 -44.07 -30.63 -26.19
N ILE H 100 -43.64 -31.46 -25.23
CA ILE H 100 -43.29 -32.83 -25.52
C ILE H 100 -44.39 -33.53 -26.32
N ASN H 101 -45.60 -33.51 -25.77
CA ASN H 101 -46.76 -34.12 -26.43
C ASN H 101 -47.06 -33.45 -27.75
N GLY H 102 -47.24 -32.13 -27.72
CA GLY H 102 -47.52 -31.37 -28.92
C GLY H 102 -46.67 -31.79 -30.11
N PHE H 103 -45.38 -31.93 -29.88
CA PHE H 103 -44.46 -32.30 -30.95
C PHE H 103 -44.64 -33.73 -31.40
N GLU H 104 -44.59 -34.64 -30.43
CA GLU H 104 -44.82 -36.04 -30.71
C GLU H 104 -46.02 -36.21 -31.63
N GLN H 105 -47.11 -35.51 -31.28
CA GLN H 105 -48.33 -35.55 -32.06
C GLN H 105 -48.09 -35.13 -33.51
N ILE H 106 -47.43 -34.01 -33.69
CA ILE H 106 -47.04 -33.55 -35.01
C ILE H 106 -46.25 -34.65 -35.72
N GLY H 107 -45.32 -35.26 -35.00
CA GLY H 107 -44.54 -36.35 -35.54
C GLY H 107 -45.44 -37.45 -36.07
N LYS H 108 -46.54 -37.67 -35.37
CA LYS H 108 -47.50 -38.68 -35.76
C LYS H 108 -48.36 -38.20 -36.93
N ASP H 109 -48.72 -36.92 -36.90
CA ASP H 109 -49.65 -36.37 -37.90
C ASP H 109 -48.97 -35.99 -39.22
N VAL H 110 -47.72 -35.54 -39.14
CA VAL H 110 -47.04 -35.05 -40.34
C VAL H 110 -45.67 -35.71 -40.51
N GLY H 111 -45.27 -36.53 -39.54
CA GLY H 111 -43.99 -37.20 -39.63
C GLY H 111 -42.83 -36.26 -39.33
N ASN H 112 -41.80 -36.31 -40.16
CA ASN H 112 -40.61 -35.51 -39.92
C ASN H 112 -40.71 -34.09 -40.46
N ILE H 113 -40.00 -33.16 -39.83
CA ILE H 113 -39.97 -31.77 -40.26
C ILE H 113 -38.57 -31.32 -40.61
N ASP H 114 -38.48 -30.16 -41.23
CA ASP H 114 -37.21 -29.64 -41.72
C ASP H 114 -36.67 -28.53 -40.83
N GLY H 115 -37.54 -27.96 -40.01
CA GLY H 115 -37.13 -26.87 -39.15
C GLY H 115 -38.26 -26.23 -38.38
N VAL H 116 -37.89 -25.28 -37.53
CA VAL H 116 -38.86 -24.62 -36.66
C VAL H 116 -38.59 -23.12 -36.58
N TYR H 117 -39.64 -22.33 -36.65
CA TYR H 117 -39.48 -20.91 -36.39
C TYR H 117 -40.09 -20.54 -35.05
N HIS H 118 -39.33 -19.81 -34.25
CA HIS H 118 -39.70 -19.51 -32.89
C HIS H 118 -39.90 -18.01 -32.72
N SER H 119 -41.16 -17.60 -32.65
CA SER H 119 -41.49 -16.18 -32.57
C SER H 119 -42.22 -15.87 -31.26
N ILE H 120 -41.76 -16.50 -30.19
CA ILE H 120 -42.43 -16.41 -28.90
C ILE H 120 -41.64 -15.63 -27.87
N ASN H 124 -43.83 -8.85 -18.33
CA ASN H 124 -44.86 -8.01 -17.75
C ASN H 124 -44.64 -6.54 -18.05
N MET H 125 -45.66 -5.90 -18.62
CA MET H 125 -45.57 -4.48 -18.96
C MET H 125 -45.11 -3.61 -17.80
N GLU H 126 -45.41 -4.05 -16.57
CA GLU H 126 -44.95 -3.35 -15.40
C GLU H 126 -43.43 -3.27 -15.39
N ASP H 127 -42.80 -4.44 -15.40
CA ASP H 127 -41.35 -4.56 -15.32
C ASP H 127 -40.63 -3.82 -16.44
N LEU H 128 -41.38 -3.38 -17.45
CA LEU H 128 -40.81 -2.67 -18.59
C LEU H 128 -40.92 -1.17 -18.40
N ARG H 129 -41.77 -0.79 -17.47
CA ARG H 129 -42.02 0.61 -17.21
C ARG H 129 -41.21 1.04 -16.01
N GLY H 130 -41.32 0.25 -14.95
CA GLY H 130 -40.58 0.53 -13.74
C GLY H 130 -39.10 0.62 -14.07
N ARG H 131 -38.33 1.18 -13.16
CA ARG H 131 -36.88 1.13 -13.29
C ARG H 131 -36.50 -0.33 -13.35
N PHE H 132 -35.44 -0.64 -14.08
CA PHE H 132 -35.02 -2.01 -14.22
C PHE H 132 -34.65 -2.62 -12.88
N SER H 133 -33.97 -1.84 -12.05
CA SER H 133 -33.51 -2.31 -10.75
C SER H 133 -34.68 -2.77 -9.87
N GLU H 134 -35.87 -2.26 -10.18
CA GLU H 134 -37.05 -2.58 -9.40
C GLU H 134 -37.71 -3.88 -9.86
N THR H 135 -37.27 -4.39 -11.00
CA THR H 135 -37.81 -5.63 -11.57
C THR H 135 -38.02 -6.72 -10.53
N SER H 136 -39.19 -7.34 -10.56
CA SER H 136 -39.55 -8.39 -9.60
C SER H 136 -38.93 -9.73 -10.01
N ARG H 137 -38.73 -10.61 -9.03
CA ARG H 137 -38.15 -11.92 -9.31
C ARG H 137 -39.04 -12.77 -10.20
N GLU H 138 -40.34 -12.81 -9.92
CA GLU H 138 -41.26 -13.54 -10.78
C GLU H 138 -41.15 -12.99 -12.19
N GLY H 139 -41.45 -11.71 -12.33
CA GLY H 139 -41.41 -11.06 -13.62
C GLY H 139 -40.16 -11.43 -14.38
N PHE H 140 -39.03 -11.35 -13.69
CA PHE H 140 -37.74 -11.69 -14.30
C PHE H 140 -37.72 -13.13 -14.78
N LEU H 141 -37.83 -14.07 -13.85
CA LEU H 141 -37.77 -15.48 -14.17
C LEU H 141 -38.84 -15.91 -15.17
N LEU H 142 -39.98 -15.25 -15.13
CA LEU H 142 -41.04 -15.53 -16.08
C LEU H 142 -40.58 -15.27 -17.51
N ALA H 143 -40.05 -14.08 -17.74
CA ALA H 143 -39.54 -13.73 -19.06
C ALA H 143 -38.45 -14.71 -19.51
N GLN H 144 -37.53 -15.03 -18.61
CA GLN H 144 -36.51 -16.00 -18.91
C GLN H 144 -37.13 -17.30 -19.41
N ASP H 145 -38.16 -17.74 -18.68
CA ASP H 145 -38.84 -19.00 -18.98
C ASP H 145 -39.43 -19.00 -20.38
N ILE H 146 -40.37 -18.10 -20.61
CA ILE H 146 -41.10 -18.05 -21.88
C ILE H 146 -40.23 -17.59 -23.04
N SER H 147 -39.41 -16.56 -22.81
CA SER H 147 -38.68 -15.91 -23.89
C SER H 147 -37.37 -16.59 -24.27
N SER H 148 -36.82 -17.39 -23.37
CA SER H 148 -35.54 -18.06 -23.62
C SER H 148 -35.59 -19.59 -23.50
N TYR H 149 -35.91 -20.09 -22.32
CA TYR H 149 -35.90 -21.53 -22.11
C TYR H 149 -36.75 -22.24 -23.13
N SER H 150 -37.96 -21.74 -23.34
CA SER H 150 -38.88 -22.32 -24.29
C SER H 150 -38.11 -22.89 -25.48
N LEU H 151 -37.20 -22.09 -26.02
CA LEU H 151 -36.41 -22.52 -27.16
C LEU H 151 -35.71 -23.84 -26.89
N THR H 152 -34.95 -23.89 -25.81
CA THR H 152 -34.21 -25.10 -25.44
C THR H 152 -35.06 -26.36 -25.54
N ILE H 153 -36.16 -26.40 -24.81
CA ILE H 153 -36.98 -27.59 -24.77
C ILE H 153 -37.61 -27.86 -26.14
N VAL H 154 -38.05 -26.80 -26.82
CA VAL H 154 -38.61 -26.94 -28.14
C VAL H 154 -37.62 -27.62 -29.06
N ALA H 155 -36.39 -27.14 -29.05
CA ALA H 155 -35.34 -27.75 -29.84
C ALA H 155 -35.24 -29.23 -29.49
N HIS H 156 -35.10 -29.54 -28.21
CA HIS H 156 -34.92 -30.92 -27.77
C HIS H 156 -35.97 -31.85 -28.37
N GLU H 157 -37.21 -31.37 -28.42
CA GLU H 157 -38.30 -32.16 -28.96
C GLU H 157 -38.29 -32.19 -30.48
N ALA H 158 -38.13 -31.01 -31.09
CA ALA H 158 -38.12 -30.92 -32.55
C ALA H 158 -36.99 -31.75 -33.14
N LYS H 159 -35.91 -31.86 -32.39
CA LYS H 159 -34.78 -32.68 -32.80
C LYS H 159 -35.26 -34.06 -33.23
N LYS H 160 -36.19 -34.61 -32.44
CA LYS H 160 -36.74 -35.94 -32.67
C LYS H 160 -37.43 -36.05 -34.02
N LEU H 161 -37.84 -34.92 -34.59
CA LEU H 161 -38.53 -34.92 -35.87
C LEU H 161 -37.60 -34.50 -37.01
N MET H 162 -36.31 -34.40 -36.74
CA MET H 162 -35.37 -34.00 -37.77
C MET H 162 -34.16 -34.91 -37.74
N PRO H 163 -34.35 -36.15 -38.23
CA PRO H 163 -33.35 -37.22 -38.20
C PRO H 163 -32.16 -36.88 -39.09
N GLU H 164 -32.45 -36.37 -40.28
CA GLU H 164 -31.38 -36.00 -41.20
C GLU H 164 -30.91 -34.57 -40.95
N GLY H 165 -31.38 -33.97 -39.87
CA GLY H 165 -31.00 -32.61 -39.53
C GLY H 165 -32.04 -31.59 -39.93
N GLY H 166 -31.73 -30.31 -39.76
CA GLY H 166 -32.66 -29.25 -40.07
C GLY H 166 -32.23 -27.92 -39.49
N SER H 167 -33.10 -26.92 -39.56
CA SER H 167 -32.76 -25.56 -39.15
C SER H 167 -33.75 -24.97 -38.16
N ILE H 168 -33.22 -24.38 -37.09
CA ILE H 168 -34.07 -23.69 -36.13
C ILE H 168 -33.74 -22.20 -36.06
N VAL H 169 -34.76 -21.36 -36.07
CA VAL H 169 -34.57 -19.91 -36.02
C VAL H 169 -35.41 -19.28 -34.93
N ALA H 170 -34.79 -18.38 -34.16
CA ALA H 170 -35.52 -17.67 -33.12
C ALA H 170 -35.46 -16.17 -33.38
N THR H 171 -36.36 -15.42 -32.77
CA THR H 171 -36.40 -13.99 -33.04
C THR H 171 -35.96 -13.19 -31.84
N THR H 172 -34.90 -12.41 -32.00
CA THR H 172 -34.41 -11.58 -30.92
C THR H 172 -34.47 -10.11 -31.30
N TYR H 173 -34.05 -9.24 -30.38
CA TYR H 173 -34.05 -7.81 -30.63
C TYR H 173 -32.72 -7.21 -30.19
N LEU H 174 -32.37 -6.07 -30.77
CA LEU H 174 -31.11 -5.41 -30.46
C LEU H 174 -30.86 -5.26 -28.96
N GLY H 175 -31.94 -5.17 -28.20
CA GLY H 175 -31.84 -4.92 -26.77
C GLY H 175 -31.23 -6.08 -26.01
N GLY H 176 -30.96 -7.17 -26.72
CA GLY H 176 -30.24 -8.27 -26.14
C GLY H 176 -28.74 -8.02 -26.11
N GLU H 177 -28.30 -7.05 -26.92
CA GLU H 177 -26.87 -6.76 -27.05
C GLU H 177 -26.49 -5.43 -26.42
N PHE H 178 -27.46 -4.54 -26.26
CA PHE H 178 -27.21 -3.27 -25.59
C PHE H 178 -28.37 -2.91 -24.68
N ALA H 179 -28.07 -2.10 -23.67
CA ALA H 179 -29.12 -1.59 -22.82
C ALA H 179 -29.94 -0.62 -23.64
N VAL H 180 -31.18 -1.01 -23.92
CA VAL H 180 -32.10 -0.15 -24.65
C VAL H 180 -33.13 0.43 -23.70
N GLN H 181 -33.23 1.75 -23.71
CA GLN H 181 -34.19 2.46 -22.87
C GLN H 181 -35.50 1.69 -22.78
N ASN H 182 -35.86 1.25 -21.58
CA ASN H 182 -37.17 0.65 -21.32
C ASN H 182 -37.33 -0.85 -21.60
N TYR H 183 -36.46 -1.40 -22.45
CA TYR H 183 -36.56 -2.82 -22.79
C TYR H 183 -36.29 -3.67 -21.55
N ASN H 184 -35.57 -3.08 -20.61
CA ASN H 184 -35.33 -3.68 -19.30
C ASN H 184 -35.27 -5.20 -19.28
N VAL H 185 -36.15 -5.81 -18.49
CA VAL H 185 -36.10 -7.24 -18.26
C VAL H 185 -36.14 -8.05 -19.57
N MET H 186 -36.91 -7.57 -20.53
CA MET H 186 -37.01 -8.28 -21.79
C MET H 186 -35.64 -8.33 -22.46
N GLY H 187 -34.90 -7.24 -22.33
CA GLY H 187 -33.54 -7.19 -22.84
C GLY H 187 -32.76 -8.39 -22.35
N VAL H 188 -32.71 -8.55 -21.04
CA VAL H 188 -31.94 -9.64 -20.43
C VAL H 188 -32.42 -11.00 -20.90
N ALA H 189 -33.72 -11.12 -21.12
CA ALA H 189 -34.28 -12.36 -21.63
C ALA H 189 -33.72 -12.65 -23.02
N LYS H 190 -33.69 -11.62 -23.86
CA LYS H 190 -33.18 -11.75 -25.22
C LYS H 190 -31.70 -12.10 -25.19
N ALA H 191 -30.94 -11.35 -24.40
CA ALA H 191 -29.55 -11.67 -24.19
C ALA H 191 -29.43 -13.16 -23.89
N SER H 192 -30.21 -13.62 -22.90
CA SER H 192 -30.23 -15.03 -22.54
C SER H 192 -30.55 -15.89 -23.75
N LEU H 193 -31.54 -15.46 -24.51
CA LEU H 193 -31.94 -16.21 -25.69
C LEU H 193 -30.80 -16.32 -26.68
N GLU H 194 -30.14 -15.19 -26.94
CA GLU H 194 -29.10 -15.15 -27.96
C GLU H 194 -27.98 -16.11 -27.61
N ALA H 195 -27.78 -16.32 -26.31
CA ALA H 195 -26.79 -17.27 -25.84
C ALA H 195 -27.33 -18.67 -26.04
N ASN H 196 -28.59 -18.86 -25.64
CA ASN H 196 -29.28 -20.11 -25.80
C ASN H 196 -29.01 -20.65 -27.20
N VAL H 197 -29.21 -19.79 -28.20
CA VAL H 197 -28.99 -20.16 -29.58
C VAL H 197 -27.60 -20.74 -29.80
N LYS H 198 -26.57 -20.02 -29.37
CA LYS H 198 -25.21 -20.47 -29.54
C LYS H 198 -24.98 -21.83 -28.89
N TYR H 199 -25.40 -21.98 -27.64
CA TYR H 199 -25.20 -23.25 -26.94
C TYR H 199 -25.96 -24.39 -27.62
N LEU H 200 -27.16 -24.10 -28.09
CA LEU H 200 -27.91 -25.08 -28.86
C LEU H 200 -27.19 -25.38 -30.16
N ALA H 201 -26.82 -24.32 -30.89
CA ALA H 201 -26.17 -24.50 -32.17
C ALA H 201 -25.00 -25.45 -32.01
N LEU H 202 -24.29 -25.33 -30.90
CA LEU H 202 -23.12 -26.16 -30.63
C LEU H 202 -23.54 -27.57 -30.29
N ASP H 203 -24.53 -27.69 -29.41
CA ASP H 203 -25.01 -29.00 -28.98
C ASP H 203 -25.55 -29.84 -30.13
N LEU H 204 -26.23 -29.20 -31.08
CA LEU H 204 -26.92 -29.95 -32.13
C LEU H 204 -26.25 -29.87 -33.48
N GLY H 205 -25.11 -29.18 -33.52
CA GLY H 205 -24.34 -29.10 -34.76
C GLY H 205 -24.11 -30.50 -35.30
N PRO H 206 -23.61 -31.40 -34.44
CA PRO H 206 -23.32 -32.77 -34.84
C PRO H 206 -24.54 -33.48 -35.43
N ASP H 207 -25.70 -33.28 -34.82
CA ASP H 207 -26.92 -33.90 -35.32
C ASP H 207 -27.41 -33.15 -36.56
N ASN H 208 -26.53 -32.34 -37.12
CA ASN H 208 -26.80 -31.59 -38.34
C ASN H 208 -28.00 -30.67 -38.24
N ILE H 209 -28.12 -30.01 -37.09
CA ILE H 209 -29.17 -29.04 -36.88
C ILE H 209 -28.58 -27.65 -36.65
N ARG H 210 -28.98 -26.71 -37.48
CA ARG H 210 -28.47 -25.36 -37.39
C ARG H 210 -29.41 -24.51 -36.58
N VAL H 211 -28.86 -23.73 -35.68
CA VAL H 211 -29.66 -22.90 -34.79
C VAL H 211 -29.17 -21.46 -34.91
N ASN H 212 -30.04 -20.58 -35.38
CA ASN H 212 -29.66 -19.19 -35.56
C ASN H 212 -30.77 -18.26 -35.11
N ALA H 213 -30.50 -16.97 -35.05
CA ALA H 213 -31.48 -16.01 -34.58
C ALA H 213 -31.54 -14.80 -35.47
N ILE H 214 -32.71 -14.18 -35.53
CA ILE H 214 -32.85 -12.92 -36.26
C ILE H 214 -33.08 -11.76 -35.31
N SER H 215 -32.15 -10.83 -35.29
CA SER H 215 -32.35 -9.62 -34.51
C SER H 215 -33.18 -8.74 -35.43
N ALA H 216 -34.47 -8.65 -35.14
CA ALA H 216 -35.38 -7.85 -35.93
C ALA H 216 -35.36 -6.39 -35.49
N GLY H 217 -35.65 -5.50 -36.42
CA GLY H 217 -35.86 -4.10 -36.09
C GLY H 217 -37.22 -3.98 -35.41
N PRO H 218 -37.56 -2.79 -34.91
CA PRO H 218 -38.87 -2.61 -34.29
C PRO H 218 -39.97 -2.76 -35.33
N ILE H 219 -40.97 -3.59 -35.04
CA ILE H 219 -42.09 -3.73 -35.95
C ILE H 219 -43.41 -3.63 -35.21
N ARG H 220 -44.40 -3.02 -35.87
CA ARG H 220 -45.71 -2.83 -35.29
C ARG H 220 -46.46 -4.13 -35.14
N THR H 221 -46.30 -4.77 -33.99
CA THR H 221 -46.98 -6.03 -33.72
C THR H 221 -47.99 -5.86 -32.59
N LEU H 222 -48.76 -6.90 -32.33
CA LEU H 222 -49.71 -6.89 -31.23
C LEU H 222 -49.00 -6.46 -29.96
N SER H 223 -47.92 -7.17 -29.65
CA SER H 223 -47.19 -6.94 -28.42
C SER H 223 -46.48 -5.59 -28.44
N ALA H 224 -46.13 -5.13 -29.63
CA ALA H 224 -45.49 -3.83 -29.79
C ALA H 224 -46.39 -2.71 -29.30
N GLY H 228 -43.88 1.99 -24.19
CA GLY H 228 -43.55 3.40 -24.14
C GLY H 228 -42.42 3.76 -25.08
N GLY H 229 -42.54 4.90 -25.73
CA GLY H 229 -41.49 5.42 -26.58
C GLY H 229 -41.22 4.58 -27.81
N PHE H 230 -42.15 3.68 -28.13
CA PHE H 230 -42.03 2.85 -29.32
C PHE H 230 -41.99 3.72 -30.57
N ASN H 231 -43.01 4.55 -30.73
CA ASN H 231 -43.10 5.45 -31.87
C ASN H 231 -41.86 6.29 -32.05
N THR H 232 -41.28 6.73 -30.95
CA THR H 232 -40.04 7.50 -30.99
C THR H 232 -38.97 6.74 -31.73
N ILE H 233 -38.75 5.51 -31.31
CA ILE H 233 -37.72 4.66 -31.89
C ILE H 233 -37.92 4.47 -33.38
N LEU H 234 -39.12 4.04 -33.76
CA LEU H 234 -39.44 3.87 -35.17
C LEU H 234 -38.95 5.03 -36.01
N LYS H 235 -39.07 6.23 -35.45
CA LYS H 235 -38.67 7.43 -36.15
C LYS H 235 -37.16 7.58 -36.14
N GLU H 236 -36.57 7.41 -34.96
CA GLU H 236 -35.13 7.45 -34.84
C GLU H 236 -34.48 6.49 -35.83
N ILE H 237 -35.11 5.33 -36.03
CA ILE H 237 -34.63 4.38 -37.03
C ILE H 237 -34.57 5.06 -38.40
N GLU H 238 -35.72 5.54 -38.86
CA GLU H 238 -35.80 6.20 -40.15
C GLU H 238 -34.74 7.28 -40.28
N GLU H 239 -34.52 8.01 -39.20
CA GLU H 239 -33.59 9.13 -39.22
C GLU H 239 -32.12 8.72 -39.16
N ARG H 240 -31.83 7.64 -38.44
CA ARG H 240 -30.43 7.25 -38.22
C ARG H 240 -29.98 5.96 -38.92
N ALA H 241 -30.88 4.97 -39.03
CA ALA H 241 -30.55 3.72 -39.68
C ALA H 241 -30.01 4.00 -41.06
N PRO H 242 -28.99 3.24 -41.49
CA PRO H 242 -28.39 3.41 -42.81
C PRO H 242 -29.43 3.45 -43.93
N LEU H 243 -30.42 2.57 -43.89
CA LEU H 243 -31.44 2.52 -44.93
C LEU H 243 -32.49 3.62 -44.74
N LYS H 244 -32.37 4.38 -43.66
CA LYS H 244 -33.26 5.51 -43.41
C LYS H 244 -34.73 5.13 -43.51
N ARG H 245 -35.04 3.87 -43.21
CA ARG H 245 -36.42 3.38 -43.24
C ARG H 245 -36.62 2.31 -42.20
N ASN H 246 -37.84 1.79 -42.10
CA ASN H 246 -38.12 0.70 -41.19
C ASN H 246 -38.32 -0.62 -41.90
N VAL H 247 -38.38 -1.71 -41.14
CA VAL H 247 -38.50 -3.04 -41.69
C VAL H 247 -39.88 -3.64 -41.40
N ASP H 248 -40.24 -4.69 -42.13
CA ASP H 248 -41.53 -5.34 -41.91
C ASP H 248 -41.42 -6.84 -41.72
N GLN H 249 -42.54 -7.47 -41.34
CA GLN H 249 -42.59 -8.89 -41.04
C GLN H 249 -42.12 -9.72 -42.22
N VAL H 250 -42.42 -9.27 -43.43
CA VAL H 250 -42.00 -9.97 -44.63
C VAL H 250 -40.48 -10.05 -44.75
N GLU H 251 -39.83 -8.89 -44.67
CA GLU H 251 -38.39 -8.83 -44.78
C GLU H 251 -37.77 -9.83 -43.82
N VAL H 252 -38.31 -9.86 -42.61
CA VAL H 252 -37.90 -10.86 -41.64
C VAL H 252 -38.15 -12.24 -42.21
N GLY H 253 -39.38 -12.50 -42.61
CA GLY H 253 -39.73 -13.77 -43.23
C GLY H 253 -38.71 -14.19 -44.28
N LYS H 254 -38.33 -13.25 -45.14
CA LYS H 254 -37.37 -13.54 -46.19
C LYS H 254 -36.05 -14.07 -45.62
N THR H 255 -35.47 -13.31 -44.71
CA THR H 255 -34.25 -13.75 -44.06
C THR H 255 -34.48 -15.09 -43.37
N ALA H 256 -35.63 -15.20 -42.71
CA ALA H 256 -36.04 -16.44 -42.06
C ALA H 256 -35.92 -17.61 -43.02
N ALA H 257 -36.43 -17.42 -44.24
CA ALA H 257 -36.37 -18.44 -45.27
C ALA H 257 -34.91 -18.79 -45.59
N TYR H 258 -34.10 -17.77 -45.81
CA TYR H 258 -32.69 -17.98 -46.06
C TYR H 258 -32.12 -18.89 -44.99
N LEU H 259 -32.43 -18.57 -43.74
CA LEU H 259 -31.92 -19.31 -42.61
C LEU H 259 -32.47 -20.73 -42.52
N LEU H 260 -33.75 -20.88 -42.81
CA LEU H 260 -34.38 -22.18 -42.69
C LEU H 260 -34.03 -23.08 -43.87
N SER H 261 -33.59 -22.47 -44.96
CA SER H 261 -33.29 -23.22 -46.17
C SER H 261 -31.86 -23.69 -46.19
N ASP H 262 -31.53 -24.49 -47.19
CA ASP H 262 -30.19 -25.00 -47.34
C ASP H 262 -29.26 -23.89 -47.81
N LEU H 263 -29.84 -22.75 -48.15
CA LEU H 263 -29.07 -21.58 -48.54
C LEU H 263 -28.09 -21.22 -47.44
N SER H 264 -28.60 -21.27 -46.21
CA SER H 264 -27.80 -20.90 -45.07
C SER H 264 -27.09 -22.10 -44.47
N SER H 265 -26.90 -23.16 -45.26
CA SER H 265 -26.10 -24.28 -44.79
C SER H 265 -24.71 -23.72 -44.53
N GLY H 266 -24.09 -24.14 -43.43
CA GLY H 266 -22.79 -23.60 -43.08
C GLY H 266 -22.89 -22.42 -42.13
N VAL H 267 -24.09 -21.87 -42.01
CA VAL H 267 -24.35 -20.83 -41.02
C VAL H 267 -25.08 -21.38 -39.80
N THR H 268 -24.44 -21.35 -38.65
CA THR H 268 -25.10 -21.78 -37.41
C THR H 268 -24.55 -20.98 -36.23
N GLY H 269 -25.37 -20.75 -35.23
CA GLY H 269 -24.98 -19.93 -34.10
C GLY H 269 -24.86 -18.46 -34.47
N GLU H 270 -25.44 -18.07 -35.61
CA GLU H 270 -25.34 -16.69 -36.06
C GLU H 270 -26.59 -15.90 -35.69
N ASN H 271 -26.37 -14.60 -35.48
CA ASN H 271 -27.46 -13.67 -35.26
C ASN H 271 -27.49 -12.62 -36.36
N ILE H 272 -28.52 -12.68 -37.19
CA ILE H 272 -28.62 -11.77 -38.33
C ILE H 272 -29.56 -10.61 -38.05
N HIS H 273 -29.04 -9.40 -38.16
CA HIS H 273 -29.83 -8.22 -37.91
C HIS H 273 -30.59 -7.79 -39.15
N VAL H 274 -31.90 -7.98 -39.12
CA VAL H 274 -32.76 -7.44 -40.15
C VAL H 274 -33.39 -6.16 -39.59
N ASP H 275 -32.69 -5.04 -39.75
CA ASP H 275 -33.05 -3.84 -39.03
C ASP H 275 -32.57 -2.59 -39.73
N SER H 276 -32.43 -2.65 -41.06
CA SER H 276 -31.94 -1.52 -41.82
C SER H 276 -30.52 -1.14 -41.40
N GLY H 277 -29.81 -2.10 -40.81
CA GLY H 277 -28.42 -1.90 -40.43
C GLY H 277 -28.26 -0.93 -39.26
N PHE H 278 -29.32 -0.77 -38.48
CA PHE H 278 -29.28 0.11 -37.32
C PHE H 278 -28.27 -0.40 -36.31
N HIS H 279 -28.07 -1.70 -36.33
CA HIS H 279 -27.17 -2.37 -35.40
C HIS H 279 -25.73 -1.91 -35.61
N ALA H 280 -25.45 -1.44 -36.82
CA ALA H 280 -24.07 -1.16 -37.22
C ALA H 280 -23.65 0.26 -36.88
N ILE H 281 -24.59 1.09 -36.46
CA ILE H 281 -24.30 2.50 -36.23
C ILE H 281 -24.29 2.86 -34.77
N LYS H 282 -23.90 4.10 -34.48
CA LYS H 282 -23.82 4.58 -33.11
C LYS H 282 -23.56 6.08 -33.13
CAV AEW I . 2.29 12.36 42.51
CAU AEW I . 3.32 11.88 43.52
CAT AEW I . 3.65 12.95 44.52
CAS AEW I . 5.12 13.22 44.67
CAR AEW I . 5.72 12.70 45.96
CAQ AEW I . 7.13 13.24 46.19
CAM AEW I . 7.18 14.74 46.33
CAH AEW I . 7.65 15.52 45.33
CAC AEW I . 7.77 16.94 45.46
OAA AEW I . 8.25 17.69 44.62
CAN AEW I . 6.74 15.32 47.55
CAI AEW I . 6.83 16.66 47.68
NAD AEW I . 7.32 17.45 46.68
CAE AEW I . 7.43 18.91 46.91
CAF AEW I . 6.20 19.68 46.45
CAG AEW I . 6.11 21.05 46.73
CAB AEW I . 7.22 21.78 47.43
CAJ AEW I . 5.18 19.03 45.77
CAO AEW I . 4.07 19.73 45.34
CAP AEW I . 3.95 21.08 45.60
CAK AEW I . 4.95 21.77 46.29
NAL AEW I . 4.80 23.13 46.56
PA NDP J . 9.60 21.65 52.49
O1A NDP J . 8.31 22.39 52.48
O2A NDP J . 10.42 21.36 53.74
O5B NDP J . 10.67 22.45 51.68
C5B NDP J . 10.21 23.37 50.67
C4B NDP J . 10.66 24.73 51.14
O4B NDP J . 10.61 25.66 50.05
C3B NDP J . 9.82 25.36 52.25
O3B NDP J . 10.62 25.65 53.39
C2B NDP J . 9.31 26.67 51.64
O2B NDP J . 9.27 27.75 52.61
C1B NDP J . 10.38 26.93 50.59
N9A NDP J . 10.01 27.84 49.52
C8A NDP J . 8.96 27.73 48.64
N7A NDP J . 8.89 28.71 47.78
C5A NDP J . 9.95 29.53 48.11
C6A NDP J . 10.42 30.74 47.57
N6A NDP J . 9.80 31.40 46.57
N1A NDP J . 11.53 31.29 48.11
C2A NDP J . 12.11 30.66 49.14
N3A NDP J . 11.75 29.52 49.74
C4A NDP J . 10.66 29.00 49.17
O3 NDP J . 9.09 20.26 51.85
PN NDP J . 10.08 19.23 51.06
O1N NDP J . 11.09 19.01 52.13
O2N NDP J . 9.19 18.11 50.50
O5D NDP J . 10.79 19.77 49.74
C5D NDP J . 12.22 19.94 49.79
C4D NDP J . 12.80 19.79 48.40
O4D NDP J . 12.88 18.39 48.06
C3D NDP J . 11.98 20.44 47.29
O3D NDP J . 12.82 20.92 46.25
C2D NDP J . 11.07 19.29 46.85
O2D NDP J . 10.54 19.47 45.55
C1D NDP J . 12.08 18.14 46.92
N1N NDP J . 11.48 16.77 46.95
C2N NDP J . 10.63 16.33 47.96
C3N NDP J . 10.11 15.09 47.95
C7N NDP J . 9.25 14.67 49.07
O7N NDP J . 8.77 13.53 49.04
N7N NDP J . 9.03 15.52 50.05
C4N NDP J . 10.36 14.11 46.85
C5N NDP J . 11.34 14.64 45.87
C6N NDP J . 11.83 15.86 45.93
P2B NDP J . 7.90 28.39 53.11
O1X NDP J . 6.81 27.36 53.48
O2X NDP J . 8.47 29.29 54.26
O3X NDP J . 7.54 29.29 51.93
CAV AEW K . 24.43 25.89 20.82
CAU AEW K . 24.05 24.75 19.89
CAT AEW K . 23.14 25.19 18.76
CAS AEW K . 22.20 24.13 18.25
CAR AEW K . 21.36 24.60 17.09
CAQ AEW K . 20.04 23.85 16.93
CAM AEW K . 18.84 24.73 17.12
CAH AEW K . 18.01 24.60 18.19
CAC AEW K . 16.87 25.43 18.35
OAA AEW K . 16.09 25.39 19.30
CAN AEW K . 18.57 25.70 16.11
CAI AEW K . 17.49 26.47 16.27
NAD AEW K . 16.66 26.36 17.35
CAE AEW K . 15.54 27.30 17.49
CAF AEW K . 15.98 28.55 18.21
CAG AEW K . 15.10 29.62 18.40
CAB AEW K . 13.72 29.60 17.84
CAJ AEW K . 17.28 28.61 18.70
CAO AEW K . 17.73 29.71 19.39
CAP AEW K . 16.88 30.79 19.61
CAK AEW K . 15.57 30.79 19.13
NAL AEW K . 14.75 31.87 19.38
PA NDP L . 12.28 28.91 12.51
O1A NDP L . 12.84 30.09 13.22
O2A NDP L . 11.98 28.97 11.00
O5B NDP L . 10.88 28.50 13.19
C5B NDP L . 10.53 28.93 14.52
C4B NDP L . 9.07 29.35 14.46
O4B NDP L . 8.59 29.72 15.77
C3B NDP L . 8.77 30.53 13.55
O3B NDP L . 7.80 30.18 12.58
C2B NDP L . 8.15 31.58 14.48
O2B NDP L . 7.07 32.30 13.87
C1B NDP L . 7.57 30.67 15.55
N9A NDP L . 7.22 31.34 16.79
C8A NDP L . 8.05 31.95 17.70
N7A NDP L . 7.44 32.48 18.73
C5A NDP L . 6.10 32.21 18.49
C6A NDP L . 4.93 32.49 19.21
N6A NDP L . 4.91 33.16 20.36
N1A NDP L . 3.75 32.07 18.70
C2A NDP L . 3.76 31.41 17.53
N3A NDP L . 4.81 31.08 16.75
C4A NDP L . 5.95 31.50 17.30
O3 NDP L . 13.47 27.87 12.77
PN NDP L . 13.23 26.29 13.10
O1N NDP L . 12.13 25.96 12.16
O2N NDP L . 14.60 25.60 13.08
O5D NDP L . 12.73 25.92 14.56
C5D NDP L . 11.56 25.09 14.57
C4D NDP L . 11.62 24.21 15.79
O4D NDP L . 12.66 23.23 15.65
C3D NDP L . 11.89 24.97 17.10
O3D NDP L . 11.09 24.48 18.16
C2D NDP L . 13.36 24.61 17.40
O2D NDP L . 13.55 24.61 18.79
C1D NDP L . 13.43 23.20 16.83
N1N NDP L . 14.79 22.70 16.52
C2N NDP L . 15.57 23.34 15.55
C3N NDP L . 16.81 22.91 15.27
C7N NDP L . 17.58 23.60 14.22
O7N NDP L . 18.74 23.22 14.00
N7N NDP L . 17.03 24.61 13.56
C4N NDP L . 17.44 21.76 15.97
C5N NDP L . 16.52 21.09 16.91
C6N NDP L . 15.30 21.54 17.16
P2B NDP L . 7.21 33.85 13.54
O1X NDP L . 8.65 34.24 13.05
O2X NDP L . 6.02 34.03 12.53
O3X NDP L . 6.82 34.44 14.90
S SO4 M . 1.66 -14.87 35.08
O1 SO4 M . 1.71 -13.69 35.94
O2 SO4 M . 2.76 -15.77 35.39
O3 SO4 M . 0.39 -15.56 35.31
O4 SO4 M . 1.72 -14.47 33.68
CAV AEW N . 8.46 -10.06 33.71
CAU AEW N . 8.54 -9.40 32.34
CAT AEW N . 8.02 -10.24 31.20
CAS AEW N . 8.23 -9.61 29.84
CAR AEW N . 7.75 -10.42 28.65
CAQ AEW N . 8.22 -9.86 27.33
CAM AEW N . 9.13 -10.79 26.57
CAH AEW N . 10.45 -10.53 26.37
CAC AEW N . 11.30 -11.43 25.66
OAA AEW N . 12.51 -11.27 25.44
CAN AEW N . 8.55 -11.98 26.04
CAI AEW N . 9.35 -12.82 25.37
NAD AEW N . 10.68 -12.58 25.17
CAE AEW N . 11.50 -13.58 24.47
CAF AEW N . 12.11 -14.58 25.43
CAG AEW N . 12.94 -15.60 24.94
CAB AEW N . 13.26 -15.70 23.48
CAJ AEW N . 11.84 -14.48 26.79
CAO AEW N . 12.38 -15.40 27.69
CAP AEW N . 13.20 -16.42 27.22
CAK AEW N . 13.49 -16.55 25.85
NAL AEW N . 14.28 -17.58 25.42
PA NDP O . 9.05 -16.29 19.08
O1A NDP O . 9.55 -17.19 20.15
O2A NDP O . 7.86 -16.70 18.18
O5B NDP O . 10.28 -16.08 18.06
C5B NDP O . 11.64 -16.33 18.50
C4B NDP O . 12.37 -16.89 17.30
O4B NDP O . 13.80 -16.90 17.52
C3B NDP O . 12.01 -18.33 16.93
O3B NDP O . 11.67 -18.41 15.56
C2B NDP O . 13.30 -19.11 17.19
O2B NDP O . 13.54 -20.24 16.32
C1B NDP O . 14.31 -18.03 16.87
N9A NDP O . 15.61 -18.39 17.41
C8A NDP O . 15.95 -18.59 18.72
N7A NDP O . 17.19 -18.99 18.89
C5A NDP O . 17.71 -19.03 17.61
C6A NDP O . 18.98 -19.35 17.10
N6A NDP O . 20.01 -19.73 17.85
N1A NDP O . 19.16 -19.27 15.76
C2A NDP O . 18.13 -18.90 14.99
N3A NDP O . 16.88 -18.57 15.35
C4A NDP O . 16.75 -18.65 16.68
O3 NDP O . 8.55 -15.06 20.02
PN NDP O . 9.01 -13.50 19.93
O1N NDP O . 8.59 -13.18 18.53
O2N NDP O . 8.43 -12.76 21.14
O5D NDP O . 10.55 -13.09 20.18
C5D NDP O . 11.21 -12.49 19.06
C4D NDP O . 12.15 -11.40 19.53
O4D NDP O . 11.40 -10.33 20.14
C3D NDP O . 13.19 -11.83 20.56
O3D NDP O . 14.45 -11.22 20.29
C2D NDP O . 12.60 -11.32 21.88
O2D NDP O . 13.59 -11.10 22.87
C1D NDP O . 11.96 -10.02 21.39
N1N NDP O . 10.92 -9.42 22.27
C2N NDP O . 9.72 -10.07 22.56
C3N NDP O . 8.81 -9.49 23.36
C7N NDP O . 7.56 -10.20 23.63
O7N NDP O . 6.75 -9.67 24.42
N7N NDP O . 7.36 -11.38 23.06
C4N NDP O . 9.01 -8.15 23.99
C5N NDP O . 10.26 -7.51 23.56
C6N NDP O . 11.14 -8.11 22.77
P2B NDP O . 12.99 -21.74 16.61
O1X NDP O . 11.87 -21.81 17.70
O2X NDP O . 12.58 -22.14 15.15
O3X NDP O . 14.31 -22.46 16.95
CAV AEW P . 38.58 4.19 23.11
CAU AEW P . 38.27 4.98 24.38
CAT AEW P . 39.20 4.68 25.54
CAS AEW P . 38.60 4.92 26.90
CAR AEW P . 39.55 4.60 28.03
CAQ AEW P . 38.86 4.13 29.29
CAM AEW P . 39.18 2.70 29.64
CAH AEW P . 38.20 1.79 29.85
CAC AEW P . 38.48 0.46 30.26
OAA AEW P . 37.63 -0.39 30.52
CAN AEW P . 40.56 2.33 29.79
CAI AEW P . 40.82 1.07 30.18
NAD AEW P . 39.83 0.15 30.41
CAE AEW P . 40.21 -1.20 30.86
CAF AEW P . 40.38 -2.16 29.70
CAG AEW P . 40.85 -3.46 29.92
CAB AEW P . 41.19 -3.93 31.32
CAJ AEW P . 40.04 -1.76 28.41
CAO AEW P . 40.17 -2.63 27.35
CAP AEW P . 40.65 -3.91 27.53
CAK AEW P . 41.01 -4.36 28.81
NAL AEW P . 41.50 -5.64 28.97
PA NDP Q . 44.09 -2.61 35.84
O1A NDP Q . 44.35 -3.34 34.57
O2A NDP Q . 45.21 -2.34 36.84
O5B NDP Q . 43.08 -3.50 36.71
C5B NDP Q . 42.27 -4.48 36.05
C4B NDP Q . 42.47 -5.76 36.83
O4B NDP Q . 41.64 -6.83 36.29
C3B NDP Q . 43.89 -6.30 36.83
O3B NDP Q . 44.30 -6.53 38.17
C2B NDP Q . 43.79 -7.62 36.08
O2B NDP Q . 44.70 -8.59 36.63
C1B NDP Q . 42.37 -8.01 36.46
N9A NDP Q . 41.72 -9.12 35.78
C8A NDP Q . 41.48 -9.28 34.43
N7A NDP Q . 40.88 -10.40 34.12
C5A NDP Q . 40.70 -11.02 35.35
C6A NDP Q . 40.11 -12.24 35.70
N6A NDP Q . 39.52 -13.07 34.84
N1A NDP Q . 40.10 -12.58 37.02
C2A NDP Q . 40.65 -11.74 37.90
N3A NDP Q . 41.23 -10.55 37.67
C4A NDP Q . 41.22 -10.25 36.37
O3 NDP Q . 43.53 -1.21 35.25
PN NDP Q . 42.15 -0.44 35.65
O1N NDP Q . 42.39 -0.32 37.11
O2N NDP Q . 42.02 0.78 34.73
O5D NDP Q . 40.72 -1.13 35.30
C5D NDP Q . 39.94 -1.58 36.41
C4D NDP Q . 38.46 -1.45 36.12
O4D NDP Q . 38.14 -0.08 35.77
C3D NDP Q . 37.94 -2.31 34.98
O3D NDP Q . 36.62 -2.76 35.30
C2D NDP Q . 37.90 -1.31 33.80
O2D NDP Q . 36.95 -1.65 32.81
C1D NDP Q . 37.43 -0.08 34.55
N1N NDP Q . 37.57 1.21 33.82
C2N NDP Q . 38.82 1.75 33.52
C3N NDP Q . 38.95 2.92 32.88
C7N NDP Q . 40.32 3.42 32.58
O7N NDP Q . 40.43 4.50 31.96
N7N NDP Q . 41.38 2.71 32.95
C4N NDP Q . 37.78 3.73 32.46
C5N NDP Q . 36.49 3.05 32.75
C6N NDP Q . 36.40 1.90 33.39
P2B NDP Q . 46.05 -9.02 35.94
O1X NDP Q . 46.74 -7.99 35.08
O2X NDP Q . 46.81 -9.44 37.24
O3X NDP Q . 45.57 -10.24 35.18
CAV AEW R . -3.00 -18.70 -40.23
CAU AEW R . -4.37 -19.12 -40.69
CAT AEW R . -5.07 -18.04 -41.47
CAS AEW R . -6.53 -18.32 -41.83
CAR AEW R . -6.73 -18.98 -43.17
CAQ AEW R . -7.94 -18.41 -43.93
CAM AEW R . -7.55 -17.49 -45.07
CAH AEW R . -7.88 -16.18 -45.07
CAC AEW R . -7.51 -15.30 -46.13
OAA AEW R . -7.78 -14.11 -46.18
CAN AEW R . -6.79 -18.04 -46.15
CAI AEW R . -6.43 -17.21 -47.15
NAD AEW R . -6.77 -15.88 -47.15
CAE AEW R . -6.35 -15.05 -48.29
CAF AEW R . -4.91 -14.62 -48.20
CAG AEW R . -4.36 -13.84 -49.24
CAB AEW R . -5.18 -13.47 -50.44
CAJ AEW R . -4.13 -14.94 -47.09
CAO AEW R . -2.82 -14.50 -46.99
CAP AEW R . -2.26 -13.74 -48.00
CAK AEW R . -2.99 -13.39 -49.13
NAL AEW R . -2.40 -12.66 -50.14
PA NDP S . -7.75 -16.48 -54.26
O1A NDP S . -6.30 -16.26 -54.10
O2A NDP S . -8.30 -17.31 -55.43
O5B NDP S . -8.50 -15.09 -54.44
C5B NDP S . -7.85 -13.84 -54.13
C4B NDP S . -7.95 -13.02 -55.39
O4B NDP S . -7.48 -11.67 -55.18
C3B NDP S . -7.15 -13.57 -56.56
O3B NDP S . -7.98 -13.79 -57.69
C2B NDP S . -6.15 -12.45 -56.87
O2B NDP S . -5.82 -12.32 -58.28
C1B NDP S . -6.93 -11.23 -56.39
N9A NDP S . -6.12 -10.04 -56.19
C8A NDP S . -5.17 -9.82 -55.22
N7A NDP S . -4.65 -8.61 -55.26
C5A NDP S . -5.29 -8.01 -56.33
C6A NDP S . -5.20 -6.72 -56.89
N6A NDP S . -4.39 -5.77 -56.42
N1A NDP S . -5.98 -6.44 -57.95
C2A NDP S . -6.81 -7.38 -58.42
N3A NDP S . -6.98 -8.64 -57.96
C4A NDP S . -6.19 -8.88 -56.92
O3 NDP S . -8.07 -17.23 -52.87
PN NDP S . -9.33 -16.81 -51.95
O1N NDP S . -10.43 -17.11 -52.89
O2N NDP S . -9.19 -17.56 -50.62
O5D NDP S . -9.41 -15.29 -51.45
C5D NDP S . -10.67 -14.65 -51.78
C4D NDP S . -11.15 -13.85 -50.60
O4D NDP S . -11.62 -14.72 -49.53
C3D NDP S . -10.12 -12.92 -49.97
O3D NDP S . -10.68 -11.64 -49.77
C2D NDP S . -9.77 -13.61 -48.64
O2D NDP S . -9.35 -12.70 -47.65
C1D NDP S . -11.13 -14.23 -48.31
N1N NDP S . -11.11 -15.32 -47.32
C2N NDP S . -10.49 -16.53 -47.63
C3N NDP S . -10.44 -17.54 -46.75
C7N NDP S . -9.78 -18.79 -47.17
O7N NDP S . -9.70 -19.70 -46.34
N7N NDP S . -9.27 -18.89 -48.40
C4N NDP S . -11.03 -17.44 -45.36
C5N NDP S . -11.71 -16.14 -45.15
C6N NDP S . -11.73 -15.18 -46.05
P2B NDP S . -4.43 -12.86 -58.81
O1X NDP S . -3.86 -14.09 -58.09
O2X NDP S . -4.85 -13.10 -60.27
O3X NDP S . -3.56 -11.59 -58.73
CAV AEW T . -16.79 12.51 -36.24
CAU AEW T . -17.20 12.17 -34.83
CAT AEW T . -16.39 12.89 -33.79
CAS AEW T . -15.59 11.98 -32.89
CAR AEW T . -15.25 12.59 -31.54
CAQ AEW T . -14.14 11.84 -30.83
CAM AEW T . -12.78 12.12 -31.41
CAH AEW T . -12.10 11.18 -32.11
CAC AEW T . -10.79 11.42 -32.61
OAA AEW T . -10.12 10.60 -33.25
CAN AEW T . -12.19 13.40 -31.17
CAI AEW T . -10.96 13.62 -31.64
NAD AEW T . -10.25 12.66 -32.33
CAE AEW T . -8.89 12.98 -32.79
CAF AEW T . -8.83 13.33 -34.24
CAG AEW T . -7.59 13.61 -34.85
CAB AEW T . -6.32 13.60 -34.05
CAJ AEW T . -10.00 13.38 -35.00
CAO AEW T . -9.95 13.68 -36.34
CAP AEW T . -8.74 13.95 -36.97
CAK AEW T . -7.54 13.92 -36.26
NAL AEW T . -6.35 14.19 -36.90
PA NDP U . -4.53 16.04 -29.67
O1A NDP U . -4.75 16.43 -31.08
O2A NDP U . -4.00 17.00 -28.63
O5B NDP U . -3.48 14.84 -29.67
C5B NDP U . -3.13 14.16 -30.90
C4B NDP U . -1.62 14.22 -30.94
O4B NDP U . -1.10 13.44 -32.05
C3B NDP U . -1.05 15.62 -31.10
O3B NDP U . -0.25 15.98 -29.98
C2B NDP U . -0.18 15.53 -32.36
O2B NDP U . 1.02 16.31 -32.24
C1B NDP U . 0.12 14.04 -32.41
N9A NDP U . 0.52 13.59 -33.74
C8A NDP U . -0.18 13.71 -34.91
N7A NDP U . 0.45 13.26 -35.97
C5A NDP U . 1.65 12.81 -35.45
C6A NDP U . 2.77 12.20 -36.06
N6A NDP U . 2.89 12.01 -37.38
N1A NDP U . 3.81 11.83 -35.26
C2A NDP U . 3.72 12.08 -33.94
N3A NDP U . 2.71 12.65 -33.27
C4A NDP U . 1.70 12.99 -34.08
O3 NDP U . -6.04 15.67 -29.23
PN NDP U . -6.44 14.26 -28.55
O1N NDP U . -5.59 14.33 -27.33
O2N NDP U . -7.97 14.20 -28.47
O5D NDP U . -6.15 12.94 -29.39
C5D NDP U . -5.36 11.94 -28.70
C4D NDP U . -5.78 10.54 -29.11
O4D NDP U . -7.03 10.20 -28.48
C3D NDP U . -5.97 10.33 -30.60
O3D NDP U . -5.43 9.05 -30.93
C2D NDP U . -7.51 10.34 -30.76
O2D NDP U . -7.94 9.60 -31.88
C1D NDP U . -7.90 9.66 -29.46
N1N NDP U . -9.30 9.89 -29.03
C2N NDP U . -9.76 11.20 -28.91
C3N NDP U . -11.02 11.48 -28.51
C7N NDP U . -11.39 12.92 -28.37
O7N NDP U . -12.53 13.23 -27.98
N7N NDP U . -10.46 13.82 -28.67
C4N NDP U . -12.00 10.38 -28.21
C5N NDP U . -11.41 9.03 -28.35
C6N NDP U . -10.16 8.81 -28.73
P2B NDP U . 1.12 17.77 -32.91
O1X NDP U . -0.02 18.76 -32.54
O2X NDP U . 2.59 18.12 -32.43
O3X NDP U . 1.11 17.38 -34.41
CAV AEW V . -16.26 -26.27 -18.80
CAU AEW V . -15.60 -25.03 -18.19
CAT AEW V . -16.51 -24.26 -17.26
CAS AEW V . -15.97 -22.91 -16.77
CAR AEW V . -14.77 -22.97 -15.83
CAQ AEW V . -14.60 -21.69 -15.02
CAM AEW V . -15.68 -21.50 -13.98
CAH AEW V . -16.88 -20.95 -14.28
CAC AEW V . -17.90 -20.81 -13.30
OAA AEW V . -19.01 -20.32 -13.50
CAN AEW V . -15.40 -21.96 -12.67
CAI AEW V . -16.36 -21.83 -11.75
NAD AEW V . -17.59 -21.29 -12.04
CAE AEW V . -18.60 -21.23 -10.98
CAF AEW V . -19.47 -22.47 -10.97
CAG AEW V . -20.54 -22.56 -10.07
CAB AEW V . -20.80 -21.48 -9.07
CAJ AEW V . -19.22 -23.49 -11.88
CAO AEW V . -20.03 -24.62 -11.91
CAP AEW V . -21.10 -24.73 -11.04
CAK AEW V . -21.37 -23.73 -10.11
NAL AEW V . -22.45 -23.86 -9.25
PA NDP W . -16.64 -20.42 -4.92
O1A NDP W . -17.32 -21.74 -5.09
O2A NDP W . -15.58 -20.22 -3.84
O5B NDP W . -17.74 -19.25 -4.67
C5B NDP W . -19.14 -19.35 -5.02
C4B NDP W . -19.90 -18.89 -3.80
O4B NDP W . -21.30 -18.69 -4.08
C3B NDP W . -19.84 -19.85 -2.61
O3B NDP W . -19.33 -19.18 -1.47
C2B NDP W . -21.30 -20.23 -2.37
O2B NDP W . -21.58 -20.43 -0.97
C1B NDP W . -21.99 -18.97 -2.89
N9A NDP W . -23.42 -19.14 -3.16
C8A NDP W . -24.01 -20.02 -4.01
N7A NDP W . -25.32 -19.92 -4.07
C5A NDP W . -25.60 -18.88 -3.19
C6A NDP W . -26.81 -18.28 -2.80
N6A NDP W . -28.00 -18.62 -3.28
N1A NDP W . -26.74 -17.27 -1.90
C2A NDP W . -25.54 -16.91 -1.42
N3A NDP W . -24.34 -17.40 -1.73
C4A NDP W . -24.44 -18.39 -2.62
O3 NDP W . -15.90 -20.38 -6.35
PN NDP W . -15.93 -19.12 -7.40
O1N NDP W . -15.27 -18.12 -6.52
O2N NDP W . -15.30 -19.59 -8.70
O5D NDP W . -17.32 -18.56 -7.99
C5D NDP W . -17.55 -17.16 -7.77
C4D NDP W . -18.02 -16.48 -9.04
O4D NDP W . -16.95 -16.46 -10.01
C3D NDP W . -19.22 -17.14 -9.73
O3D NDP W . -20.18 -16.17 -10.09
C2D NDP W . -18.58 -17.80 -10.97
O2D NDP W . -19.46 -17.89 -12.07
C1D NDP W . -17.48 -16.80 -11.27
N1N NDP W . -16.40 -17.28 -12.15
C2N NDP W . -15.54 -18.30 -11.73
C3N NDP W . -14.55 -18.74 -12.54
C7N NDP W . -13.59 -19.75 -12.01
O7N NDP W . -12.67 -20.13 -12.74
N7N NDP W . -13.77 -20.23 -10.78
C4N NDP W . -14.35 -18.19 -13.92
C5N NDP W . -15.27 -17.07 -14.23
C6N NDP W . -16.22 -16.66 -13.41
P2B NDP W . -21.43 -21.86 -0.27
O1X NDP W . -20.21 -22.71 -0.66
O2X NDP W . -21.43 -21.45 1.20
O3X NDP W . -22.80 -22.45 -0.64
PA NDP X . -46.80 -11.65 -31.14
O1A NDP X . -47.35 -10.94 -29.95
O2A NDP X . -47.69 -12.42 -32.12
O5B NDP X . -45.77 -12.81 -30.66
C5B NDP X . -45.79 -13.42 -29.35
C4B NDP X . -46.55 -14.72 -29.44
O4B NDP X . -46.13 -15.61 -28.38
C3B NDP X . -48.06 -14.59 -29.31
O3B NDP X . -48.71 -15.23 -30.40
C2B NDP X . -48.38 -15.27 -27.98
O2B NDP X . -49.66 -15.93 -27.93
C1B NDP X . -47.27 -16.31 -27.91
N9A NDP X . -47.02 -16.77 -26.56
C8A NDP X . -46.79 -16.00 -25.43
N7A NDP X . -46.55 -16.70 -24.36
C5A NDP X . -46.61 -18.02 -24.78
C6A NDP X . -46.44 -19.24 -24.12
N6A NDP X . -46.11 -19.36 -22.83
N1A NDP X . -46.60 -20.38 -24.84
C2A NDP X . -46.91 -20.28 -26.14
N3A NDP X . -47.08 -19.17 -26.88
C4A NDP X . -46.92 -18.06 -26.13
O3 NDP X . -46.18 -10.36 -31.90
PN NDP X . -44.60 -10.21 -32.30
O1N NDP X . -44.75 -10.74 -33.68
O2N NDP X . -44.14 -8.77 -32.04
O5D NDP X . -43.47 -10.98 -31.41
C5D NDP X . -42.92 -12.21 -31.92
C4D NDP X . -41.47 -12.35 -31.50
O4D NDP X . -40.67 -11.32 -32.13
C3D NDP X . -41.18 -12.27 -30.00
O3D NDP X . -40.27 -13.28 -29.60
C2D NDP X . -40.54 -10.87 -29.85
O2D NDP X . -39.62 -10.86 -28.77
C1D NDP X . -39.80 -10.76 -31.17
N1N NDP X . -39.42 -9.38 -31.57
C2N NDP X . -40.41 -8.38 -31.68
C3N NDP X . -40.10 -7.12 -32.04
C7N NDP X . -41.24 -6.15 -32.19
O7N NDP X . -41.03 -4.99 -32.60
N7N NDP X . -42.47 -6.57 -31.91
C4N NDP X . -38.69 -6.70 -32.33
C5N NDP X . -37.73 -7.82 -32.19
C6N NDP X . -38.07 -9.04 -31.84
P2B NDP X . -50.99 -15.19 -27.39
O1X NDP X . -50.77 -13.79 -26.86
O2X NDP X . -51.89 -15.21 -28.66
O3X NDP X . -51.46 -16.23 -26.35
#